data_6DW0
#
_entry.id   6DW0
#
_cell.length_a   1
_cell.length_b   1
_cell.length_c   1
_cell.angle_alpha   90
_cell.angle_beta   90
_cell.angle_gamma   90
#
_symmetry.space_group_name_H-M   'P 1'
#
loop_
_entity.id
_entity.type
_entity.pdbx_description
1 polymer 'Gamma-aminobutyric acid receptor subunit gamma-2'
2 polymer 'Gamma-aminobutyric acid receptor subunit alpha-1,Gamma-aminobutyric acid receptor subunit alpha-1'
3 polymer 'Gamma-aminobutyric acid receptor subunit beta-1,Gamma-aminobutyric acid receptor subunit beta-1'
4 branched alpha-D-mannopyranose-(1-3)-beta-D-mannopyranose-(1-4)-2-acetamido-2-deoxy-beta-D-glucopyranose-(1-4)-2-acetamido-2-deoxy-beta-D-glucopyranose
5 branched alpha-D-mannopyranose-(1-2)-alpha-D-mannopyranose-(1-3)-[alpha-D-mannopyranose-(1-3)-alpha-D-mannopyranose-(1-6)]beta-D-mannopyranose-(1-4)-2-acetamido-2-deoxy-beta-D-glucopyranose-(1-4)-2-acetamido-2-deoxy-beta-D-glucopyranose
6 branched beta-D-mannopyranose-(1-4)-2-acetamido-2-deoxy-beta-D-glucopyranose-(1-4)-2-acetamido-2-deoxy-beta-D-glucopyranose
7 branched 2-acetamido-2-deoxy-beta-D-glucopyranose-(1-4)-2-acetamido-2-deoxy-beta-D-glucopyranose
8 non-polymer 'GAMMA-AMINO-BUTANOIC ACID'
#
loop_
_entity_poly.entity_id
_entity_poly.type
_entity_poly.pdbx_seq_one_letter_code
_entity_poly.pdbx_strand_id
1 'polypeptide(L)'
;MSSPNTWSTGSTVYSPVFSQKMTLWILLLLSLYPGFTSQKSDDDYEDYASNKTWVLTPKVPEGDVTVILNNLLEGYDNKL
RPDIGVKPTLIHTDMYVNSIGPVNAINMEYTIDIFFAQTWYDRRLKFNSTIKVLRLNSNMVGKIWIPDTFFRNSKKADAH
WITTPNRMLRIWNDGRVLYTLRLTIDAECQLQLHNFPMDEHSCPLEFSSYGYPREEIVYQWKRSSVEVGDTRSWRLYQFS
FVGLRNTTEVVKTTSGDYVVMSVYFDLSRRMGYFTIQTYIPCTLIVVLSWVSFWINKDAVPARTSLGITTVLTMTTLSTI
ARKSLPKVSYVTAMDLFVSVCFIFVFSALVEYGTLHYFVSNRKPSKDKDKKKKNPAPTIDIRPRSATIQMNNATHLQERD
EEYGYECLDGKDCASFFCCFEDCRTGAWRHGRIHIRIAKMDSYARIFFPTAFCLFNLVYWVSYLYLLVPRGSRHHHHHHH
HTETSQVAPA
;
D
2 'polypeptide(L)'
;MKKSRGLSDYLWAWTLILSTLSGRSYGQPSQDELKDNTTVFTRILDRLLDGYDNRLRPGLGERVTEVKTDIFVTSFGPVS
DHDMEYTIDVFFRQSWKDERLKFKGPMTVLRLNNLMASKIWTPDTFFHNGKKSVAHNMTMPNKLLRITEDGTLLYTMRLT
VRAECPMHLEDFPMDAHACPLKFGSYAYTRAEVVYEWTREPARSVVVAEDGSRLNQYDLLGQTVDSGIVQSSTGEYVVMT
THFHLKRKIGYFVIQTYLPCIMTVILSQVSFWLNRESVPARTVFGVTTVLTMTTLSISARNSLPKVAYATAMDWFIAVCY
AFVFSALIEFATVNYFTKRGTKKTFNSVSKIDRLSRIAFPLLFGIFNLVYWATYLNREPQLKAPTPHQLVPRGSHHHHHH
HH
;
C,A
3 'polypeptide(L)'
;MWTVQNRESLGLLSFPVMVAMVCCAHSSNEPSNMSYVKETVDRLLKGYDIRLRPDFGGPPVDVGMRIDVASIDMVSEVNM
DYTLTMYFQQSWKDKRLSYSGIPLNLTLDNRVADQLWVPDTYFLNDKKSFVHGVTVKNRMIRLHPDGTVLYGLRITTTAA
CMMDLRRYPLDEQNCTLEIESYGYTTDDIEFYWNGGEGAVTGVNKIELPQFSIVDYKMVSKKVEFTTGAYPRLSLSFRLK
RNIGYFILQTYMPSTLITILSWVSFWINYDASAARVALGITTVLTMTTISTHLRETLPKIPYVKAIDIYLMGCFVFVFLA
LLEYAFVNYIFFGGTIPDLTDVNSIDKWSRMFFPITFSLFNVVYWLYYVHLVPRGSHHHHHHHH
;
E,B
#
loop_
_chem_comp.id
_chem_comp.type
_chem_comp.name
_chem_comp.formula
ABU non-polymer 'GAMMA-AMINO-BUTANOIC ACID' 'C4 H9 N O2'
BMA D-saccharide, beta linking beta-D-mannopyranose 'C6 H12 O6'
MAN D-saccharide, alpha linking alpha-D-mannopyranose 'C6 H12 O6'
NAG D-saccharide, beta linking 2-acetamido-2-deoxy-beta-D-glucopyranose 'C8 H15 N O6'
#
# COMPACT_ATOMS: atom_id res chain seq x y z
N GLY A 63 -17.31 46.48 -6.19
CA GLY A 63 -16.24 46.56 -5.21
C GLY A 63 -16.73 46.88 -3.81
N ASP A 64 -18.05 46.83 -3.63
CA ASP A 64 -18.64 47.11 -2.33
C ASP A 64 -18.33 46.01 -1.32
N VAL A 65 -18.40 44.75 -1.77
CA VAL A 65 -18.13 43.62 -0.89
C VAL A 65 -16.65 43.55 -0.55
N THR A 66 -15.79 44.05 -1.45
CA THR A 66 -14.38 44.22 -1.14
C THR A 66 -14.18 45.17 0.03
N VAL A 67 -14.97 46.25 0.10
CA VAL A 67 -14.89 47.16 1.23
C VAL A 67 -15.45 46.51 2.49
N ILE A 68 -16.58 45.81 2.36
CA ILE A 68 -17.30 45.25 3.51
C ILE A 68 -16.49 44.15 4.17
N LEU A 69 -15.96 43.21 3.38
CA LEU A 69 -15.24 42.08 3.92
C LEU A 69 -13.89 42.51 4.49
N ASN A 70 -13.23 43.49 3.86
CA ASN A 70 -11.98 43.98 4.43
C ASN A 70 -12.22 44.81 5.68
N ASN A 71 -13.41 45.38 5.84
CA ASN A 71 -13.78 45.95 7.13
C ASN A 71 -14.03 44.89 8.18
N LEU A 72 -14.30 43.65 7.77
CA LEU A 72 -14.49 42.54 8.69
C LEU A 72 -13.20 41.78 8.99
N LEU A 73 -12.05 42.45 8.89
CA LEU A 73 -10.77 41.81 9.11
C LEU A 73 -9.98 42.39 10.27
N GLU A 74 -9.92 43.71 10.40
CA GLU A 74 -9.15 44.31 11.47
C GLU A 74 -9.90 44.16 12.79
N GLY A 75 -9.13 43.99 13.87
CA GLY A 75 -9.71 43.80 15.19
C GLY A 75 -10.42 42.49 15.40
N TYR A 76 -10.27 41.53 14.48
CA TYR A 76 -10.93 40.23 14.59
C TYR A 76 -9.85 39.16 14.59
N ASP A 77 -9.56 38.61 15.78
CA ASP A 77 -8.59 37.53 15.90
C ASP A 77 -9.18 36.25 15.35
N ASN A 78 -8.45 35.59 14.47
CA ASN A 78 -8.88 34.33 13.90
C ASN A 78 -8.48 33.13 14.75
N LYS A 79 -7.95 33.37 15.96
CA LYS A 79 -7.50 32.31 16.83
C LYS A 79 -8.26 32.31 18.15
N LEU A 80 -9.47 32.86 18.16
CA LEU A 80 -10.32 32.91 19.33
C LEU A 80 -11.74 32.50 18.97
N ARG A 81 -12.40 31.82 19.89
CA ARG A 81 -13.82 31.64 19.70
C ARG A 81 -14.53 32.96 20.01
N PRO A 82 -15.68 33.22 19.39
CA PRO A 82 -16.34 34.52 19.59
C PRO A 82 -16.90 34.73 20.99
N ASP A 83 -17.66 33.77 21.51
CA ASP A 83 -18.38 33.97 22.77
C ASP A 83 -17.57 33.38 23.91
N ILE A 84 -16.50 34.10 24.28
CA ILE A 84 -15.67 33.71 25.42
C ILE A 84 -16.42 33.94 26.72
N GLY A 85 -17.43 34.81 26.72
CA GLY A 85 -18.17 35.13 27.92
C GLY A 85 -19.19 34.09 28.33
N VAL A 86 -20.38 34.55 28.71
CA VAL A 86 -21.38 33.67 29.30
C VAL A 86 -22.01 32.72 28.30
N LYS A 87 -21.92 33.02 27.01
CA LYS A 87 -22.53 32.14 26.02
C LYS A 87 -21.62 30.95 25.76
N PRO A 88 -22.14 29.72 25.79
CA PRO A 88 -21.31 28.54 25.55
C PRO A 88 -21.10 28.17 24.09
N THR A 89 -21.50 29.05 23.16
CA THR A 89 -21.27 28.94 21.71
C THR A 89 -21.89 27.63 21.16
N LEU A 90 -23.22 27.62 21.18
CA LEU A 90 -23.95 26.50 20.61
C LEU A 90 -23.79 26.49 19.09
N ILE A 91 -23.67 25.30 18.52
CA ILE A 91 -23.38 25.10 17.11
C ILE A 91 -24.31 24.01 16.58
N HIS A 92 -25.08 24.33 15.55
CA HIS A 92 -25.90 23.33 14.90
C HIS A 92 -25.08 22.62 13.83
N THR A 93 -25.46 21.39 13.52
CA THR A 93 -24.73 20.63 12.53
C THR A 93 -25.64 19.64 11.84
N ASP A 94 -25.18 19.16 10.68
CA ASP A 94 -25.90 18.16 9.90
C ASP A 94 -24.91 17.48 8.97
N MET A 95 -25.38 16.43 8.31
CA MET A 95 -24.58 15.78 7.29
C MET A 95 -25.49 15.10 6.29
N TYR A 96 -24.98 14.94 5.07
CA TYR A 96 -25.67 14.25 3.99
C TYR A 96 -24.79 13.08 3.57
N VAL A 97 -25.24 11.86 3.84
CA VAL A 97 -24.47 10.67 3.55
C VAL A 97 -24.51 10.40 2.05
N ASN A 98 -23.36 10.52 1.40
CA ASN A 98 -23.28 10.28 -0.03
C ASN A 98 -23.11 8.80 -0.34
N SER A 99 -22.23 8.12 0.39
CA SER A 99 -22.04 6.69 0.18
C SER A 99 -21.50 6.06 1.46
N ILE A 100 -21.80 4.78 1.64
CA ILE A 100 -21.27 3.98 2.75
C ILE A 100 -20.59 2.79 2.10
N GLY A 101 -19.26 2.81 2.05
CA GLY A 101 -18.51 1.82 1.32
C GLY A 101 -18.46 0.45 1.99
N PRO A 102 -17.54 -0.40 1.54
CA PRO A 102 -17.56 -1.81 1.97
C PRO A 102 -17.10 -1.97 3.40
N VAL A 103 -17.81 -2.82 4.14
CA VAL A 103 -17.40 -3.24 5.47
C VAL A 103 -16.45 -4.41 5.27
N ASN A 104 -15.15 -4.13 5.28
CA ASN A 104 -14.17 -5.16 4.90
C ASN A 104 -14.02 -6.23 5.97
N ALA A 105 -14.21 -5.85 7.24
CA ALA A 105 -14.24 -6.73 8.42
C ALA A 105 -12.89 -7.41 8.72
N ILE A 106 -11.86 -7.17 7.91
CA ILE A 106 -10.51 -7.63 8.25
C ILE A 106 -9.87 -6.68 9.25
N ASN A 107 -10.03 -5.38 9.01
CA ASN A 107 -9.73 -4.37 10.00
C ASN A 107 -10.96 -3.99 10.83
N MET A 108 -12.09 -4.67 10.59
CA MET A 108 -13.38 -4.43 11.23
C MET A 108 -13.84 -2.98 11.06
N GLU A 109 -13.55 -2.42 9.88
CA GLU A 109 -13.82 -1.03 9.60
C GLU A 109 -14.63 -0.90 8.32
N TYR A 110 -15.18 0.29 8.13
CA TYR A 110 -16.00 0.59 6.96
C TYR A 110 -15.77 2.04 6.55
N THR A 111 -15.76 2.29 5.25
CA THR A 111 -15.59 3.64 4.75
C THR A 111 -16.93 4.26 4.40
N ILE A 112 -16.99 5.58 4.49
CA ILE A 112 -18.22 6.34 4.35
C ILE A 112 -17.89 7.76 3.91
N ASP A 113 -18.63 8.24 2.92
CA ASP A 113 -18.48 9.59 2.37
C ASP A 113 -19.67 10.41 2.82
N ILE A 114 -19.42 11.58 3.42
CA ILE A 114 -20.50 12.46 3.85
C ILE A 114 -20.21 13.89 3.41
N PHE A 115 -21.26 14.69 3.41
CA PHE A 115 -21.19 16.15 3.31
C PHE A 115 -21.49 16.65 4.71
N PHE A 116 -20.46 17.08 5.44
CA PHE A 116 -20.63 17.45 6.83
C PHE A 116 -20.66 18.96 6.97
N ALA A 117 -21.68 19.49 7.65
CA ALA A 117 -21.93 20.91 7.70
C ALA A 117 -22.19 21.39 9.12
N GLN A 118 -21.75 22.62 9.38
CA GLN A 118 -21.79 23.26 10.69
C GLN A 118 -22.36 24.67 10.54
N THR A 119 -22.93 25.17 11.63
CA THR A 119 -23.60 26.46 11.63
C THR A 119 -23.46 27.07 13.01
N TRP A 120 -22.97 28.30 13.09
CA TRP A 120 -22.88 28.97 14.38
C TRP A 120 -23.15 30.46 14.21
N TYR A 121 -22.90 31.21 15.28
CA TYR A 121 -23.18 32.64 15.30
C TYR A 121 -21.93 33.42 15.71
N ASP A 122 -22.01 34.74 15.54
CA ASP A 122 -20.90 35.62 15.88
C ASP A 122 -21.44 37.02 16.12
N ARG A 123 -20.99 37.64 17.21
CA ARG A 123 -21.23 39.05 17.45
C ARG A 123 -20.15 39.93 16.87
N ARG A 124 -19.22 39.36 16.10
CA ARG A 124 -18.13 40.11 15.50
C ARG A 124 -18.15 40.07 13.98
N LEU A 125 -19.21 39.54 13.37
CA LEU A 125 -19.34 39.53 11.93
C LEU A 125 -20.70 40.02 11.45
N LYS A 126 -21.40 40.80 12.26
CA LYS A 126 -22.63 41.46 11.81
C LYS A 126 -22.26 42.60 10.88
N PHE A 127 -22.86 42.64 9.70
CA PHE A 127 -22.55 43.72 8.76
C PHE A 127 -23.82 44.44 8.31
N ASN A 128 -23.69 45.31 7.31
CA ASN A 128 -24.74 46.26 6.97
C ASN A 128 -25.78 45.57 6.05
N SER A 129 -26.69 46.35 5.50
CA SER A 129 -27.78 45.85 4.68
C SER A 129 -27.34 45.67 3.22
N THR A 130 -28.31 45.51 2.33
CA THR A 130 -28.19 45.36 0.88
C THR A 130 -27.41 44.10 0.46
N ILE A 131 -27.13 43.19 1.39
CA ILE A 131 -26.59 41.88 1.06
C ILE A 131 -27.14 40.89 2.07
N LYS A 132 -27.97 39.96 1.62
CA LYS A 132 -28.58 39.01 2.54
C LYS A 132 -27.56 37.97 3.00
N VAL A 133 -26.89 37.32 2.06
CA VAL A 133 -25.81 36.39 2.38
C VAL A 133 -24.79 36.47 1.25
N LEU A 134 -23.52 36.39 1.62
CA LEU A 134 -22.44 36.39 0.65
C LEU A 134 -21.79 35.01 0.60
N ARG A 135 -21.55 34.53 -0.61
CA ARG A 135 -20.98 33.21 -0.83
C ARG A 135 -19.47 33.33 -0.81
N LEU A 136 -18.81 32.40 -0.15
CA LEU A 136 -17.35 32.44 -0.09
C LEU A 136 -16.76 31.18 -0.70
N ASN A 137 -15.54 31.34 -1.19
CA ASN A 137 -14.75 30.26 -1.76
C ASN A 137 -14.03 29.55 -0.60
N SER A 138 -13.05 28.71 -0.91
CA SER A 138 -12.25 28.04 0.11
C SER A 138 -11.05 28.86 0.55
N ASN A 139 -11.08 30.18 0.35
CA ASN A 139 -9.94 31.04 0.64
C ASN A 139 -10.14 31.92 1.86
N MET A 140 -11.36 32.03 2.38
CA MET A 140 -11.62 32.81 3.57
C MET A 140 -11.71 31.94 4.82
N VAL A 141 -11.59 30.62 4.68
CA VAL A 141 -11.69 29.73 5.82
C VAL A 141 -10.46 29.87 6.74
N GLY A 142 -9.29 30.14 6.18
CA GLY A 142 -8.12 30.35 7.01
C GLY A 142 -8.10 31.68 7.71
N LYS A 143 -8.85 32.66 7.19
CA LYS A 143 -8.89 34.00 7.77
C LYS A 143 -10.17 34.22 8.58
N ILE A 144 -10.85 33.15 8.96
CA ILE A 144 -12.05 33.19 9.80
C ILE A 144 -11.93 32.06 10.81
N TRP A 145 -12.31 32.31 12.06
CA TRP A 145 -12.31 31.26 13.07
C TRP A 145 -13.27 30.14 12.71
N ILE A 146 -12.78 28.92 12.82
CA ILE A 146 -13.55 27.72 12.53
C ILE A 146 -13.49 26.83 13.77
N PRO A 147 -14.62 26.34 14.28
CA PRO A 147 -14.58 25.41 15.40
C PRO A 147 -14.00 24.07 14.99
N ASP A 148 -13.49 23.37 16.00
CA ASP A 148 -12.87 22.08 15.81
C ASP A 148 -13.93 20.98 15.69
N THR A 149 -13.63 19.97 14.89
CA THR A 149 -14.43 18.75 14.87
C THR A 149 -13.49 17.60 14.55
N PHE A 150 -13.54 16.53 15.33
CA PHE A 150 -12.68 15.39 15.09
C PHE A 150 -13.48 14.13 15.31
N PHE A 151 -13.15 13.09 14.56
CA PHE A 151 -13.90 11.85 14.60
C PHE A 151 -13.15 10.85 15.48
N ARG A 152 -13.90 10.19 16.37
CA ARG A 152 -13.30 9.34 17.38
C ARG A 152 -12.73 8.06 16.78
N ASN A 153 -13.59 7.26 16.15
CA ASN A 153 -13.19 5.97 15.62
C ASN A 153 -12.62 6.03 14.21
N SER A 154 -12.17 7.20 13.77
CA SER A 154 -11.61 7.35 12.43
C SER A 154 -10.22 6.73 12.38
N LYS A 155 -10.02 5.79 11.46
CA LYS A 155 -8.68 5.24 11.25
C LYS A 155 -7.82 6.17 10.40
N LYS A 156 -8.35 6.59 9.25
CA LYS A 156 -7.66 7.53 8.37
C LYS A 156 -8.74 8.34 7.66
N ALA A 157 -9.09 9.48 8.25
CA ALA A 157 -10.17 10.32 7.73
C ALA A 157 -9.54 11.49 6.98
N ASP A 158 -9.28 11.26 5.70
CA ASP A 158 -8.60 12.25 4.87
C ASP A 158 -9.63 13.08 4.12
N ALA A 159 -9.55 14.40 4.27
CA ALA A 159 -10.42 15.29 3.51
C ALA A 159 -10.00 15.32 2.05
N HIS A 160 -10.90 15.82 1.20
CA HIS A 160 -10.67 15.90 -0.23
C HIS A 160 -10.14 17.27 -0.61
N TRP A 161 -8.93 17.29 -1.16
CA TRP A 161 -8.21 18.51 -1.47
C TRP A 161 -8.04 18.70 -2.97
N ILE A 162 -8.79 17.97 -3.78
CA ILE A 162 -8.60 17.97 -5.21
C ILE A 162 -9.38 19.13 -5.84
N THR A 163 -8.67 19.91 -6.67
CA THR A 163 -9.22 20.96 -7.53
C THR A 163 -9.94 22.03 -6.70
N THR A 164 -9.12 22.81 -5.96
CA THR A 164 -9.54 23.93 -5.11
C THR A 164 -10.55 23.47 -4.07
N PRO A 165 -10.06 22.93 -2.95
CA PRO A 165 -10.81 21.97 -2.13
C PRO A 165 -12.17 22.41 -1.61
N ASN A 166 -12.94 21.41 -1.21
CA ASN A 166 -14.37 21.49 -0.94
C ASN A 166 -14.60 22.16 0.42
N ARG A 167 -14.65 23.49 0.41
CA ARG A 167 -14.92 24.25 1.64
C ARG A 167 -15.91 25.36 1.29
N MET A 168 -17.18 25.11 1.55
CA MET A 168 -18.23 26.09 1.30
C MET A 168 -18.52 26.89 2.56
N LEU A 169 -18.72 28.20 2.40
CA LEU A 169 -18.86 29.13 3.50
C LEU A 169 -19.89 30.20 3.15
N ARG A 170 -20.79 30.48 4.09
CA ARG A 170 -21.80 31.53 3.94
C ARG A 170 -21.90 32.34 5.21
N ILE A 171 -22.10 33.65 5.06
CA ILE A 171 -22.23 34.59 6.16
C ILE A 171 -23.47 35.45 5.92
N TRP A 172 -24.43 35.39 6.84
CA TRP A 172 -25.57 36.28 6.82
C TRP A 172 -25.30 37.53 7.64
N ASN A 173 -26.19 38.51 7.50
CA ASN A 173 -26.07 39.76 8.23
C ASN A 173 -26.32 39.62 9.73
N ASP A 174 -27.02 38.55 10.14
CA ASP A 174 -27.32 38.36 11.55
C ASP A 174 -26.07 37.97 12.34
N GLY A 175 -25.06 37.44 11.65
CA GLY A 175 -23.92 36.83 12.30
C GLY A 175 -23.89 35.33 12.18
N ARG A 176 -24.89 34.74 11.54
CA ARG A 176 -24.92 33.30 11.34
C ARG A 176 -23.95 32.90 10.24
N VAL A 177 -23.14 31.90 10.53
CA VAL A 177 -22.12 31.41 9.61
C VAL A 177 -22.40 29.93 9.34
N LEU A 178 -22.56 29.59 8.07
CA LEU A 178 -22.67 28.22 7.60
C LEU A 178 -21.33 27.82 6.99
N TYR A 179 -20.96 26.56 7.22
CA TYR A 179 -19.69 26.04 6.72
C TYR A 179 -19.87 24.57 6.45
N THR A 180 -19.19 24.03 5.44
CA THR A 180 -19.27 22.60 5.22
C THR A 180 -17.98 22.05 4.61
N LEU A 181 -17.89 20.73 4.61
CA LEU A 181 -16.75 19.98 4.13
C LEU A 181 -17.22 18.77 3.35
N ARG A 182 -16.26 18.02 2.82
CA ARG A 182 -16.54 16.78 2.11
C ARG A 182 -15.53 15.75 2.60
N LEU A 183 -16.00 14.77 3.37
CA LEU A 183 -15.13 13.92 4.15
C LEU A 183 -15.38 12.45 3.81
N THR A 184 -14.30 11.67 3.81
CA THR A 184 -14.39 10.22 3.81
C THR A 184 -13.78 9.68 5.10
N ILE A 185 -14.39 8.64 5.65
CA ILE A 185 -14.02 8.09 6.95
C ILE A 185 -13.86 6.59 6.76
N ASP A 186 -12.92 6.00 7.50
CA ASP A 186 -12.82 4.56 7.65
C ASP A 186 -12.95 4.23 9.15
N ALA A 187 -14.18 4.08 9.59
CA ALA A 187 -14.49 3.98 11.00
C ALA A 187 -14.60 2.53 11.45
N GLU A 188 -14.20 2.28 12.70
CA GLU A 188 -14.47 1.01 13.36
C GLU A 188 -15.95 0.92 13.72
N CYS A 189 -16.53 -0.27 13.59
CA CYS A 189 -17.94 -0.46 13.90
C CYS A 189 -18.18 -1.23 15.18
N GLN A 190 -17.71 -2.48 15.26
CA GLN A 190 -17.98 -3.39 16.37
C GLN A 190 -17.20 -4.68 16.14
N LEU A 191 -17.37 -5.62 17.06
CA LEU A 191 -16.97 -7.01 16.88
C LEU A 191 -18.21 -7.84 17.22
N GLN A 192 -19.07 -8.04 16.22
CA GLN A 192 -20.35 -8.72 16.40
C GLN A 192 -20.30 -10.03 15.62
N LEU A 193 -19.78 -11.07 16.26
CA LEU A 193 -19.60 -12.38 15.65
C LEU A 193 -20.22 -13.47 16.51
N HIS A 194 -21.40 -13.18 17.08
CA HIS A 194 -22.16 -14.21 17.76
C HIS A 194 -22.87 -15.11 16.76
N ASN A 195 -23.66 -14.52 15.88
CA ASN A 195 -24.36 -15.23 14.82
C ASN A 195 -23.84 -14.71 13.49
N PHE A 196 -23.14 -15.57 12.75
CA PHE A 196 -22.51 -15.11 11.52
C PHE A 196 -23.49 -14.91 10.35
N PRO A 197 -24.52 -15.74 10.13
CA PRO A 197 -25.55 -15.31 9.19
C PRO A 197 -26.43 -14.21 9.73
N MET A 198 -26.85 -14.30 10.99
CA MET A 198 -27.73 -13.30 11.60
C MET A 198 -26.86 -12.15 12.13
N ASP A 199 -26.46 -11.29 11.20
CA ASP A 199 -25.65 -10.13 11.54
C ASP A 199 -26.53 -8.91 11.78
N GLU A 200 -26.13 -8.10 12.75
CA GLU A 200 -26.82 -6.84 13.04
C GLU A 200 -25.78 -5.90 13.65
N HIS A 201 -25.22 -5.03 12.82
CA HIS A 201 -24.21 -4.08 13.27
C HIS A 201 -24.80 -2.68 13.36
N SER A 202 -24.40 -1.96 14.40
CA SER A 202 -24.88 -0.60 14.64
C SER A 202 -24.00 0.47 14.00
N CYS A 203 -22.68 0.26 14.03
CA CYS A 203 -21.65 1.07 13.37
C CYS A 203 -21.72 2.54 13.76
N PRO A 204 -21.29 2.88 14.98
CA PRO A 204 -21.42 4.27 15.44
C PRO A 204 -20.46 5.20 14.73
N LEU A 205 -20.88 6.45 14.60
CA LEU A 205 -20.04 7.51 14.06
C LEU A 205 -20.24 8.73 14.94
N GLU A 206 -19.17 9.24 15.51
CA GLU A 206 -19.27 10.19 16.59
C GLU A 206 -18.17 11.24 16.49
N PHE A 207 -18.43 12.41 17.08
CA PHE A 207 -17.49 13.51 16.98
C PHE A 207 -17.60 14.42 18.18
N SER A 208 -16.56 15.24 18.35
CA SER A 208 -16.51 16.23 19.41
C SER A 208 -15.58 17.35 18.99
N SER A 209 -15.39 18.32 19.88
CA SER A 209 -14.32 19.29 19.77
C SER A 209 -13.11 18.77 20.53
N TYR A 210 -11.94 18.83 19.90
CA TYR A 210 -10.75 18.32 20.55
C TYR A 210 -10.23 19.28 21.61
N GLY A 211 -10.51 20.57 21.47
CA GLY A 211 -9.98 21.54 22.40
C GLY A 211 -11.01 22.12 23.35
N TYR A 212 -12.24 22.24 22.90
CA TYR A 212 -13.21 23.00 23.68
C TYR A 212 -14.15 22.08 24.41
N PRO A 213 -14.34 22.26 25.72
CA PRO A 213 -15.23 21.36 26.47
C PRO A 213 -16.70 21.72 26.30
N ARG A 214 -17.56 21.03 27.06
CA ARG A 214 -19.00 21.28 27.00
C ARG A 214 -19.37 22.64 27.58
N GLU A 215 -18.51 23.24 28.40
CA GLU A 215 -18.75 24.59 28.89
C GLU A 215 -18.27 25.65 27.92
N GLU A 216 -17.58 25.27 26.85
CA GLU A 216 -17.11 26.22 25.86
C GLU A 216 -17.64 25.94 24.45
N ILE A 217 -18.20 24.76 24.20
CA ILE A 217 -18.80 24.45 22.90
C ILE A 217 -19.95 23.48 23.14
N VAL A 218 -20.99 23.59 22.31
CA VAL A 218 -22.17 22.74 22.38
C VAL A 218 -22.51 22.34 20.95
N TYR A 219 -22.70 21.05 20.72
CA TYR A 219 -23.21 20.59 19.44
C TYR A 219 -24.72 20.35 19.53
N GLN A 220 -25.39 20.55 18.41
CA GLN A 220 -26.84 20.41 18.35
C GLN A 220 -27.22 20.00 16.93
N TRP A 221 -28.31 19.25 16.80
CA TRP A 221 -28.78 18.86 15.48
C TRP A 221 -29.70 19.92 14.89
N LYS A 222 -30.25 19.61 13.72
CA LYS A 222 -31.26 20.45 13.09
C LYS A 222 -32.66 19.86 13.21
N ARG A 223 -32.78 18.55 13.39
CA ARG A 223 -34.07 17.88 13.50
C ARG A 223 -33.86 16.61 14.31
N SER A 224 -34.84 16.27 15.14
CA SER A 224 -34.74 15.14 16.07
C SER A 224 -34.69 13.83 15.30
N SER A 225 -33.49 13.25 15.21
CA SER A 225 -33.17 11.90 14.74
C SER A 225 -33.40 11.67 13.24
N VAL A 226 -33.92 12.64 12.50
CA VAL A 226 -34.08 12.48 11.05
C VAL A 226 -33.48 13.66 10.31
N GLU A 227 -32.51 14.34 10.92
CA GLU A 227 -31.85 15.47 10.26
C GLU A 227 -30.78 15.03 9.28
N VAL A 228 -30.41 13.76 9.25
CA VAL A 228 -29.35 13.29 8.37
C VAL A 228 -29.96 12.77 7.08
N GLY A 229 -29.73 13.49 5.99
CA GLY A 229 -30.21 13.07 4.69
C GLY A 229 -29.33 11.97 4.10
N ASP A 230 -29.99 11.00 3.47
CA ASP A 230 -29.28 9.87 2.87
C ASP A 230 -30.17 9.31 1.76
N THR A 231 -29.78 9.54 0.51
CA THR A 231 -30.60 9.14 -0.63
C THR A 231 -29.71 8.42 -1.65
N ARG A 232 -29.62 7.10 -1.54
CA ARG A 232 -28.87 6.30 -2.48
C ARG A 232 -29.36 4.86 -2.40
N SER A 233 -29.07 4.10 -3.44
CA SER A 233 -29.45 2.70 -3.51
C SER A 233 -28.28 1.77 -3.75
N TRP A 234 -27.33 2.16 -4.59
CA TRP A 234 -26.16 1.35 -4.92
C TRP A 234 -24.92 2.17 -4.55
N ARG A 235 -24.36 1.92 -3.38
CA ARG A 235 -23.28 2.75 -2.86
C ARG A 235 -22.21 1.90 -2.16
N LEU A 236 -21.82 0.78 -2.78
CA LEU A 236 -20.91 -0.22 -2.22
C LEU A 236 -21.41 -0.75 -0.87
N TYR A 237 -22.60 -1.32 -0.90
CA TYR A 237 -23.18 -1.97 0.26
C TYR A 237 -23.41 -3.43 -0.11
N GLN A 238 -22.54 -4.31 0.39
CA GLN A 238 -22.76 -5.74 0.23
C GLN A 238 -23.78 -6.28 1.20
N PHE A 239 -24.25 -5.46 2.13
CA PHE A 239 -25.23 -5.81 3.14
C PHE A 239 -26.49 -4.97 2.93
N SER A 240 -27.41 -5.05 3.89
CA SER A 240 -28.69 -4.37 3.81
C SER A 240 -28.77 -3.31 4.90
N PHE A 241 -28.74 -2.05 4.50
CA PHE A 241 -28.96 -0.93 5.41
C PHE A 241 -30.45 -0.82 5.72
N VAL A 242 -30.80 -0.76 7.00
CA VAL A 242 -32.20 -0.76 7.41
C VAL A 242 -32.60 0.49 8.20
N GLY A 243 -31.67 1.28 8.70
CA GLY A 243 -32.07 2.48 9.42
C GLY A 243 -30.91 3.11 10.14
N LEU A 244 -31.15 4.32 10.64
CA LEU A 244 -30.13 5.12 11.31
C LEU A 244 -30.79 6.01 12.34
N ARG A 245 -29.99 6.45 13.32
CA ARG A 245 -30.47 7.36 14.36
C ARG A 245 -29.27 8.07 14.98
N ASN A 246 -29.56 9.10 15.76
CA ASN A 246 -28.53 9.87 16.44
C ASN A 246 -28.51 9.56 17.94
N THR A 247 -27.42 9.98 18.59
CA THR A 247 -27.27 9.82 20.03
C THR A 247 -26.34 10.91 20.54
N THR A 248 -26.76 11.61 21.59
CA THR A 248 -25.97 12.69 22.18
C THR A 248 -25.62 12.32 23.62
N GLU A 249 -24.32 12.19 23.89
CA GLU A 249 -23.83 11.85 25.21
C GLU A 249 -22.69 12.79 25.60
N VAL A 250 -22.29 12.71 26.86
CA VAL A 250 -21.16 13.45 27.40
C VAL A 250 -20.21 12.45 28.02
N VAL A 251 -18.94 12.47 27.57
CA VAL A 251 -17.93 11.54 28.05
C VAL A 251 -16.96 12.30 28.94
N LYS A 252 -16.75 11.80 30.16
CA LYS A 252 -15.79 12.38 31.09
C LYS A 252 -14.38 11.97 30.67
N THR A 253 -13.60 12.93 30.21
CA THR A 253 -12.21 12.70 29.86
C THR A 253 -11.30 13.23 30.97
N THR A 254 -10.00 13.23 30.71
CA THR A 254 -9.06 13.77 31.68
C THR A 254 -8.97 15.29 31.58
N SER A 255 -8.85 15.81 30.36
CA SER A 255 -8.73 17.26 30.18
C SER A 255 -10.04 17.99 30.46
N GLY A 256 -11.17 17.30 30.40
CA GLY A 256 -12.44 17.93 30.68
C GLY A 256 -13.60 17.01 30.33
N ASP A 257 -14.74 17.63 30.05
CA ASP A 257 -15.94 16.91 29.64
C ASP A 257 -16.35 17.38 28.25
N TYR A 258 -16.58 16.44 27.35
CA TYR A 258 -16.85 16.73 25.96
C TYR A 258 -18.12 16.04 25.52
N VAL A 259 -18.96 16.76 24.79
CA VAL A 259 -20.19 16.18 24.26
C VAL A 259 -19.84 15.31 23.06
N VAL A 260 -20.59 14.22 22.91
CA VAL A 260 -20.33 13.23 21.87
C VAL A 260 -21.62 13.03 21.09
N MET A 261 -21.54 13.17 19.77
CA MET A 261 -22.71 13.14 18.90
C MET A 261 -22.64 11.84 18.11
N SER A 262 -23.13 10.76 18.70
CA SER A 262 -23.04 9.45 18.07
C SER A 262 -24.11 9.30 16.99
N VAL A 263 -23.72 8.76 15.84
CA VAL A 263 -24.62 8.48 14.73
C VAL A 263 -24.46 7.02 14.37
N TYR A 264 -25.56 6.27 14.42
CA TYR A 264 -25.53 4.85 14.10
C TYR A 264 -26.00 4.59 12.68
N PHE A 265 -25.75 3.36 12.22
CA PHE A 265 -26.17 2.91 10.90
C PHE A 265 -26.52 1.44 11.03
N ASP A 266 -27.80 1.13 11.15
CA ASP A 266 -28.23 -0.24 11.38
C ASP A 266 -28.18 -1.02 10.07
N LEU A 267 -27.50 -2.15 10.08
CA LEU A 267 -27.39 -3.02 8.93
C LEU A 267 -27.72 -4.45 9.32
N SER A 268 -27.91 -5.27 8.29
CA SER A 268 -28.08 -6.71 8.43
C SER A 268 -27.55 -7.37 7.18
N ARG A 269 -26.77 -8.43 7.37
CA ARG A 269 -26.13 -9.10 6.26
C ARG A 269 -27.14 -9.89 5.44
N ARG A 270 -27.13 -9.66 4.13
CA ARG A 270 -27.99 -10.43 3.23
C ARG A 270 -27.46 -11.84 3.12
N MET A 271 -28.34 -12.82 3.26
CA MET A 271 -27.96 -14.23 3.24
C MET A 271 -27.65 -14.74 1.84
N GLY A 272 -27.93 -13.96 0.79
CA GLY A 272 -27.62 -14.37 -0.56
C GLY A 272 -26.13 -14.48 -0.86
N TYR A 273 -25.30 -13.77 -0.11
CA TYR A 273 -23.85 -13.87 -0.31
C TYR A 273 -23.32 -15.19 0.22
N PHE A 274 -23.76 -15.61 1.40
CA PHE A 274 -23.37 -16.87 1.98
C PHE A 274 -24.22 -18.04 1.48
N THR A 275 -25.24 -17.77 0.65
CA THR A 275 -26.04 -18.83 0.07
C THR A 275 -25.21 -19.71 -0.87
N ILE A 276 -24.39 -19.08 -1.73
CA ILE A 276 -23.49 -19.85 -2.58
C ILE A 276 -22.37 -20.49 -1.77
N GLN A 277 -21.99 -19.90 -0.65
CA GLN A 277 -20.96 -20.48 0.20
C GLN A 277 -21.47 -21.66 1.02
N THR A 278 -22.78 -21.76 1.24
CA THR A 278 -23.40 -22.83 1.99
C THR A 278 -23.94 -23.95 1.12
N TYR A 279 -24.47 -23.62 -0.06
CA TYR A 279 -25.20 -24.60 -0.86
C TYR A 279 -24.27 -25.62 -1.51
N ILE A 280 -23.34 -25.15 -2.33
CA ILE A 280 -22.45 -26.04 -3.08
C ILE A 280 -21.52 -26.94 -2.24
N PRO A 281 -21.15 -26.65 -0.95
CA PRO A 281 -20.55 -27.76 -0.19
C PRO A 281 -21.60 -28.73 0.31
N CYS A 282 -22.80 -28.23 0.62
CA CYS A 282 -23.86 -29.10 1.11
C CYS A 282 -24.40 -30.00 0.01
N THR A 283 -24.47 -29.50 -1.22
CA THR A 283 -24.94 -30.30 -2.35
C THR A 283 -23.81 -31.10 -3.00
N LEU A 284 -22.65 -31.17 -2.37
CA LEU A 284 -21.57 -32.05 -2.81
C LEU A 284 -21.19 -33.07 -1.77
N ILE A 285 -20.90 -32.63 -0.54
CA ILE A 285 -20.38 -33.53 0.49
C ILE A 285 -21.45 -34.49 0.98
N VAL A 286 -22.68 -33.99 1.14
CA VAL A 286 -23.76 -34.83 1.65
C VAL A 286 -24.17 -35.87 0.61
N VAL A 287 -24.25 -35.47 -0.67
CA VAL A 287 -24.58 -36.45 -1.69
C VAL A 287 -23.44 -37.41 -1.98
N LEU A 288 -22.18 -36.99 -1.78
CA LEU A 288 -21.07 -37.93 -1.89
C LEU A 288 -21.08 -38.95 -0.77
N SER A 289 -21.38 -38.51 0.45
CA SER A 289 -21.59 -39.42 1.57
C SER A 289 -22.80 -40.32 1.38
N TRP A 290 -23.81 -39.85 0.66
CA TRP A 290 -24.97 -40.68 0.38
C TRP A 290 -24.65 -41.74 -0.67
N VAL A 291 -23.90 -41.38 -1.71
CA VAL A 291 -23.59 -42.36 -2.75
C VAL A 291 -22.44 -43.25 -2.33
N SER A 292 -21.75 -42.90 -1.23
CA SER A 292 -20.79 -43.84 -0.66
C SER A 292 -21.50 -45.03 -0.04
N PHE A 293 -22.69 -44.81 0.54
CA PHE A 293 -23.46 -45.93 1.07
C PHE A 293 -24.35 -46.54 0.00
N TRP A 294 -24.77 -45.74 -0.98
CA TRP A 294 -25.68 -46.23 -2.00
C TRP A 294 -24.96 -47.09 -3.04
N ILE A 295 -23.64 -46.95 -3.13
CA ILE A 295 -22.86 -47.79 -4.03
C ILE A 295 -22.78 -49.20 -3.45
N ASN A 296 -22.45 -50.18 -4.29
CA ASN A 296 -22.25 -51.54 -3.82
C ASN A 296 -21.02 -51.60 -2.93
N LYS A 297 -21.22 -51.99 -1.67
CA LYS A 297 -20.15 -52.05 -0.69
C LYS A 297 -19.38 -53.36 -0.74
N ASP A 298 -19.63 -54.19 -1.75
CA ASP A 298 -18.85 -55.42 -1.92
C ASP A 298 -17.43 -55.09 -2.37
N ALA A 299 -17.27 -54.07 -3.21
CA ALA A 299 -15.95 -53.62 -3.61
C ALA A 299 -15.39 -52.66 -2.58
N VAL A 300 -14.27 -53.05 -1.99
CA VAL A 300 -13.55 -52.22 -1.01
C VAL A 300 -13.01 -50.90 -1.58
N PRO A 301 -12.46 -50.79 -2.80
CA PRO A 301 -12.06 -49.46 -3.28
C PRO A 301 -13.17 -48.61 -3.86
N ALA A 302 -14.44 -48.92 -3.61
CA ALA A 302 -15.50 -48.02 -4.06
C ALA A 302 -15.99 -47.12 -2.92
N ARG A 303 -16.57 -47.74 -1.89
CA ARG A 303 -17.29 -46.97 -0.87
C ARG A 303 -16.34 -46.27 0.08
N THR A 304 -15.32 -46.99 0.57
CA THR A 304 -14.34 -46.40 1.47
C THR A 304 -13.52 -45.33 0.76
N SER A 305 -13.24 -45.54 -0.53
CA SER A 305 -12.49 -44.57 -1.31
C SER A 305 -13.30 -43.30 -1.54
N LEU A 306 -14.60 -43.44 -1.86
CA LEU A 306 -15.46 -42.27 -2.01
C LEU A 306 -15.60 -41.51 -0.70
N GLY A 307 -15.75 -42.24 0.41
CA GLY A 307 -15.85 -41.58 1.71
C GLY A 307 -14.55 -40.91 2.13
N ILE A 308 -13.41 -41.46 1.72
CA ILE A 308 -12.15 -40.90 2.18
C ILE A 308 -11.70 -39.76 1.27
N THR A 309 -12.21 -39.70 0.03
CA THR A 309 -11.92 -38.53 -0.78
C THR A 309 -12.91 -37.42 -0.51
N THR A 310 -14.09 -37.76 0.05
CA THR A 310 -15.09 -36.75 0.38
C THR A 310 -14.62 -35.85 1.52
N VAL A 311 -13.99 -36.44 2.55
CA VAL A 311 -13.48 -35.62 3.65
C VAL A 311 -12.21 -34.90 3.25
N LEU A 312 -11.52 -35.40 2.22
CA LEU A 312 -10.39 -34.65 1.66
C LEU A 312 -10.89 -33.40 0.95
N THR A 313 -12.04 -33.50 0.27
CA THR A 313 -12.62 -32.33 -0.36
C THR A 313 -13.25 -31.38 0.65
N MET A 314 -13.77 -31.93 1.76
CA MET A 314 -14.56 -31.13 2.69
C MET A 314 -13.70 -30.25 3.57
N THR A 315 -12.39 -30.48 3.58
CA THR A 315 -11.52 -29.76 4.51
C THR A 315 -11.21 -28.36 4.01
N THR A 316 -10.87 -28.23 2.73
CA THR A 316 -10.34 -26.97 2.22
C THR A 316 -11.42 -25.91 2.08
N LEU A 317 -12.67 -26.34 1.88
CA LEU A 317 -13.77 -25.39 1.75
C LEU A 317 -14.06 -24.67 3.07
N SER A 318 -13.81 -25.30 4.20
CA SER A 318 -13.90 -24.62 5.48
C SER A 318 -12.81 -23.58 5.66
N THR A 319 -11.64 -23.80 5.08
CA THR A 319 -10.57 -22.80 5.14
C THR A 319 -10.84 -21.63 4.21
N ILE A 320 -11.32 -21.92 2.99
CA ILE A 320 -11.61 -20.88 2.02
C ILE A 320 -12.82 -20.06 2.47
N ALA A 321 -13.78 -20.71 3.13
CA ALA A 321 -14.93 -19.98 3.68
C ALA A 321 -14.53 -19.08 4.84
N ARG A 322 -13.41 -19.35 5.50
CA ARG A 322 -12.88 -18.49 6.54
C ARG A 322 -11.60 -17.78 6.10
N LYS A 323 -11.36 -17.69 4.79
CA LYS A 323 -10.14 -17.09 4.28
C LYS A 323 -10.24 -15.58 4.10
N SER A 324 -11.37 -15.09 3.59
CA SER A 324 -11.50 -13.66 3.35
C SER A 324 -11.74 -12.88 4.65
N LEU A 325 -12.24 -13.56 5.68
CA LEU A 325 -12.54 -12.92 6.94
C LEU A 325 -11.59 -13.44 8.03
N PRO A 326 -11.15 -12.58 8.95
CA PRO A 326 -10.17 -13.03 9.95
C PRO A 326 -10.76 -13.93 11.01
N LYS A 327 -9.89 -14.57 11.79
CA LYS A 327 -10.33 -15.51 12.81
C LYS A 327 -10.77 -14.78 14.07
N VAL A 328 -11.71 -15.37 14.79
CA VAL A 328 -12.23 -14.82 16.03
C VAL A 328 -11.94 -15.81 17.16
N SER A 329 -12.18 -15.34 18.39
CA SER A 329 -12.00 -16.20 19.56
C SER A 329 -13.21 -17.10 19.78
N TYR A 330 -14.38 -16.49 19.92
CA TYR A 330 -15.60 -17.25 20.17
C TYR A 330 -16.15 -17.83 18.87
N VAL A 331 -17.11 -18.75 19.02
CA VAL A 331 -17.75 -19.35 17.86
C VAL A 331 -18.74 -18.37 17.26
N THR A 332 -18.91 -18.45 15.94
CA THR A 332 -19.81 -17.56 15.21
C THR A 332 -21.08 -18.25 14.75
N ALA A 333 -21.29 -19.51 15.18
CA ALA A 333 -22.40 -20.39 14.81
C ALA A 333 -22.48 -20.64 13.30
N MET A 334 -21.36 -20.47 12.59
CA MET A 334 -21.24 -20.87 11.20
C MET A 334 -20.23 -21.99 11.03
N ASP A 335 -19.11 -21.91 11.74
CA ASP A 335 -18.22 -23.06 11.86
C ASP A 335 -18.91 -24.19 12.61
N LEU A 336 -19.76 -23.86 13.58
CA LEU A 336 -20.61 -24.86 14.19
C LEU A 336 -21.65 -25.39 13.21
N PHE A 337 -22.07 -24.56 12.25
CA PHE A 337 -23.07 -24.99 11.29
C PHE A 337 -22.51 -25.95 10.27
N VAL A 338 -21.20 -25.85 9.97
CA VAL A 338 -20.58 -26.75 9.01
C VAL A 338 -19.91 -27.94 9.70
N SER A 339 -19.52 -27.77 10.97
CA SER A 339 -18.86 -28.85 11.70
C SER A 339 -19.79 -30.00 12.02
N VAL A 340 -21.10 -29.74 12.13
CA VAL A 340 -22.07 -30.82 12.35
C VAL A 340 -22.09 -31.77 11.16
N CYS A 341 -22.18 -31.22 9.95
CA CYS A 341 -22.12 -32.07 8.76
C CYS A 341 -20.75 -32.69 8.55
N PHE A 342 -19.68 -31.98 8.93
CA PHE A 342 -18.32 -32.53 8.84
C PHE A 342 -18.15 -33.75 9.74
N ILE A 343 -18.57 -33.65 11.00
CA ILE A 343 -18.49 -34.79 11.91
C ILE A 343 -19.55 -35.84 11.56
N PHE A 344 -20.62 -35.46 10.83
CA PHE A 344 -21.56 -36.47 10.35
C PHE A 344 -20.95 -37.34 9.26
N VAL A 345 -20.23 -36.73 8.32
CA VAL A 345 -19.51 -37.52 7.31
C VAL A 345 -18.37 -38.29 7.96
N PHE A 346 -17.77 -37.72 9.01
CA PHE A 346 -16.79 -38.46 9.79
C PHE A 346 -17.39 -39.67 10.51
N SER A 347 -18.62 -39.55 10.99
CA SER A 347 -19.30 -40.68 11.61
C SER A 347 -19.69 -41.71 10.57
N ALA A 348 -20.00 -41.27 9.35
CA ALA A 348 -20.18 -42.20 8.24
C ALA A 348 -18.89 -42.95 7.94
N LEU A 349 -17.74 -42.28 8.05
CA LEU A 349 -16.45 -42.96 7.93
C LEU A 349 -16.24 -43.97 9.05
N VAL A 350 -16.63 -43.62 10.28
CA VAL A 350 -16.48 -44.54 11.41
C VAL A 350 -17.36 -45.76 11.23
N GLU A 351 -18.59 -45.57 10.76
CA GLU A 351 -19.48 -46.70 10.47
C GLU A 351 -18.97 -47.54 9.31
N TYR A 352 -18.37 -46.92 8.30
CA TYR A 352 -17.81 -47.66 7.18
C TYR A 352 -16.59 -48.49 7.61
N GLY A 353 -15.75 -47.93 8.47
CA GLY A 353 -14.65 -48.69 9.03
C GLY A 353 -15.08 -49.76 10.01
N THR A 354 -16.22 -49.57 10.66
CA THR A 354 -16.77 -50.61 11.53
C THR A 354 -17.33 -51.76 10.71
N LEU A 355 -17.99 -51.46 9.58
CA LEU A 355 -18.54 -52.50 8.72
C LEU A 355 -17.44 -53.30 8.01
N HIS A 356 -16.25 -52.72 7.87
CA HIS A 356 -15.14 -53.46 7.26
C HIS A 356 -14.60 -54.53 8.20
N TYR A 357 -14.70 -54.32 9.51
CA TYR A 357 -14.15 -55.26 10.49
C TYR A 357 -14.94 -56.57 10.55
N PHE A 358 -16.19 -56.59 10.09
CA PHE A 358 -17.03 -57.78 10.19
C PHE A 358 -17.49 -58.28 8.83
N VAL A 359 -16.83 -57.85 7.75
CA VAL A 359 -17.12 -58.39 6.42
C VAL A 359 -15.91 -59.07 5.78
N SER A 360 -14.69 -58.77 6.24
CA SER A 360 -13.47 -59.39 5.71
C SER A 360 -12.99 -60.55 6.58
N ASN A 361 -13.92 -61.27 7.20
CA ASN A 361 -13.57 -62.43 8.03
C ASN A 361 -13.28 -63.65 7.16
N THR B 39 10.50 44.10 -18.27
CA THR B 39 10.64 45.36 -17.56
C THR B 39 9.30 46.05 -17.46
N VAL B 40 8.63 46.18 -18.59
CA VAL B 40 7.31 46.81 -18.63
C VAL B 40 6.25 45.87 -18.10
N PHE B 41 6.39 44.58 -18.40
CA PHE B 41 5.40 43.57 -18.03
C PHE B 41 5.30 43.37 -16.52
N THR B 42 6.38 43.66 -15.78
CA THR B 42 6.31 43.67 -14.33
C THR B 42 5.35 44.75 -13.84
N ARG B 43 5.46 45.96 -14.39
CA ARG B 43 4.52 47.03 -14.09
C ARG B 43 3.12 46.69 -14.55
N ILE B 44 3.00 45.94 -15.66
CA ILE B 44 1.69 45.52 -16.14
C ILE B 44 1.02 44.59 -15.15
N LEU B 45 1.73 43.54 -14.71
CA LEU B 45 1.16 42.61 -13.77
C LEU B 45 0.95 43.22 -12.39
N ASP B 46 1.77 44.20 -12.01
CA ASP B 46 1.50 44.93 -10.77
C ASP B 46 0.31 45.85 -10.91
N ARG B 47 -0.01 46.31 -12.12
CA ARG B 47 -1.22 47.07 -12.33
C ARG B 47 -2.47 46.21 -12.18
N LEU B 48 -2.38 44.94 -12.53
CA LEU B 48 -3.52 44.04 -12.46
C LEU B 48 -3.77 43.44 -11.07
N LEU B 49 -3.08 43.91 -10.04
CA LEU B 49 -3.32 43.45 -8.68
C LEU B 49 -3.52 44.59 -7.69
N ASP B 50 -3.65 45.82 -8.17
CA ASP B 50 -3.87 46.97 -7.28
C ASP B 50 -5.32 46.91 -6.81
N GLY B 51 -5.56 46.20 -5.72
CA GLY B 51 -6.89 46.04 -5.19
C GLY B 51 -7.66 44.85 -5.73
N TYR B 52 -7.00 43.94 -6.43
CA TYR B 52 -7.67 42.75 -6.94
C TYR B 52 -7.96 41.78 -5.78
N ASP B 53 -9.12 41.14 -5.86
CA ASP B 53 -9.57 40.24 -4.81
C ASP B 53 -9.76 38.85 -5.39
N ASN B 54 -9.64 37.84 -4.51
CA ASN B 54 -9.88 36.45 -4.88
C ASN B 54 -11.12 35.89 -4.22
N ARG B 55 -11.71 36.60 -3.27
CA ARG B 55 -12.91 36.15 -2.59
C ARG B 55 -14.17 36.44 -3.39
N LEU B 56 -14.05 37.09 -4.54
CA LEU B 56 -15.20 37.53 -5.32
C LEU B 56 -15.07 37.05 -6.75
N ARG B 57 -16.09 36.35 -7.23
CA ARG B 57 -16.16 35.97 -8.63
C ARG B 57 -16.42 37.20 -9.49
N PRO B 58 -16.00 37.17 -10.77
CA PRO B 58 -16.27 38.33 -11.64
C PRO B 58 -17.75 38.48 -11.98
N GLY B 59 -18.38 39.52 -11.44
CA GLY B 59 -19.76 39.79 -11.77
C GLY B 59 -20.70 39.74 -10.58
N LEU B 60 -20.19 40.06 -9.40
CA LEU B 60 -21.03 40.09 -8.21
C LEU B 60 -21.91 41.34 -8.28
N GLY B 61 -23.20 41.16 -8.04
CA GLY B 61 -24.15 42.23 -8.31
C GLY B 61 -24.43 42.42 -9.77
N GLU B 62 -24.05 41.46 -10.60
CA GLU B 62 -24.15 41.53 -12.06
C GLU B 62 -24.58 40.16 -12.54
N ARG B 63 -24.33 39.88 -13.82
CA ARG B 63 -24.66 38.60 -14.43
C ARG B 63 -23.91 37.44 -13.76
N VAL B 64 -24.40 36.24 -14.01
CA VAL B 64 -23.71 35.04 -13.56
C VAL B 64 -22.49 34.79 -14.45
N THR B 65 -21.65 33.86 -14.02
CA THR B 65 -20.40 33.60 -14.71
C THR B 65 -20.55 32.41 -15.65
N GLU B 66 -19.82 32.46 -16.76
CA GLU B 66 -19.90 31.46 -17.80
C GLU B 66 -18.61 30.66 -17.81
N VAL B 67 -18.73 29.34 -17.68
CA VAL B 67 -17.57 28.47 -17.59
C VAL B 67 -17.62 27.50 -18.76
N LYS B 68 -16.74 27.72 -19.74
CA LYS B 68 -16.51 26.72 -20.77
C LYS B 68 -15.66 25.59 -20.18
N THR B 69 -15.94 24.37 -20.60
CA THR B 69 -15.31 23.21 -19.98
C THR B 69 -14.98 22.19 -21.05
N ASP B 70 -13.79 21.60 -20.96
CA ASP B 70 -13.33 20.60 -21.91
C ASP B 70 -12.59 19.53 -21.13
N ILE B 71 -12.73 18.28 -21.53
CA ILE B 71 -11.98 17.19 -20.92
C ILE B 71 -11.30 16.42 -22.04
N PHE B 72 -9.97 16.41 -22.03
CA PHE B 72 -9.20 15.64 -23.00
C PHE B 72 -8.56 14.48 -22.26
N VAL B 73 -9.13 13.30 -22.39
CA VAL B 73 -8.59 12.17 -21.65
C VAL B 73 -7.33 11.67 -22.34
N THR B 74 -6.45 11.07 -21.54
CA THR B 74 -5.14 10.63 -22.01
C THR B 74 -5.07 9.13 -22.13
N SER B 75 -5.50 8.41 -21.10
CA SER B 75 -5.57 6.95 -21.17
C SER B 75 -6.63 6.50 -20.17
N PHE B 76 -7.60 5.73 -20.65
CA PHE B 76 -8.60 5.16 -19.76
C PHE B 76 -7.97 3.98 -19.03
N GLY B 77 -7.76 4.12 -17.73
CA GLY B 77 -6.95 3.20 -16.97
C GLY B 77 -7.64 1.89 -16.64
N PRO B 78 -7.11 1.18 -15.65
CA PRO B 78 -7.72 -0.10 -15.24
C PRO B 78 -9.03 0.13 -14.51
N VAL B 79 -9.91 -0.86 -14.61
CA VAL B 79 -11.22 -0.81 -13.96
C VAL B 79 -11.20 -1.87 -12.88
N SER B 80 -11.13 -1.43 -11.62
CA SER B 80 -11.14 -2.35 -10.49
C SER B 80 -12.57 -2.82 -10.26
N ASP B 81 -12.93 -3.94 -10.88
CA ASP B 81 -14.27 -4.50 -10.70
C ASP B 81 -14.47 -5.06 -9.31
N HIS B 82 -13.39 -5.44 -8.63
CA HIS B 82 -13.49 -5.85 -7.23
C HIS B 82 -13.84 -4.68 -6.33
N ASP B 83 -13.52 -3.45 -6.75
CA ASP B 83 -13.89 -2.26 -6.01
C ASP B 83 -14.91 -1.41 -6.75
N MET B 84 -15.50 -1.94 -7.83
CA MET B 84 -16.42 -1.31 -8.79
C MET B 84 -16.04 0.12 -9.18
N GLU B 85 -14.74 0.39 -9.31
CA GLU B 85 -14.28 1.72 -9.65
C GLU B 85 -13.30 1.66 -10.81
N TYR B 86 -13.27 2.71 -11.60
CA TYR B 86 -12.37 2.84 -12.74
C TYR B 86 -11.39 3.97 -12.49
N THR B 87 -10.44 4.13 -13.41
CA THR B 87 -9.39 5.10 -13.26
C THR B 87 -9.18 5.77 -14.61
N ILE B 88 -8.95 7.08 -14.61
CA ILE B 88 -8.82 7.81 -15.87
C ILE B 88 -7.90 9.02 -15.66
N ASP B 89 -7.09 9.30 -16.68
CA ASP B 89 -6.19 10.43 -16.72
C ASP B 89 -6.79 11.50 -17.63
N VAL B 90 -6.92 12.72 -17.14
CA VAL B 90 -7.56 13.78 -17.90
C VAL B 90 -6.67 15.00 -17.96
N PHE B 91 -6.81 15.75 -19.06
CA PHE B 91 -6.48 17.17 -19.10
C PHE B 91 -7.81 17.87 -18.95
N PHE B 92 -8.05 18.42 -17.76
CA PHE B 92 -9.30 19.11 -17.46
C PHE B 92 -9.10 20.57 -17.78
N ARG B 93 -9.56 21.00 -18.96
CA ARG B 93 -9.52 22.40 -19.34
C ARG B 93 -10.79 23.08 -18.90
N GLN B 94 -10.68 24.32 -18.44
CA GLN B 94 -11.86 25.13 -18.19
C GLN B 94 -11.48 26.59 -18.33
N SER B 95 -12.49 27.41 -18.65
CA SER B 95 -12.23 28.77 -19.09
C SER B 95 -13.40 29.65 -18.72
N TRP B 96 -13.11 30.92 -18.45
CA TRP B 96 -14.13 31.87 -18.04
C TRP B 96 -13.62 33.27 -18.26
N LYS B 97 -14.51 34.15 -18.67
CA LYS B 97 -14.17 35.55 -18.89
C LYS B 97 -14.13 36.26 -17.56
N ASP B 98 -13.16 37.16 -17.40
CA ASP B 98 -13.05 38.00 -16.22
C ASP B 98 -12.77 39.43 -16.69
N GLU B 99 -13.76 40.31 -16.51
CA GLU B 99 -13.69 41.67 -17.03
C GLU B 99 -12.70 42.55 -16.27
N ARG B 100 -12.21 42.11 -15.12
CA ARG B 100 -11.32 42.92 -14.30
C ARG B 100 -9.88 42.90 -14.78
N LEU B 101 -9.57 42.22 -15.90
CA LEU B 101 -8.19 41.98 -16.28
C LEU B 101 -7.91 42.41 -17.70
N LYS B 102 -8.73 43.28 -18.25
CA LYS B 102 -8.48 43.76 -19.61
C LYS B 102 -7.31 44.73 -19.61
N PHE B 103 -6.63 44.80 -20.75
CA PHE B 103 -5.44 45.63 -20.90
C PHE B 103 -5.22 45.91 -22.38
N LYS B 104 -4.31 46.84 -22.64
CA LYS B 104 -3.94 47.25 -24.00
C LYS B 104 -2.44 47.10 -24.19
N GLY B 105 -1.92 45.95 -23.78
CA GLY B 105 -0.50 45.68 -23.86
C GLY B 105 -0.06 45.35 -25.26
N PRO B 106 1.24 45.10 -25.43
CA PRO B 106 1.75 44.79 -26.77
C PRO B 106 1.32 43.44 -27.30
N MET B 107 1.27 42.42 -26.44
CA MET B 107 0.80 41.11 -26.82
C MET B 107 -0.66 40.95 -26.43
N THR B 108 -1.27 39.88 -26.97
CA THR B 108 -2.67 39.60 -26.74
C THR B 108 -2.88 38.53 -25.67
N VAL B 109 -2.14 37.43 -25.76
CA VAL B 109 -2.26 36.31 -24.83
C VAL B 109 -0.88 36.08 -24.21
N LEU B 110 -0.83 36.04 -22.88
CA LEU B 110 0.40 35.79 -22.15
C LEU B 110 0.26 34.47 -21.41
N ARG B 111 1.16 33.53 -21.71
CA ARG B 111 1.15 32.21 -21.10
C ARG B 111 1.83 32.32 -19.74
N LEU B 112 1.03 32.59 -18.72
CA LEU B 112 1.59 32.86 -17.40
C LEU B 112 1.86 31.58 -16.64
N ASN B 113 2.47 31.74 -15.47
CA ASN B 113 2.78 30.63 -14.58
C ASN B 113 1.62 30.39 -13.63
N ASN B 114 1.56 29.17 -13.09
CA ASN B 114 0.47 28.82 -12.19
C ASN B 114 0.58 29.48 -10.81
N LEU B 115 1.73 30.09 -10.50
CA LEU B 115 1.81 30.92 -9.31
C LEU B 115 0.91 32.14 -9.43
N MET B 116 0.78 32.68 -10.64
CA MET B 116 -0.22 33.71 -10.90
C MET B 116 -1.63 33.16 -10.74
N ALA B 117 -1.85 31.90 -11.17
CA ALA B 117 -3.16 31.29 -11.07
C ALA B 117 -3.56 30.99 -9.64
N SER B 118 -2.58 30.84 -8.74
CA SER B 118 -2.89 30.73 -7.32
C SER B 118 -3.43 32.03 -6.74
N LYS B 119 -3.08 33.17 -7.33
CA LYS B 119 -3.54 34.47 -6.85
C LYS B 119 -4.74 34.99 -7.63
N ILE B 120 -5.31 34.18 -8.52
CA ILE B 120 -6.45 34.60 -9.32
C ILE B 120 -7.65 33.80 -8.81
N TRP B 121 -8.85 34.31 -9.08
CA TRP B 121 -10.05 33.55 -8.77
C TRP B 121 -10.16 32.38 -9.74
N THR B 122 -10.53 31.21 -9.20
CA THR B 122 -10.77 30.01 -9.99
C THR B 122 -12.09 29.40 -9.56
N PRO B 123 -12.76 28.63 -10.43
CA PRO B 123 -13.96 27.91 -9.99
C PRO B 123 -13.62 26.78 -9.04
N ASP B 124 -14.66 26.35 -8.31
CA ASP B 124 -14.55 25.33 -7.26
C ASP B 124 -15.02 23.96 -7.74
N THR B 125 -14.67 23.61 -8.98
CA THR B 125 -15.14 22.38 -9.59
C THR B 125 -14.59 21.16 -8.85
N PHE B 126 -15.40 20.12 -8.75
CA PHE B 126 -14.99 18.89 -8.11
C PHE B 126 -15.83 17.77 -8.68
N PHE B 127 -15.40 16.55 -8.42
CA PHE B 127 -16.07 15.37 -8.96
C PHE B 127 -16.99 14.80 -7.90
N HIS B 128 -18.23 14.54 -8.28
CA HIS B 128 -19.24 14.11 -7.31
C HIS B 128 -19.01 12.68 -6.86
N ASN B 129 -18.43 11.84 -7.70
CA ASN B 129 -18.19 10.44 -7.36
C ASN B 129 -16.71 10.08 -7.33
N GLY B 130 -15.83 11.06 -7.13
CA GLY B 130 -14.41 10.78 -7.07
C GLY B 130 -14.02 10.19 -5.73
N LYS B 131 -13.22 9.12 -5.77
CA LYS B 131 -12.81 8.44 -4.55
C LYS B 131 -11.45 8.92 -4.05
N LYS B 132 -10.41 8.71 -4.85
CA LYS B 132 -9.04 9.12 -4.51
C LYS B 132 -8.44 9.78 -5.75
N SER B 133 -8.63 11.08 -5.87
CA SER B 133 -8.11 11.83 -7.00
C SER B 133 -6.79 12.48 -6.61
N VAL B 134 -5.88 12.57 -7.57
CA VAL B 134 -4.58 13.20 -7.33
C VAL B 134 -4.39 14.36 -8.29
N ALA B 135 -3.77 15.41 -7.77
CA ALA B 135 -3.31 16.53 -8.59
C ALA B 135 -1.81 16.36 -8.79
N HIS B 136 -1.41 16.15 -10.03
CA HIS B 136 -0.02 15.78 -10.32
C HIS B 136 0.91 16.97 -10.12
N ASN B 137 1.96 16.75 -9.32
CA ASN B 137 2.91 17.79 -9.01
C ASN B 137 4.27 17.36 -9.53
N MET B 138 5.04 18.32 -10.03
CA MET B 138 6.33 18.04 -10.65
C MET B 138 7.17 19.28 -10.40
N THR B 139 8.18 19.51 -11.26
CA THR B 139 9.00 20.72 -11.30
C THR B 139 8.19 22.01 -11.07
N MET B 140 7.05 22.10 -11.72
CA MET B 140 5.97 23.00 -11.36
C MET B 140 4.70 22.17 -11.25
N PRO B 141 3.69 22.65 -10.53
CA PRO B 141 2.40 21.97 -10.57
C PRO B 141 1.77 22.07 -11.95
N ASN B 142 1.04 21.02 -12.32
CA ASN B 142 0.47 20.91 -13.66
C ASN B 142 -0.82 21.74 -13.77
N LYS B 143 -0.63 23.05 -13.69
CA LYS B 143 -1.70 24.01 -13.87
C LYS B 143 -1.22 25.07 -14.86
N LEU B 144 -2.14 25.55 -15.68
CA LEU B 144 -1.83 26.46 -16.76
C LEU B 144 -2.70 27.69 -16.65
N LEU B 145 -2.22 28.79 -17.19
CA LEU B 145 -2.97 30.04 -17.16
C LEU B 145 -2.63 30.84 -18.39
N ARG B 146 -3.64 31.27 -19.14
CA ARG B 146 -3.46 32.10 -20.32
C ARG B 146 -4.45 33.25 -20.26
N ILE B 147 -3.98 34.42 -19.84
CA ILE B 147 -4.83 35.60 -19.86
C ILE B 147 -4.99 36.10 -21.29
N THR B 148 -5.95 36.98 -21.49
CA THR B 148 -6.25 37.55 -22.79
C THR B 148 -6.63 39.00 -22.58
N GLU B 149 -6.26 39.87 -23.53
CA GLU B 149 -6.64 41.28 -23.47
C GLU B 149 -8.15 41.50 -23.53
N ASP B 150 -8.90 40.53 -24.06
CA ASP B 150 -10.35 40.53 -23.89
C ASP B 150 -10.73 40.40 -22.43
N GLY B 151 -10.07 39.52 -21.70
CA GLY B 151 -10.40 39.27 -20.31
C GLY B 151 -10.78 37.82 -20.08
N THR B 152 -10.69 37.03 -21.14
CA THR B 152 -11.02 35.62 -21.06
C THR B 152 -9.82 34.83 -20.57
N LEU B 153 -10.08 33.73 -19.89
CA LEU B 153 -9.03 32.93 -19.29
C LEU B 153 -8.98 31.56 -19.95
N LEU B 154 -8.01 30.77 -19.47
CA LEU B 154 -7.84 29.39 -19.90
C LEU B 154 -7.03 28.71 -18.81
N TYR B 155 -7.51 27.58 -18.30
CA TYR B 155 -6.99 27.02 -17.06
C TYR B 155 -7.18 25.51 -17.14
N THR B 156 -6.10 24.79 -17.42
CA THR B 156 -6.17 23.34 -17.49
C THR B 156 -5.37 22.71 -16.37
N MET B 157 -5.80 21.52 -15.97
CA MET B 157 -5.18 20.77 -14.88
C MET B 157 -4.99 19.34 -15.34
N ARG B 158 -3.77 18.83 -15.26
CA ARG B 158 -3.50 17.45 -15.66
C ARG B 158 -3.78 16.56 -14.46
N LEU B 159 -4.98 16.00 -14.41
CA LEU B 159 -5.44 15.29 -13.24
C LEU B 159 -5.57 13.79 -13.52
N THR B 160 -5.67 13.03 -12.45
CA THR B 160 -6.02 11.61 -12.51
C THR B 160 -7.12 11.39 -11.50
N VAL B 161 -8.29 11.00 -11.99
CA VAL B 161 -9.47 10.85 -11.13
C VAL B 161 -9.94 9.41 -11.22
N ARG B 162 -10.21 8.81 -10.06
CA ARG B 162 -10.84 7.52 -9.99
C ARG B 162 -12.24 7.68 -9.41
N ALA B 163 -13.17 6.85 -9.88
CA ALA B 163 -14.57 7.00 -9.52
C ALA B 163 -15.25 5.64 -9.56
N GLU B 164 -16.24 5.48 -8.69
CA GLU B 164 -17.00 4.24 -8.63
C GLU B 164 -17.94 4.13 -9.81
N CYS B 165 -17.92 2.98 -10.48
CA CYS B 165 -18.80 2.69 -11.60
C CYS B 165 -19.72 1.57 -11.15
N PRO B 166 -20.89 1.90 -10.59
CA PRO B 166 -21.74 0.86 -9.99
C PRO B 166 -22.39 -0.02 -11.04
N MET B 167 -21.88 -1.23 -11.19
CA MET B 167 -22.35 -2.14 -12.23
C MET B 167 -23.28 -3.17 -11.63
N HIS B 168 -24.05 -3.81 -12.50
CA HIS B 168 -24.89 -4.94 -12.12
C HIS B 168 -24.41 -6.17 -12.88
N LEU B 169 -24.60 -7.33 -12.27
CA LEU B 169 -24.03 -8.58 -12.77
C LEU B 169 -25.12 -9.51 -13.31
N GLU B 170 -26.11 -8.95 -13.99
CA GLU B 170 -27.14 -9.75 -14.62
C GLU B 170 -26.66 -10.42 -15.91
N ASP B 171 -25.57 -9.94 -16.49
CA ASP B 171 -24.99 -10.51 -17.69
C ASP B 171 -23.49 -10.73 -17.48
N PHE B 172 -23.13 -11.24 -16.29
CA PHE B 172 -21.79 -11.40 -15.74
C PHE B 172 -20.70 -11.97 -16.67
N PRO B 173 -21.01 -12.87 -17.64
CA PRO B 173 -19.99 -13.12 -18.68
C PRO B 173 -19.77 -11.94 -19.63
N MET B 174 -20.85 -11.41 -20.20
CA MET B 174 -20.75 -10.49 -21.33
C MET B 174 -21.64 -9.26 -21.11
N ASP B 175 -21.53 -8.65 -19.93
CA ASP B 175 -22.27 -7.42 -19.66
C ASP B 175 -21.58 -6.21 -20.28
N ALA B 176 -22.29 -5.09 -20.25
CA ALA B 176 -21.79 -3.81 -20.74
C ALA B 176 -22.36 -2.72 -19.85
N HIS B 177 -21.56 -1.70 -19.56
CA HIS B 177 -21.98 -0.68 -18.62
C HIS B 177 -21.60 0.70 -19.13
N ALA B 178 -22.08 1.72 -18.40
CA ALA B 178 -21.83 3.12 -18.71
C ALA B 178 -21.31 3.76 -17.43
N CYS B 179 -20.01 3.90 -17.35
CA CYS B 179 -19.39 4.47 -16.17
C CYS B 179 -19.62 5.96 -16.11
N PRO B 180 -20.11 6.50 -15.01
CA PRO B 180 -20.44 7.92 -14.94
C PRO B 180 -19.27 8.76 -14.44
N LEU B 181 -19.40 10.06 -14.66
CA LEU B 181 -18.46 11.05 -14.16
C LEU B 181 -19.23 12.36 -14.05
N LYS B 182 -19.55 12.74 -12.82
CA LYS B 182 -20.33 13.93 -12.56
C LYS B 182 -19.43 14.99 -11.95
N PHE B 183 -19.50 16.21 -12.49
CA PHE B 183 -18.73 17.29 -11.88
C PHE B 183 -19.47 18.60 -11.95
N GLY B 184 -19.12 19.49 -11.03
CA GLY B 184 -19.78 20.77 -10.94
C GLY B 184 -19.23 21.56 -9.76
N SER B 185 -19.91 22.66 -9.46
CA SER B 185 -19.45 23.57 -8.42
C SER B 185 -19.75 23.00 -7.04
N TYR B 186 -19.08 23.57 -6.04
CA TYR B 186 -19.29 23.17 -4.66
C TYR B 186 -19.91 24.27 -3.81
N ALA B 187 -19.41 25.50 -3.92
CA ALA B 187 -19.91 26.60 -3.10
C ALA B 187 -20.72 27.62 -3.89
N TYR B 188 -20.93 27.41 -5.18
CA TYR B 188 -21.63 28.36 -6.02
C TYR B 188 -22.85 27.69 -6.64
N THR B 189 -24.01 28.32 -6.48
CA THR B 189 -25.29 27.76 -6.88
C THR B 189 -25.47 27.99 -8.39
N ARG B 190 -26.61 27.54 -8.95
CA ARG B 190 -26.94 27.82 -10.35
C ARG B 190 -27.15 29.30 -10.60
N ALA B 191 -27.49 30.08 -9.58
CA ALA B 191 -27.58 31.53 -9.68
C ALA B 191 -26.24 32.21 -9.48
N GLU B 192 -25.16 31.44 -9.33
CA GLU B 192 -23.82 32.00 -9.16
C GLU B 192 -22.89 31.67 -10.33
N VAL B 193 -22.73 30.38 -10.64
CA VAL B 193 -21.90 29.97 -11.77
C VAL B 193 -22.74 29.08 -12.66
N VAL B 194 -22.33 28.98 -13.93
CA VAL B 194 -23.02 28.17 -14.93
C VAL B 194 -21.95 27.42 -15.72
N TYR B 195 -22.06 26.10 -15.79
CA TYR B 195 -21.17 25.33 -16.64
C TYR B 195 -21.79 25.11 -18.00
N GLU B 196 -20.91 24.99 -19.00
CA GLU B 196 -21.29 24.80 -20.38
C GLU B 196 -20.07 24.20 -21.06
N TRP B 197 -20.31 23.33 -22.03
CA TRP B 197 -19.19 22.74 -22.72
C TRP B 197 -18.58 23.76 -23.69
N THR B 198 -17.29 23.61 -23.93
CA THR B 198 -16.56 24.59 -24.73
C THR B 198 -16.96 24.50 -26.19
N ARG B 199 -16.74 23.35 -26.80
CA ARG B 199 -17.23 23.09 -28.14
C ARG B 199 -18.63 22.50 -28.03
N GLU B 200 -19.10 21.89 -29.10
CA GLU B 200 -20.36 21.17 -29.08
C GLU B 200 -20.23 19.94 -28.17
N PRO B 201 -21.29 19.61 -27.42
CA PRO B 201 -21.21 18.50 -26.46
C PRO B 201 -20.96 17.15 -27.09
N ALA B 202 -21.23 16.96 -28.37
CA ALA B 202 -20.79 15.75 -29.03
C ALA B 202 -19.28 15.70 -29.20
N ARG B 203 -18.62 16.84 -29.25
CA ARG B 203 -17.20 16.95 -29.58
C ARG B 203 -16.42 17.61 -28.45
N SER B 204 -16.67 17.19 -27.21
CA SER B 204 -16.02 17.84 -26.08
C SER B 204 -15.36 16.89 -25.09
N VAL B 205 -15.38 15.59 -25.34
CA VAL B 205 -14.55 14.64 -24.61
C VAL B 205 -13.85 13.75 -25.63
N VAL B 206 -12.52 13.77 -25.61
CA VAL B 206 -11.72 13.26 -26.71
C VAL B 206 -10.72 12.24 -26.17
N VAL B 207 -10.82 11.01 -26.65
CA VAL B 207 -9.74 10.05 -26.48
C VAL B 207 -8.63 10.40 -27.47
N ALA B 208 -7.38 10.34 -27.03
CA ALA B 208 -6.28 10.94 -27.78
C ALA B 208 -6.00 10.27 -29.12
N GLU B 209 -5.36 9.09 -29.10
CA GLU B 209 -5.37 8.24 -30.27
C GLU B 209 -5.75 6.81 -29.87
N ASP B 210 -5.03 6.30 -28.88
CA ASP B 210 -5.16 4.93 -28.41
C ASP B 210 -4.98 4.87 -26.91
N GLY B 211 -5.62 5.79 -26.18
CA GLY B 211 -5.44 5.87 -24.74
C GLY B 211 -6.16 4.76 -24.01
N SER B 212 -5.64 3.54 -24.14
CA SER B 212 -6.33 2.34 -23.66
C SER B 212 -5.37 1.57 -22.75
N ARG B 213 -5.53 1.76 -21.44
CA ARG B 213 -4.96 0.86 -20.46
C ARG B 213 -5.92 -0.24 -20.06
N LEU B 214 -6.90 -0.51 -20.92
CA LEU B 214 -7.95 -1.47 -20.63
C LEU B 214 -7.45 -2.89 -20.84
N ASN B 215 -7.92 -3.80 -20.00
CA ASN B 215 -7.63 -5.21 -20.17
C ASN B 215 -8.90 -6.00 -20.46
N GLN B 216 -9.88 -5.93 -19.58
CA GLN B 216 -11.08 -6.75 -19.69
C GLN B 216 -12.10 -6.17 -20.64
N TYR B 217 -12.07 -4.87 -20.89
CA TYR B 217 -13.16 -4.15 -21.51
C TYR B 217 -12.75 -3.55 -22.84
N ASP B 218 -13.74 -2.95 -23.51
CA ASP B 218 -13.55 -2.27 -24.79
C ASP B 218 -14.31 -0.94 -24.74
N LEU B 219 -13.57 0.16 -24.74
CA LEU B 219 -14.17 1.48 -24.85
C LEU B 219 -14.65 1.70 -26.28
N LEU B 220 -15.90 2.15 -26.42
CA LEU B 220 -16.45 2.37 -27.75
C LEU B 220 -17.07 3.75 -27.91
N GLY B 221 -17.69 4.28 -26.86
CA GLY B 221 -18.36 5.56 -27.02
C GLY B 221 -18.56 6.26 -25.69
N GLN B 222 -19.08 7.48 -25.80
CA GLN B 222 -19.31 8.32 -24.62
C GLN B 222 -20.49 9.24 -24.89
N THR B 223 -21.05 9.76 -23.81
CA THR B 223 -22.27 10.57 -23.89
C THR B 223 -22.29 11.55 -22.74
N VAL B 224 -22.21 12.84 -23.03
CA VAL B 224 -22.29 13.84 -21.98
C VAL B 224 -23.70 14.42 -21.97
N ASP B 225 -24.03 15.06 -20.85
CA ASP B 225 -25.25 15.85 -20.73
C ASP B 225 -25.10 16.81 -19.56
N SER B 226 -26.04 17.75 -19.48
CA SER B 226 -26.11 18.67 -18.36
C SER B 226 -27.04 18.07 -17.31
N GLY B 227 -27.41 18.88 -16.33
CA GLY B 227 -28.27 18.40 -15.28
C GLY B 227 -28.26 19.33 -14.08
N ILE B 228 -29.41 19.47 -13.43
CA ILE B 228 -29.56 20.37 -12.30
C ILE B 228 -29.99 19.52 -11.11
N VAL B 229 -29.14 19.47 -10.08
CA VAL B 229 -29.39 18.64 -8.90
C VAL B 229 -29.76 19.55 -7.75
N GLN B 230 -30.96 19.36 -7.21
CA GLN B 230 -31.41 20.09 -6.05
C GLN B 230 -30.82 19.46 -4.79
N SER B 231 -30.31 20.30 -3.89
CA SER B 231 -29.70 19.84 -2.65
C SER B 231 -30.44 20.47 -1.47
N SER B 232 -29.92 20.21 -0.27
CA SER B 232 -30.45 20.87 0.92
C SER B 232 -30.03 22.33 0.99
N THR B 233 -28.93 22.70 0.35
CA THR B 233 -28.52 24.08 0.25
C THR B 233 -29.21 24.79 -0.91
N GLY B 234 -29.07 24.26 -2.11
CA GLY B 234 -29.69 24.86 -3.28
C GLY B 234 -29.78 23.91 -4.47
N GLU B 235 -29.52 24.44 -5.66
CA GLU B 235 -29.55 23.67 -6.89
C GLU B 235 -28.26 23.91 -7.64
N TYR B 236 -27.47 22.86 -7.82
CA TYR B 236 -26.17 22.96 -8.47
C TYR B 236 -26.24 22.35 -9.86
N VAL B 237 -25.57 22.98 -10.82
CA VAL B 237 -25.53 22.44 -12.18
C VAL B 237 -24.45 21.38 -12.25
N VAL B 238 -24.76 20.27 -12.91
CA VAL B 238 -23.89 19.11 -12.94
C VAL B 238 -23.68 18.72 -14.39
N MET B 239 -22.42 18.68 -14.83
CA MET B 239 -22.09 18.04 -16.09
C MET B 239 -21.85 16.57 -15.81
N THR B 240 -22.58 15.71 -16.52
CA THR B 240 -22.50 14.27 -16.34
C THR B 240 -21.99 13.66 -17.64
N THR B 241 -21.10 12.68 -17.52
CA THR B 241 -20.47 12.04 -18.66
C THR B 241 -20.48 10.54 -18.47
N HIS B 242 -20.99 9.81 -19.46
CA HIS B 242 -21.00 8.36 -19.41
C HIS B 242 -20.04 7.79 -20.45
N PHE B 243 -19.28 6.80 -20.03
CA PHE B 243 -18.39 6.04 -20.91
C PHE B 243 -18.99 4.65 -21.09
N HIS B 244 -19.37 4.32 -22.32
CA HIS B 244 -19.94 3.02 -22.61
C HIS B 244 -18.82 2.04 -22.86
N LEU B 245 -18.87 0.88 -22.21
CA LEU B 245 -17.81 -0.10 -22.33
C LEU B 245 -18.38 -1.50 -22.20
N LYS B 246 -17.76 -2.43 -22.92
CA LYS B 246 -18.22 -3.80 -23.02
C LYS B 246 -17.01 -4.73 -22.96
N ARG B 247 -17.21 -5.91 -22.41
CA ARG B 247 -16.09 -6.81 -22.15
C ARG B 247 -15.57 -7.45 -23.42
N LYS B 248 -14.25 -7.68 -23.45
CA LYS B 248 -13.69 -8.64 -24.36
C LYS B 248 -14.17 -10.04 -23.96
N ILE B 249 -14.50 -10.86 -24.96
CA ILE B 249 -14.96 -12.21 -24.66
C ILE B 249 -13.80 -13.08 -24.15
N GLY B 250 -12.82 -13.35 -25.02
CA GLY B 250 -11.49 -13.86 -24.69
C GLY B 250 -11.27 -14.98 -23.69
N TYR B 251 -10.13 -14.91 -23.01
CA TYR B 251 -9.72 -15.91 -22.05
C TYR B 251 -10.58 -15.93 -20.79
N PHE B 252 -11.32 -14.85 -20.49
CA PHE B 252 -12.30 -14.88 -19.42
C PHE B 252 -13.43 -15.88 -19.69
N VAL B 253 -13.69 -16.18 -20.96
CA VAL B 253 -14.58 -17.29 -21.33
C VAL B 253 -13.79 -18.58 -21.56
N ILE B 254 -12.60 -18.46 -22.14
CA ILE B 254 -11.83 -19.64 -22.54
C ILE B 254 -11.33 -20.43 -21.31
N GLN B 255 -10.63 -19.77 -20.39
CA GLN B 255 -10.06 -20.41 -19.21
C GLN B 255 -11.10 -20.89 -18.21
N THR B 256 -12.36 -20.48 -18.38
CA THR B 256 -13.47 -20.97 -17.56
C THR B 256 -14.27 -22.07 -18.25
N TYR B 257 -14.31 -22.09 -19.57
CA TYR B 257 -15.13 -23.07 -20.29
C TYR B 257 -14.35 -24.28 -20.76
N LEU B 258 -13.06 -24.13 -21.06
CA LEU B 258 -12.25 -25.27 -21.51
C LEU B 258 -11.93 -26.31 -20.43
N PRO B 259 -11.64 -25.95 -19.16
CA PRO B 259 -11.66 -27.00 -18.13
C PRO B 259 -13.05 -27.54 -17.85
N CYS B 260 -14.10 -26.78 -18.15
CA CYS B 260 -15.44 -27.34 -18.20
C CYS B 260 -15.66 -28.17 -19.46
N ILE B 261 -14.98 -27.84 -20.56
CA ILE B 261 -15.11 -28.63 -21.78
C ILE B 261 -14.46 -29.99 -21.61
N MET B 262 -13.34 -30.07 -20.88
CA MET B 262 -12.75 -31.36 -20.58
C MET B 262 -13.64 -32.22 -19.69
N THR B 263 -14.34 -31.60 -18.74
CA THR B 263 -15.26 -32.35 -17.88
C THR B 263 -16.47 -32.85 -18.67
N VAL B 264 -17.02 -32.01 -19.55
CA VAL B 264 -18.20 -32.44 -20.30
C VAL B 264 -17.79 -33.41 -21.41
N ILE B 265 -16.51 -33.44 -21.78
CA ILE B 265 -16.04 -34.47 -22.71
C ILE B 265 -15.85 -35.78 -21.95
N LEU B 266 -15.38 -35.71 -20.71
CA LEU B 266 -15.22 -36.92 -19.90
C LEU B 266 -16.58 -37.51 -19.54
N SER B 267 -17.60 -36.66 -19.43
CA SER B 267 -18.95 -37.16 -19.17
C SER B 267 -19.49 -37.94 -20.37
N GLN B 268 -19.15 -37.50 -21.58
CA GLN B 268 -19.55 -38.25 -22.77
C GLN B 268 -18.70 -39.51 -22.93
N VAL B 269 -17.44 -39.45 -22.48
CA VAL B 269 -16.56 -40.62 -22.60
C VAL B 269 -16.94 -41.67 -21.57
N SER B 270 -17.54 -41.25 -20.45
CA SER B 270 -17.92 -42.21 -19.41
C SER B 270 -19.14 -43.02 -19.82
N PHE B 271 -20.07 -42.40 -20.55
CA PHE B 271 -21.28 -43.06 -21.02
C PHE B 271 -21.17 -43.61 -22.43
N TRP B 272 -19.95 -43.90 -22.89
CA TRP B 272 -19.78 -44.36 -24.28
C TRP B 272 -20.12 -45.83 -24.41
N LEU B 273 -19.48 -46.69 -23.62
CA LEU B 273 -19.68 -48.13 -23.72
C LEU B 273 -19.38 -48.75 -22.36
N ASN B 274 -19.62 -50.06 -22.27
CA ASN B 274 -19.39 -50.83 -21.05
C ASN B 274 -18.74 -52.17 -21.35
N ARG B 275 -17.93 -52.23 -22.41
CA ARG B 275 -17.25 -53.48 -22.75
C ARG B 275 -16.09 -53.79 -21.81
N GLU B 276 -15.46 -52.75 -21.25
CA GLU B 276 -14.35 -52.93 -20.33
C GLU B 276 -14.89 -53.02 -18.90
N SER B 277 -14.00 -52.88 -17.92
CA SER B 277 -14.38 -52.97 -16.52
C SER B 277 -15.23 -51.76 -16.10
N VAL B 278 -16.19 -52.02 -15.23
CA VAL B 278 -17.10 -51.00 -14.70
C VAL B 278 -16.47 -50.07 -13.67
N PRO B 279 -15.69 -50.51 -12.65
CA PRO B 279 -15.14 -49.51 -11.71
C PRO B 279 -14.06 -48.60 -12.28
N ALA B 280 -13.65 -48.78 -13.55
CA ALA B 280 -12.81 -47.79 -14.20
C ALA B 280 -13.60 -46.51 -14.49
N ARG B 281 -14.93 -46.62 -14.55
CA ARG B 281 -15.74 -45.43 -14.82
C ARG B 281 -15.98 -44.62 -13.55
N THR B 282 -16.12 -45.31 -12.41
CA THR B 282 -16.57 -44.67 -11.17
C THR B 282 -15.55 -43.68 -10.65
N VAL B 283 -14.26 -44.05 -10.69
CA VAL B 283 -13.20 -43.13 -10.27
C VAL B 283 -13.06 -41.99 -11.26
N PHE B 284 -13.56 -42.17 -12.48
CA PHE B 284 -13.61 -41.08 -13.45
C PHE B 284 -14.54 -39.97 -12.99
N GLY B 285 -15.50 -40.30 -12.12
CA GLY B 285 -16.32 -39.25 -11.53
C GLY B 285 -15.55 -38.40 -10.55
N VAL B 286 -14.54 -38.99 -9.89
CA VAL B 286 -13.87 -38.35 -8.76
C VAL B 286 -13.13 -37.09 -9.21
N THR B 287 -12.46 -37.18 -10.36
CA THR B 287 -11.82 -36.01 -10.98
C THR B 287 -12.84 -34.92 -11.27
N THR B 288 -14.02 -35.31 -11.76
CA THR B 288 -15.07 -34.34 -12.04
C THR B 288 -15.62 -33.72 -10.76
N VAL B 289 -15.38 -34.35 -9.60
CA VAL B 289 -15.61 -33.66 -8.35
C VAL B 289 -14.61 -32.53 -8.17
N LEU B 290 -13.31 -32.85 -8.26
CA LEU B 290 -12.28 -31.89 -7.91
C LEU B 290 -12.15 -30.78 -8.93
N THR B 291 -12.50 -31.04 -10.19
CA THR B 291 -12.59 -29.99 -11.19
C THR B 291 -13.64 -28.96 -10.80
N MET B 292 -14.76 -29.42 -10.20
CA MET B 292 -15.75 -28.53 -9.62
C MET B 292 -15.16 -27.67 -8.53
N THR B 293 -14.16 -28.18 -7.81
CA THR B 293 -13.40 -27.35 -6.89
C THR B 293 -12.62 -26.28 -7.63
N THR B 294 -11.93 -26.68 -8.71
CA THR B 294 -11.00 -25.76 -9.38
C THR B 294 -11.72 -24.65 -10.11
N LEU B 295 -12.90 -24.95 -10.66
CA LEU B 295 -13.71 -23.90 -11.25
C LEU B 295 -14.40 -23.03 -10.21
N SER B 296 -14.50 -23.50 -8.96
CA SER B 296 -15.15 -22.70 -7.94
C SER B 296 -14.23 -21.60 -7.42
N ILE B 297 -12.95 -21.92 -7.23
CA ILE B 297 -12.01 -20.93 -6.72
C ILE B 297 -11.63 -19.94 -7.82
N SER B 298 -11.63 -20.39 -9.08
CA SER B 298 -11.16 -19.59 -10.19
C SER B 298 -12.08 -18.43 -10.53
N ALA B 299 -13.35 -18.46 -10.10
CA ALA B 299 -14.29 -17.41 -10.44
C ALA B 299 -14.45 -16.36 -9.35
N ARG B 300 -14.36 -16.76 -8.08
CA ARG B 300 -14.68 -15.88 -6.97
C ARG B 300 -13.61 -14.82 -6.71
N ASN B 301 -12.43 -14.95 -7.29
CA ASN B 301 -11.33 -14.03 -7.04
C ASN B 301 -11.42 -12.75 -7.87
N SER B 302 -12.41 -12.61 -8.74
CA SER B 302 -12.55 -11.43 -9.59
C SER B 302 -13.71 -10.54 -9.17
N LEU B 303 -14.84 -11.12 -8.86
CA LEU B 303 -16.01 -10.32 -8.54
C LEU B 303 -16.13 -10.13 -7.02
N PRO B 304 -16.75 -9.03 -6.58
CA PRO B 304 -17.03 -8.89 -5.15
C PRO B 304 -18.12 -9.86 -4.70
N LYS B 305 -18.21 -10.01 -3.37
CA LYS B 305 -19.21 -10.88 -2.76
C LYS B 305 -20.56 -10.15 -2.81
N VAL B 306 -21.34 -10.45 -3.84
CA VAL B 306 -22.65 -9.84 -4.01
C VAL B 306 -23.71 -10.82 -3.51
N ALA B 307 -24.86 -10.26 -3.11
CA ALA B 307 -25.93 -11.09 -2.57
C ALA B 307 -26.72 -11.78 -3.68
N TYR B 308 -27.02 -11.05 -4.75
CA TYR B 308 -27.80 -11.62 -5.84
C TYR B 308 -26.92 -12.52 -6.70
N ALA B 309 -27.50 -13.61 -7.18
CA ALA B 309 -26.76 -14.53 -8.03
C ALA B 309 -26.56 -13.92 -9.42
N THR B 310 -25.46 -14.30 -10.07
CA THR B 310 -25.10 -13.72 -11.34
C THR B 310 -25.43 -14.68 -12.49
N ALA B 311 -25.12 -14.27 -13.71
CA ALA B 311 -25.41 -15.09 -14.87
C ALA B 311 -24.41 -16.23 -15.02
N MET B 312 -23.12 -15.94 -14.85
CA MET B 312 -22.09 -16.96 -14.99
C MET B 312 -22.13 -17.99 -13.86
N ASP B 313 -22.67 -17.62 -12.70
CA ASP B 313 -22.84 -18.59 -11.61
C ASP B 313 -23.86 -19.67 -11.97
N TRP B 314 -25.01 -19.29 -12.52
CA TRP B 314 -25.93 -20.30 -13.03
C TRP B 314 -25.39 -20.99 -14.28
N PHE B 315 -24.56 -20.30 -15.07
CA PHE B 315 -23.96 -20.90 -16.26
C PHE B 315 -22.99 -22.02 -15.89
N ILE B 316 -22.31 -21.91 -14.75
CA ILE B 316 -21.51 -23.04 -14.28
C ILE B 316 -22.30 -23.97 -13.38
N ALA B 317 -23.42 -23.49 -12.80
CA ALA B 317 -24.23 -24.36 -11.95
C ALA B 317 -24.96 -25.40 -12.77
N VAL B 318 -25.38 -25.06 -13.98
CA VAL B 318 -25.99 -26.06 -14.86
C VAL B 318 -24.94 -27.07 -15.33
N CYS B 319 -23.69 -26.65 -15.50
CA CYS B 319 -22.62 -27.57 -15.85
C CYS B 319 -22.27 -28.47 -14.67
N TYR B 320 -22.40 -27.97 -13.45
CA TYR B 320 -22.25 -28.81 -12.27
C TYR B 320 -23.40 -29.81 -12.14
N ALA B 321 -24.62 -29.36 -12.43
CA ALA B 321 -25.80 -30.21 -12.34
C ALA B 321 -25.81 -31.29 -13.41
N PHE B 322 -25.13 -31.05 -14.54
CA PHE B 322 -24.97 -32.08 -15.56
C PHE B 322 -24.12 -33.26 -15.08
N VAL B 323 -23.27 -33.04 -14.07
CA VAL B 323 -22.30 -34.07 -13.68
C VAL B 323 -22.91 -35.05 -12.69
N PHE B 324 -23.33 -34.56 -11.52
CA PHE B 324 -23.60 -35.46 -10.41
C PHE B 324 -24.92 -36.22 -10.61
N SER B 325 -25.80 -35.72 -11.47
CA SER B 325 -27.01 -36.47 -11.79
C SER B 325 -26.69 -37.75 -12.55
N ALA B 326 -25.86 -37.63 -13.59
CA ALA B 326 -25.43 -38.81 -14.33
C ALA B 326 -24.53 -39.70 -13.47
N LEU B 327 -23.79 -39.09 -12.54
CA LEU B 327 -22.92 -39.89 -11.66
C LEU B 327 -23.74 -40.69 -10.64
N ILE B 328 -24.80 -40.08 -10.08
CA ILE B 328 -25.70 -40.81 -9.18
C ILE B 328 -26.46 -41.88 -9.95
N GLU B 329 -26.81 -41.60 -11.21
CA GLU B 329 -27.47 -42.60 -12.04
C GLU B 329 -26.58 -43.80 -12.31
N PHE B 330 -25.30 -43.56 -12.66
CA PHE B 330 -24.38 -44.66 -12.89
C PHE B 330 -24.01 -45.37 -11.59
N ALA B 331 -23.99 -44.64 -10.48
CA ALA B 331 -23.75 -45.25 -9.18
C ALA B 331 -24.90 -46.11 -8.71
N THR B 332 -26.12 -45.79 -9.17
CA THR B 332 -27.28 -46.62 -8.83
C THR B 332 -27.35 -47.85 -9.73
N VAL B 333 -27.14 -47.67 -11.04
CA VAL B 333 -27.26 -48.80 -11.96
C VAL B 333 -26.00 -49.64 -12.05
N ASN B 334 -24.89 -49.18 -11.48
CA ASN B 334 -23.63 -49.90 -11.58
C ASN B 334 -22.77 -49.61 -10.35
N THR C 39 15.24 36.97 26.90
CA THR C 39 15.56 38.29 27.44
C THR C 39 16.80 38.86 26.77
N VAL C 40 17.91 38.13 26.87
CA VAL C 40 19.17 38.60 26.33
C VAL C 40 19.49 37.90 25.01
N PHE C 41 19.18 36.61 24.93
CA PHE C 41 19.58 35.78 23.81
C PHE C 41 18.84 36.11 22.52
N THR C 42 17.63 36.67 22.63
CA THR C 42 16.93 37.12 21.44
C THR C 42 17.66 38.28 20.78
N ARG C 43 18.22 39.16 21.60
CA ARG C 43 18.98 40.30 21.11
C ARG C 43 20.27 39.88 20.41
N ILE C 44 20.83 38.71 20.74
CA ILE C 44 22.05 38.29 20.08
C ILE C 44 21.78 37.35 18.91
N LEU C 45 20.67 36.61 18.91
CA LEU C 45 20.31 35.82 17.74
C LEU C 45 19.96 36.68 16.54
N ASP C 46 19.40 37.87 16.78
CA ASP C 46 19.18 38.81 15.69
C ASP C 46 20.48 39.38 15.16
N ARG C 47 21.51 39.50 16.00
CA ARG C 47 22.82 39.90 15.50
C ARG C 47 23.49 38.77 14.73
N LEU C 48 23.21 37.52 15.11
CA LEU C 48 23.69 36.40 14.30
C LEU C 48 22.99 36.33 12.96
N LEU C 49 21.68 36.59 12.92
CA LEU C 49 20.97 36.52 11.66
C LEU C 49 21.19 37.74 10.78
N ASP C 50 21.73 38.83 11.34
CA ASP C 50 21.96 40.05 10.58
C ASP C 50 23.15 39.84 9.65
N GLY C 51 22.89 39.83 8.36
CA GLY C 51 23.93 39.72 7.36
C GLY C 51 24.31 38.31 6.96
N TYR C 52 23.80 37.30 7.66
CA TYR C 52 24.07 35.91 7.30
C TYR C 52 23.09 35.49 6.21
N ASP C 53 23.60 35.29 5.01
CA ASP C 53 22.76 34.82 3.91
C ASP C 53 22.48 33.33 4.09
N ASN C 54 21.21 32.96 3.99
CA ASN C 54 20.76 31.60 4.23
C ASN C 54 21.01 30.68 3.07
N ARG C 55 21.59 31.16 1.97
CA ARG C 55 21.72 30.37 0.76
C ARG C 55 23.17 30.20 0.32
N LEU C 56 24.13 30.60 1.13
CA LEU C 56 25.54 30.58 0.75
C LEU C 56 26.35 29.81 1.77
N ARG C 57 27.28 28.99 1.29
CA ARG C 57 28.21 28.31 2.16
C ARG C 57 29.40 29.21 2.47
N PRO C 58 30.07 28.99 3.60
CA PRO C 58 31.34 29.70 3.85
C PRO C 58 32.43 29.18 2.93
N GLY C 59 33.10 30.09 2.24
CA GLY C 59 34.11 29.71 1.28
C GLY C 59 34.11 30.65 0.10
N LEU C 60 33.98 30.07 -1.11
CA LEU C 60 33.71 30.79 -2.36
C LEU C 60 34.83 31.79 -2.69
N GLY C 61 36.02 31.26 -2.91
CA GLY C 61 37.21 32.08 -3.03
C GLY C 61 37.96 32.03 -1.72
N GLU C 62 37.74 30.96 -0.98
CA GLU C 62 38.32 30.77 0.34
C GLU C 62 38.55 29.28 0.53
N ARG C 63 38.73 28.86 1.79
CA ARG C 63 39.03 27.47 2.09
C ARG C 63 37.85 26.56 1.76
N VAL C 64 38.16 25.31 1.46
CA VAL C 64 37.13 24.32 1.14
C VAL C 64 36.37 23.96 2.39
N THR C 65 35.05 23.94 2.29
CA THR C 65 34.19 23.62 3.43
C THR C 65 34.37 22.15 3.81
N GLU C 66 34.58 21.89 5.10
CA GLU C 66 34.73 20.54 5.60
C GLU C 66 33.60 20.23 6.56
N VAL C 67 32.89 19.15 6.31
CA VAL C 67 31.86 18.71 7.22
C VAL C 67 32.27 17.38 7.81
N LYS C 68 32.01 17.23 9.12
CA LYS C 68 32.40 16.05 9.86
C LYS C 68 31.18 15.18 10.09
N THR C 69 31.22 13.96 9.59
CA THR C 69 30.04 13.12 9.44
C THR C 69 30.10 11.96 10.41
N ASP C 70 28.99 11.73 11.11
CA ASP C 70 28.87 10.63 12.05
C ASP C 70 27.48 10.04 11.89
N ILE C 71 27.36 8.72 12.05
CA ILE C 71 26.05 8.08 12.05
C ILE C 71 25.91 7.32 13.35
N PHE C 72 24.68 6.85 13.59
CA PHE C 72 24.37 6.01 14.74
C PHE C 72 23.17 5.16 14.34
N VAL C 73 23.43 3.88 14.02
CA VAL C 73 22.36 2.98 13.59
C VAL C 73 21.44 2.72 14.77
N THR C 74 20.22 3.24 14.69
CA THR C 74 19.23 2.96 15.72
C THR C 74 18.78 1.51 15.65
N SER C 75 18.37 1.06 14.46
CA SER C 75 18.14 -0.36 14.27
C SER C 75 18.42 -0.70 12.81
N PHE C 76 18.37 -1.99 12.50
CA PHE C 76 18.60 -2.47 11.15
C PHE C 76 17.42 -3.32 10.76
N GLY C 77 16.52 -2.75 9.95
CA GLY C 77 15.26 -3.36 9.61
C GLY C 77 15.41 -4.59 8.73
N PRO C 78 14.31 -5.30 8.51
CA PRO C 78 14.38 -6.60 7.83
C PRO C 78 14.70 -6.43 6.35
N VAL C 79 15.44 -7.41 5.82
CA VAL C 79 15.68 -7.43 4.39
C VAL C 79 14.43 -7.90 3.68
N SER C 80 14.18 -7.33 2.51
CA SER C 80 13.03 -7.69 1.69
C SER C 80 13.59 -8.28 0.41
N ASP C 81 13.76 -9.60 0.41
CA ASP C 81 14.43 -10.30 -0.68
C ASP C 81 13.58 -10.41 -1.94
N HIS C 82 12.26 -10.27 -1.83
CA HIS C 82 11.38 -10.40 -2.99
C HIS C 82 11.59 -9.26 -3.98
N ASP C 83 11.52 -8.02 -3.49
CA ASP C 83 11.86 -6.85 -4.28
C ASP C 83 13.30 -6.41 -4.10
N MET C 84 14.10 -7.22 -3.41
CA MET C 84 15.57 -7.13 -3.34
C MET C 84 16.02 -5.79 -2.75
N GLU C 85 15.66 -5.60 -1.47
CA GLU C 85 16.05 -4.40 -0.75
C GLU C 85 16.18 -4.72 0.74
N TYR C 86 16.61 -3.72 1.52
CA TYR C 86 16.65 -3.84 2.97
C TYR C 86 16.11 -2.56 3.58
N THR C 87 16.21 -2.46 4.91
CA THR C 87 15.67 -1.34 5.66
C THR C 87 16.67 -0.97 6.73
N ILE C 88 16.87 0.34 6.94
CA ILE C 88 17.65 0.79 8.09
C ILE C 88 17.01 2.05 8.63
N ASP C 89 17.18 2.29 9.93
CA ASP C 89 16.84 3.57 10.54
C ASP C 89 17.94 3.98 11.50
N VAL C 90 18.48 5.19 11.29
CA VAL C 90 19.70 5.66 11.92
C VAL C 90 19.48 7.07 12.48
N PHE C 91 20.46 7.50 13.27
CA PHE C 91 20.72 8.92 13.50
C PHE C 91 21.85 9.33 12.57
N PHE C 92 21.72 10.48 11.93
CA PHE C 92 22.71 10.96 10.98
C PHE C 92 23.21 12.31 11.49
N ARG C 93 24.47 12.37 11.88
CA ARG C 93 25.06 13.57 12.45
C ARG C 93 25.96 14.25 11.43
N GLN C 94 26.04 15.58 11.52
CA GLN C 94 26.96 16.37 10.71
C GLN C 94 27.49 17.52 11.55
N SER C 95 28.71 17.95 11.23
CA SER C 95 29.34 19.02 11.97
C SER C 95 30.28 19.80 11.07
N TRP C 96 30.22 21.13 11.16
CA TRP C 96 31.13 21.98 10.42
C TRP C 96 31.24 23.32 11.14
N LYS C 97 32.17 24.14 10.69
CA LYS C 97 32.45 25.42 11.29
C LYS C 97 31.96 26.55 10.40
N ASP C 98 31.22 27.48 11.00
CA ASP C 98 30.76 28.69 10.31
C ASP C 98 31.27 29.89 11.08
N GLU C 99 32.19 30.64 10.47
CA GLU C 99 32.75 31.82 11.11
C GLU C 99 31.73 32.94 11.26
N ARG C 100 30.64 32.90 10.50
CA ARG C 100 29.59 33.90 10.57
C ARG C 100 28.57 33.61 11.67
N LEU C 101 28.88 32.71 12.60
CA LEU C 101 27.97 32.36 13.67
C LEU C 101 28.61 32.43 15.05
N LYS C 102 29.85 32.90 15.15
CA LYS C 102 30.49 33.02 16.44
C LYS C 102 29.88 34.18 17.24
N PHE C 103 29.98 34.08 18.55
CA PHE C 103 29.38 35.06 19.44
C PHE C 103 30.14 35.05 20.77
N LYS C 104 29.70 35.91 21.68
CA LYS C 104 30.28 35.99 23.02
C LYS C 104 29.12 35.98 24.02
N GLY C 105 28.74 34.80 24.48
CA GLY C 105 27.62 34.65 25.36
C GLY C 105 28.03 34.22 26.76
N PRO C 106 27.05 34.07 27.65
CA PRO C 106 27.39 33.65 29.02
C PRO C 106 27.79 32.18 29.13
N MET C 107 27.16 31.29 28.38
CA MET C 107 27.49 29.88 28.44
C MET C 107 28.22 29.47 27.17
N THR C 108 28.72 28.24 27.17
CA THR C 108 29.64 27.80 26.12
C THR C 108 28.92 27.41 24.84
N VAL C 109 28.11 26.35 24.90
CA VAL C 109 27.38 25.88 23.74
C VAL C 109 25.94 26.35 23.87
N LEU C 110 25.21 26.28 22.76
CA LEU C 110 23.88 26.87 22.67
C LEU C 110 22.99 25.95 21.85
N ARG C 111 21.95 25.42 22.49
CA ARG C 111 21.03 24.47 21.88
C ARG C 111 19.84 25.21 21.30
N LEU C 112 19.37 24.75 20.14
CA LEU C 112 18.28 25.40 19.43
C LEU C 112 17.31 24.35 18.91
N ASN C 113 16.23 24.82 18.30
CA ASN C 113 15.21 23.96 17.72
C ASN C 113 15.46 23.76 16.23
N ASN C 114 14.53 23.09 15.56
CA ASN C 114 14.60 22.93 14.13
C ASN C 114 14.17 24.18 13.37
N LEU C 115 13.58 25.16 14.06
CA LEU C 115 13.13 26.38 13.41
C LEU C 115 14.31 27.23 12.97
N MET C 116 15.28 27.44 13.86
CA MET C 116 16.51 28.13 13.48
C MET C 116 17.35 27.28 12.54
N ALA C 117 17.25 25.95 12.64
CA ALA C 117 18.02 25.04 11.81
C ALA C 117 17.61 25.10 10.33
N SER C 118 16.43 25.63 10.02
CA SER C 118 16.04 25.83 8.64
C SER C 118 16.67 27.07 8.02
N LYS C 119 17.35 27.89 8.81
CA LYS C 119 17.93 29.14 8.32
C LYS C 119 19.42 29.03 8.03
N ILE C 120 20.15 28.29 8.86
CA ILE C 120 21.58 28.10 8.63
C ILE C 120 21.77 27.13 7.47
N TRP C 121 22.72 27.46 6.59
CA TRP C 121 23.08 26.60 5.47
C TRP C 121 23.54 25.22 5.94
N THR C 122 22.85 24.19 5.46
CA THR C 122 23.19 22.80 5.69
C THR C 122 23.51 22.14 4.36
N PRO C 123 24.41 21.15 4.32
CA PRO C 123 24.76 20.53 3.05
C PRO C 123 23.64 19.62 2.53
N ASP C 124 23.75 19.28 1.25
CA ASP C 124 22.76 18.46 0.55
C ASP C 124 23.21 17.00 0.51
N THR C 125 23.03 16.33 1.65
CA THR C 125 23.47 14.96 1.78
C THR C 125 22.35 14.02 1.41
N PHE C 126 22.51 13.29 0.31
CA PHE C 126 21.49 12.35 -0.11
C PHE C 126 22.13 10.98 -0.23
N PHE C 127 21.30 9.94 -0.13
CA PHE C 127 21.80 8.57 -0.26
C PHE C 127 21.71 8.14 -1.71
N HIS C 128 22.78 7.51 -2.20
CA HIS C 128 22.80 7.06 -3.58
C HIS C 128 21.95 5.82 -3.80
N ASN C 129 21.65 5.09 -2.72
CA ASN C 129 20.99 3.81 -2.84
C ASN C 129 19.57 3.83 -2.28
N GLY C 130 19.18 4.89 -1.59
CA GLY C 130 17.84 4.98 -1.03
C GLY C 130 16.83 5.24 -2.11
N LYS C 131 15.87 4.31 -2.25
CA LYS C 131 14.80 4.46 -3.22
C LYS C 131 13.53 5.05 -2.61
N LYS C 132 13.39 4.99 -1.29
CA LYS C 132 12.27 5.62 -0.61
C LYS C 132 12.70 5.86 0.83
N SER C 133 12.71 7.12 1.24
CA SER C 133 13.21 7.47 2.55
C SER C 133 12.31 8.51 3.18
N VAL C 134 12.26 8.51 4.51
CA VAL C 134 11.43 9.42 5.26
C VAL C 134 12.27 10.15 6.30
N ALA C 135 12.03 11.45 6.40
CA ALA C 135 12.58 12.26 7.49
C ALA C 135 11.48 12.38 8.53
N HIS C 136 11.66 11.70 9.66
CA HIS C 136 10.59 11.58 10.65
C HIS C 136 10.35 12.90 11.36
N ASN C 137 9.09 13.20 11.63
CA ASN C 137 8.74 14.32 12.48
C ASN C 137 7.61 13.93 13.41
N MET C 138 7.69 14.40 14.66
CA MET C 138 6.66 14.13 15.65
C MET C 138 6.72 15.24 16.68
N THR C 139 5.74 16.16 16.60
CA THR C 139 5.52 17.42 17.31
C THR C 139 6.51 18.51 16.85
N MET C 140 7.52 18.10 16.11
CA MET C 140 8.64 18.89 15.63
C MET C 140 9.37 18.06 14.59
N PRO C 141 10.08 18.69 13.66
CA PRO C 141 11.02 17.93 12.83
C PRO C 141 12.17 17.45 13.70
N ASN C 142 12.52 16.16 13.58
CA ASN C 142 13.51 15.52 14.44
C ASN C 142 14.92 15.98 14.04
N LYS C 143 15.20 17.24 14.34
CA LYS C 143 16.44 17.89 13.94
C LYS C 143 16.83 18.85 15.04
N LEU C 144 18.04 18.69 15.59
CA LEU C 144 18.56 19.62 16.58
C LEU C 144 19.73 20.40 16.00
N LEU C 145 19.97 21.57 16.60
CA LEU C 145 21.05 22.45 16.18
C LEU C 145 21.81 22.91 17.42
N ARG C 146 23.05 22.45 17.54
CA ARG C 146 23.90 22.80 18.68
C ARG C 146 25.01 23.69 18.17
N ILE C 147 24.89 24.99 18.40
CA ILE C 147 25.91 25.93 17.95
C ILE C 147 26.94 26.11 19.07
N THR C 148 28.20 25.87 18.75
CA THR C 148 29.27 26.13 19.68
C THR C 148 29.73 27.59 19.57
N GLU C 149 30.39 28.06 20.61
CA GLU C 149 30.92 29.41 20.61
C GLU C 149 32.14 29.53 19.69
N ASP C 150 32.82 28.40 19.44
CA ASP C 150 33.98 28.39 18.57
C ASP C 150 33.64 28.69 17.11
N GLY C 151 32.42 28.38 16.70
CA GLY C 151 32.04 28.56 15.31
C GLY C 151 31.55 27.28 14.69
N THR C 152 31.87 26.15 15.33
CA THR C 152 31.38 24.87 14.86
C THR C 152 29.96 24.65 15.34
N LEU C 153 29.30 23.66 14.74
CA LEU C 153 27.94 23.34 15.11
C LEU C 153 27.69 21.87 14.86
N LEU C 154 26.69 21.33 15.55
CA LEU C 154 26.23 19.96 15.38
C LEU C 154 24.81 19.97 14.86
N TYR C 155 24.53 19.12 13.88
CA TYR C 155 23.23 19.10 13.21
C TYR C 155 22.94 17.64 12.85
N THR C 156 21.94 17.06 13.49
CA THR C 156 21.64 15.66 13.28
C THR C 156 20.15 15.45 13.03
N MET C 157 19.84 14.37 12.34
CA MET C 157 18.46 14.04 12.00
C MET C 157 18.26 12.53 12.06
N ARG C 158 17.07 12.13 12.50
CA ARG C 158 16.69 10.71 12.57
C ARG C 158 16.04 10.32 11.26
N LEU C 159 16.57 9.30 10.60
CA LEU C 159 16.17 8.98 9.24
C LEU C 159 15.74 7.52 9.16
N THR C 160 15.29 7.13 7.97
CA THR C 160 14.94 5.74 7.66
C THR C 160 15.10 5.56 6.16
N VAL C 161 15.94 4.61 5.76
CA VAL C 161 16.29 4.42 4.35
C VAL C 161 15.91 3.01 3.94
N ARG C 162 15.15 2.92 2.85
CA ARG C 162 14.81 1.63 2.23
C ARG C 162 15.72 1.35 1.04
N ALA C 163 17.01 1.22 1.31
CA ALA C 163 17.96 1.02 0.22
C ALA C 163 17.96 -0.43 -0.25
N GLU C 164 18.57 -0.66 -1.41
CA GLU C 164 18.58 -1.97 -2.05
C GLU C 164 20.00 -2.46 -2.25
N CYS C 165 20.13 -3.78 -2.45
CA CYS C 165 21.43 -4.40 -2.67
C CYS C 165 21.30 -5.30 -3.89
N PRO C 166 22.20 -5.21 -4.84
CA PRO C 166 22.19 -6.19 -5.95
C PRO C 166 22.69 -7.56 -5.52
N MET C 167 21.79 -8.34 -4.90
CA MET C 167 22.17 -9.67 -4.44
C MET C 167 22.39 -10.60 -5.63
N HIS C 168 23.51 -11.31 -5.61
CA HIS C 168 23.75 -12.41 -6.53
C HIS C 168 23.31 -13.70 -5.86
N LEU C 169 22.66 -14.57 -6.62
CA LEU C 169 21.98 -15.71 -6.02
C LEU C 169 22.51 -17.05 -6.52
N GLU C 170 23.83 -17.21 -6.54
CA GLU C 170 24.39 -18.50 -6.92
C GLU C 170 24.36 -19.50 -5.76
N ASP C 171 24.19 -19.02 -4.53
CA ASP C 171 24.11 -19.90 -3.36
C ASP C 171 23.20 -19.25 -2.30
N PHE C 172 21.92 -19.62 -2.32
CA PHE C 172 20.93 -18.96 -1.47
C PHE C 172 21.07 -19.28 0.02
N PRO C 173 21.34 -20.52 0.47
CA PRO C 173 21.68 -20.68 1.90
C PRO C 173 23.07 -20.20 2.25
N MET C 174 23.95 -20.00 1.26
CA MET C 174 25.31 -19.55 1.50
C MET C 174 25.51 -18.12 1.01
N ASP C 175 24.52 -17.27 1.24
CA ASP C 175 24.62 -15.87 0.87
C ASP C 175 25.64 -15.14 1.74
N ALA C 176 26.42 -14.28 1.13
CA ALA C 176 27.35 -13.39 1.82
C ALA C 176 27.35 -12.07 1.04
N HIS C 177 26.73 -11.05 1.61
CA HIS C 177 26.52 -9.81 0.88
C HIS C 177 27.07 -8.62 1.65
N ALA C 178 27.52 -7.61 0.91
CA ALA C 178 28.04 -6.37 1.46
C ALA C 178 27.12 -5.25 0.97
N CYS C 179 26.09 -4.96 1.75
CA CYS C 179 25.08 -3.99 1.35
C CYS C 179 25.57 -2.56 1.46
N PRO C 180 25.61 -1.81 0.37
CA PRO C 180 26.16 -0.45 0.40
C PRO C 180 25.15 0.57 0.89
N LEU C 181 25.68 1.66 1.44
CA LEU C 181 24.89 2.79 1.89
C LEU C 181 25.57 4.08 1.46
N LYS C 182 25.83 4.19 0.15
CA LYS C 182 26.54 5.35 -0.39
C LYS C 182 25.78 6.65 -0.16
N PHE C 183 26.49 7.66 0.33
CA PHE C 183 25.93 8.99 0.39
C PHE C 183 27.02 10.01 0.08
N GLY C 184 26.63 11.06 -0.63
CA GLY C 184 27.53 12.14 -0.96
C GLY C 184 26.76 13.44 -1.00
N SER C 185 27.45 14.50 -1.44
CA SER C 185 26.77 15.75 -1.71
C SER C 185 25.97 15.64 -3.00
N TYR C 186 25.00 16.54 -3.15
CA TYR C 186 24.19 16.53 -4.37
C TYR C 186 24.58 17.61 -5.36
N ALA C 187 24.88 18.82 -4.89
CA ALA C 187 25.26 19.89 -5.78
C ALA C 187 26.65 20.47 -5.53
N TYR C 188 27.17 20.34 -4.32
CA TYR C 188 28.46 20.94 -4.00
C TYR C 188 29.60 20.02 -4.42
N THR C 189 30.53 20.55 -5.19
CA THR C 189 31.63 19.84 -5.81
C THR C 189 32.65 19.42 -4.74
N ARG C 190 33.61 18.57 -5.11
CA ARG C 190 34.74 18.26 -4.22
C ARG C 190 35.55 19.52 -3.93
N ALA C 191 35.62 20.45 -4.87
CA ALA C 191 36.20 21.76 -4.59
C ALA C 191 35.35 22.58 -3.64
N GLU C 192 34.06 22.25 -3.49
CA GLU C 192 33.19 23.00 -2.59
C GLU C 192 33.18 22.38 -1.19
N VAL C 193 32.75 21.13 -1.07
CA VAL C 193 32.71 20.46 0.23
C VAL C 193 33.41 19.12 0.12
N VAL C 194 33.86 18.61 1.27
CA VAL C 194 34.45 17.28 1.41
C VAL C 194 33.87 16.67 2.67
N TYR C 195 33.39 15.43 2.58
CA TYR C 195 32.92 14.74 3.76
C TYR C 195 34.10 14.08 4.46
N GLU C 196 34.00 13.95 5.78
CA GLU C 196 35.01 13.29 6.58
C GLU C 196 34.34 12.70 7.80
N TRP C 197 34.75 11.49 8.17
CA TRP C 197 34.20 10.88 9.37
C TRP C 197 34.75 11.58 10.61
N THR C 198 33.98 11.55 11.69
CA THR C 198 34.37 12.26 12.89
C THR C 198 35.43 11.50 13.67
N ARG C 199 35.07 10.34 14.18
CA ARG C 199 35.98 9.50 14.95
C ARG C 199 36.77 8.60 14.01
N GLU C 200 37.35 7.54 14.58
CA GLU C 200 38.06 6.52 13.84
C GLU C 200 37.15 5.90 12.77
N PRO C 201 37.49 6.03 11.49
CA PRO C 201 36.59 5.61 10.42
C PRO C 201 36.35 4.12 10.40
N ALA C 202 37.43 3.35 10.32
CA ALA C 202 37.31 1.90 10.21
C ALA C 202 36.87 1.25 11.50
N ARG C 203 36.90 1.98 12.62
CA ARG C 203 36.59 1.41 13.92
C ARG C 203 35.34 2.01 14.54
N SER C 204 35.30 3.34 14.73
CA SER C 204 34.32 3.92 15.62
C SER C 204 33.62 5.14 15.03
N VAL C 205 33.50 5.21 13.71
CA VAL C 205 32.68 6.24 13.10
C VAL C 205 31.26 5.76 12.81
N VAL C 206 31.04 4.45 12.82
CA VAL C 206 29.71 3.87 12.64
C VAL C 206 29.43 3.00 13.85
N VAL C 207 28.19 3.03 14.33
CA VAL C 207 27.84 2.35 15.57
C VAL C 207 26.57 1.54 15.35
N ALA C 208 26.67 0.22 15.50
CA ALA C 208 25.49 -0.62 15.67
C ALA C 208 25.11 -0.63 17.15
N GLU C 209 23.84 -0.37 17.42
CA GLU C 209 23.36 -0.16 18.78
C GLU C 209 22.75 -1.41 19.41
N ASP C 210 23.13 -2.60 18.91
CA ASP C 210 22.73 -3.91 19.44
C ASP C 210 21.22 -4.13 19.44
N GLY C 211 20.49 -3.44 18.58
CA GLY C 211 19.08 -3.73 18.39
C GLY C 211 18.77 -3.96 16.93
N SER C 212 18.42 -5.20 16.57
CA SER C 212 18.19 -5.56 15.18
C SER C 212 16.95 -6.43 15.10
N ARG C 213 15.98 -6.01 14.28
CA ARG C 213 14.73 -6.72 14.09
C ARG C 213 14.81 -7.76 12.98
N LEU C 214 16.01 -8.22 12.65
CA LEU C 214 16.20 -9.16 11.55
C LEU C 214 15.64 -10.53 11.89
N ASN C 215 15.29 -11.27 10.84
CA ASN C 215 14.78 -12.62 10.99
C ASN C 215 15.30 -13.61 9.96
N GLN C 216 16.16 -13.20 9.03
CA GLN C 216 16.69 -14.13 8.06
C GLN C 216 18.21 -14.02 8.01
N TYR C 217 18.72 -12.83 8.31
CA TYR C 217 20.15 -12.56 8.26
C TYR C 217 20.65 -12.28 9.67
N ASP C 218 21.96 -12.07 9.78
CA ASP C 218 22.56 -11.56 11.00
C ASP C 218 23.72 -10.64 10.65
N LEU C 219 23.88 -9.60 11.46
CA LEU C 219 24.86 -8.56 11.17
C LEU C 219 26.24 -9.05 11.55
N LEU C 220 27.06 -9.37 10.55
CA LEU C 220 28.43 -9.79 10.82
C LEU C 220 29.32 -8.60 11.15
N GLY C 221 29.28 -7.56 10.34
CA GLY C 221 30.14 -6.41 10.57
C GLY C 221 29.90 -5.37 9.51
N GLN C 222 30.73 -4.32 9.58
CA GLN C 222 30.59 -3.17 8.70
C GLN C 222 31.96 -2.69 8.27
N THR C 223 31.98 -1.98 7.14
CA THR C 223 33.21 -1.48 6.56
C THR C 223 32.93 -0.19 5.84
N VAL C 224 33.44 0.93 6.35
CA VAL C 224 33.29 2.19 5.65
C VAL C 224 34.35 2.31 4.56
N ASP C 225 34.20 3.32 3.72
CA ASP C 225 35.07 3.55 2.58
C ASP C 225 34.87 4.98 2.12
N SER C 226 35.86 5.51 1.41
CA SER C 226 35.71 6.80 0.76
C SER C 226 36.06 6.64 -0.70
N GLY C 227 35.43 7.45 -1.55
CA GLY C 227 35.71 7.39 -2.97
C GLY C 227 35.37 8.70 -3.64
N ILE C 228 35.73 8.80 -4.92
CA ILE C 228 35.36 9.93 -5.76
C ILE C 228 34.72 9.36 -7.02
N VAL C 229 33.49 9.77 -7.30
CA VAL C 229 32.78 9.33 -8.49
C VAL C 229 32.80 10.46 -9.51
N GLN C 230 33.38 10.18 -10.67
CA GLN C 230 33.36 11.12 -11.77
C GLN C 230 31.96 11.18 -12.37
N SER C 231 31.33 12.35 -12.29
CA SER C 231 29.96 12.52 -12.75
C SER C 231 29.95 13.36 -14.03
N SER C 232 28.78 13.36 -14.69
CA SER C 232 28.59 14.20 -15.87
C SER C 232 28.54 15.68 -15.50
N THR C 233 28.12 15.98 -14.26
CA THR C 233 28.18 17.34 -13.78
C THR C 233 29.59 17.72 -13.34
N GLY C 234 30.16 16.94 -12.43
CA GLY C 234 31.49 17.22 -11.92
C GLY C 234 32.10 16.06 -11.15
N GLU C 235 32.76 16.37 -10.03
CA GLU C 235 33.38 15.37 -9.19
C GLU C 235 32.89 15.54 -7.77
N TYR C 236 32.52 14.43 -7.13
CA TYR C 236 31.87 14.47 -5.84
C TYR C 236 32.43 13.39 -4.92
N VAL C 237 32.58 13.75 -3.65
CA VAL C 237 33.03 12.80 -2.64
C VAL C 237 31.91 11.80 -2.37
N VAL C 238 32.28 10.58 -2.01
CA VAL C 238 31.32 9.51 -1.75
C VAL C 238 31.76 8.79 -0.48
N MET C 239 30.89 8.74 0.51
CA MET C 239 31.11 7.95 1.70
C MET C 239 30.33 6.65 1.55
N THR C 240 31.04 5.53 1.58
CA THR C 240 30.47 4.22 1.35
C THR C 240 30.48 3.47 2.67
N THR C 241 29.46 2.64 2.91
CA THR C 241 29.42 1.79 4.08
C THR C 241 28.80 0.46 3.69
N HIS C 242 29.54 -0.63 3.89
CA HIS C 242 29.05 -1.96 3.58
C HIS C 242 28.69 -2.70 4.86
N PHE C 243 27.56 -3.41 4.82
CA PHE C 243 27.11 -4.27 5.90
C PHE C 243 27.24 -5.71 5.44
N HIS C 244 28.16 -6.45 6.07
CA HIS C 244 28.37 -7.85 5.72
C HIS C 244 27.30 -8.71 6.38
N LEU C 245 26.60 -9.50 5.56
CA LEU C 245 25.45 -10.27 5.98
C LEU C 245 25.54 -11.69 5.46
N LYS C 246 25.15 -12.63 6.31
CA LYS C 246 25.04 -14.04 5.96
C LYS C 246 23.67 -14.52 6.44
N ARG C 247 23.10 -15.49 5.72
CA ARG C 247 21.78 -15.98 6.08
C ARG C 247 21.84 -16.88 7.31
N LYS C 248 20.85 -16.71 8.19
CA LYS C 248 20.69 -17.60 9.33
C LYS C 248 20.38 -19.02 8.89
N ILE C 249 20.63 -19.96 9.80
CA ILE C 249 20.60 -21.38 9.43
C ILE C 249 19.28 -22.07 9.80
N GLY C 250 18.49 -21.48 10.69
CA GLY C 250 17.30 -22.17 11.16
C GLY C 250 15.99 -21.66 10.61
N TYR C 251 16.03 -20.83 9.57
CA TYR C 251 14.81 -20.23 9.05
C TYR C 251 14.22 -21.03 7.89
N PHE C 252 14.99 -21.14 6.79
CA PHE C 252 14.46 -21.81 5.61
C PHE C 252 15.29 -23.04 5.26
N VAL C 253 16.50 -23.13 5.83
CA VAL C 253 17.40 -24.24 5.53
C VAL C 253 16.82 -25.54 6.10
N ILE C 254 16.32 -25.50 7.34
CA ILE C 254 15.66 -26.66 7.90
C ILE C 254 14.31 -26.89 7.23
N GLN C 255 13.68 -25.80 6.76
CA GLN C 255 12.37 -25.86 6.10
C GLN C 255 12.48 -26.57 4.76
N THR C 256 13.67 -26.56 4.15
CA THR C 256 13.90 -27.37 2.96
C THR C 256 14.52 -28.71 3.32
N TYR C 257 15.27 -28.77 4.43
CA TYR C 257 16.05 -29.96 4.74
C TYR C 257 15.17 -31.09 5.28
N LEU C 258 14.11 -30.75 6.00
CA LEU C 258 13.21 -31.80 6.48
C LEU C 258 12.41 -32.49 5.37
N PRO C 259 11.70 -31.80 4.44
CA PRO C 259 10.88 -32.56 3.49
C PRO C 259 11.67 -33.29 2.44
N CYS C 260 12.85 -32.79 2.06
CA CYS C 260 13.67 -33.50 1.08
C CYS C 260 14.19 -34.82 1.65
N ILE C 261 14.56 -34.81 2.93
CA ILE C 261 14.99 -36.04 3.59
C ILE C 261 13.80 -36.99 3.75
N MET C 262 12.61 -36.44 4.01
CA MET C 262 11.40 -37.26 4.04
C MET C 262 11.13 -37.93 2.70
N THR C 263 11.34 -37.20 1.60
CA THR C 263 11.08 -37.76 0.28
C THR C 263 12.14 -38.78 -0.13
N VAL C 264 13.40 -38.58 0.27
CA VAL C 264 14.41 -39.57 -0.12
C VAL C 264 14.31 -40.81 0.77
N ILE C 265 13.70 -40.67 1.96
CA ILE C 265 13.33 -41.85 2.71
C ILE C 265 12.16 -42.58 2.04
N LEU C 266 11.19 -41.82 1.53
CA LEU C 266 10.07 -42.45 0.82
C LEU C 266 10.50 -43.05 -0.51
N SER C 267 11.64 -42.61 -1.05
CA SER C 267 12.16 -43.19 -2.28
C SER C 267 12.79 -44.56 -2.08
N GLN C 268 13.05 -44.97 -0.84
CA GLN C 268 13.79 -46.21 -0.62
C GLN C 268 12.85 -47.41 -0.52
N VAL C 269 11.58 -47.16 -0.16
CA VAL C 269 10.64 -48.25 0.11
C VAL C 269 10.29 -49.01 -1.17
N SER C 270 10.41 -48.35 -2.32
CA SER C 270 10.22 -49.04 -3.59
C SER C 270 11.33 -50.05 -3.84
N PHE C 271 12.56 -49.73 -3.41
CA PHE C 271 13.62 -50.73 -3.43
C PHE C 271 13.39 -51.79 -2.36
N TRP C 272 12.70 -51.42 -1.28
CA TRP C 272 12.35 -52.42 -0.27
C TRP C 272 11.21 -53.33 -0.72
N LEU C 273 10.48 -52.96 -1.77
CA LEU C 273 9.29 -53.70 -2.16
C LEU C 273 9.62 -55.05 -2.78
N ASN C 274 8.62 -55.92 -2.76
CA ASN C 274 8.76 -57.29 -3.26
C ASN C 274 8.79 -57.29 -4.79
N ARG C 275 9.42 -58.33 -5.35
CA ARG C 275 9.31 -58.57 -6.78
C ARG C 275 7.91 -59.03 -7.17
N GLU C 276 7.18 -59.65 -6.23
CA GLU C 276 5.80 -60.05 -6.43
C GLU C 276 4.81 -58.97 -6.02
N SER C 277 5.25 -57.71 -5.91
CA SER C 277 4.41 -56.58 -5.56
C SER C 277 4.64 -55.43 -6.53
N VAL C 278 4.60 -55.73 -7.81
CA VAL C 278 4.92 -54.77 -8.87
C VAL C 278 4.02 -53.53 -9.05
N PRO C 279 2.72 -53.47 -8.72
CA PRO C 279 2.03 -52.18 -8.88
C PRO C 279 2.38 -51.16 -7.81
N ALA C 280 2.81 -51.60 -6.62
CA ALA C 280 3.15 -50.67 -5.55
C ALA C 280 4.40 -49.87 -5.87
N ARG C 281 5.41 -50.51 -6.47
CA ARG C 281 6.62 -49.80 -6.89
C ARG C 281 6.35 -48.82 -8.01
N THR C 282 5.31 -49.05 -8.81
CA THR C 282 4.91 -48.07 -9.80
C THR C 282 4.19 -46.89 -9.17
N VAL C 283 3.22 -47.16 -8.30
CA VAL C 283 2.41 -46.08 -7.77
C VAL C 283 3.12 -45.28 -6.69
N PHE C 284 4.23 -45.78 -6.15
CA PHE C 284 4.95 -45.03 -5.13
C PHE C 284 5.60 -43.79 -5.72
N GLY C 285 6.05 -43.86 -6.97
CA GLY C 285 6.81 -42.76 -7.55
C GLY C 285 5.96 -41.54 -7.85
N VAL C 286 4.76 -41.75 -8.39
CA VAL C 286 3.87 -40.64 -8.68
C VAL C 286 3.37 -39.99 -7.40
N THR C 287 3.11 -40.79 -6.38
CA THR C 287 2.70 -40.25 -5.09
C THR C 287 3.86 -39.52 -4.42
N THR C 288 5.09 -39.91 -4.73
CA THR C 288 6.25 -39.17 -4.25
C THR C 288 6.37 -37.82 -4.95
N VAL C 289 6.16 -37.80 -6.27
CA VAL C 289 6.42 -36.55 -6.98
C VAL C 289 5.28 -35.55 -6.83
N LEU C 290 4.08 -36.01 -6.43
CA LEU C 290 2.97 -35.08 -6.20
C LEU C 290 3.32 -34.05 -5.13
N THR C 291 3.96 -34.49 -4.05
CA THR C 291 4.41 -33.57 -3.03
C THR C 291 5.69 -32.86 -3.40
N MET C 292 6.56 -33.51 -4.18
CA MET C 292 7.83 -32.90 -4.57
C MET C 292 7.61 -31.68 -5.44
N THR C 293 6.64 -31.75 -6.37
CA THR C 293 6.30 -30.60 -7.20
C THR C 293 5.74 -29.44 -6.38
N THR C 294 4.82 -29.72 -5.45
CA THR C 294 4.24 -28.67 -4.63
C THR C 294 5.28 -28.03 -3.70
N LEU C 295 6.20 -28.82 -3.16
CA LEU C 295 7.27 -28.28 -2.35
C LEU C 295 8.28 -27.48 -3.16
N SER C 296 8.53 -27.87 -4.42
CA SER C 296 9.36 -27.04 -5.28
C SER C 296 8.69 -25.70 -5.59
N ILE C 297 7.36 -25.72 -5.80
CA ILE C 297 6.61 -24.49 -5.99
C ILE C 297 6.66 -23.62 -4.75
N SER C 298 6.54 -24.23 -3.57
CA SER C 298 6.59 -23.48 -2.33
C SER C 298 7.97 -22.92 -2.04
N ALA C 299 9.03 -23.65 -2.41
CA ALA C 299 10.38 -23.14 -2.23
C ALA C 299 10.69 -22.02 -3.22
N ARG C 300 10.14 -22.09 -4.42
CA ARG C 300 10.30 -21.02 -5.39
C ARG C 300 9.33 -19.87 -5.18
N ASN C 301 8.37 -20.02 -4.26
CA ASN C 301 7.36 -18.98 -4.05
C ASN C 301 7.95 -17.75 -3.38
N SER C 302 8.54 -17.93 -2.19
CA SER C 302 9.19 -16.82 -1.52
C SER C 302 10.52 -16.44 -2.15
N LEU C 303 11.09 -17.33 -2.95
CA LEU C 303 12.33 -17.05 -3.67
C LEU C 303 12.07 -16.00 -4.75
N PRO C 304 12.88 -14.95 -4.81
CA PRO C 304 12.74 -13.96 -5.88
C PRO C 304 13.20 -14.52 -7.21
N LYS C 305 12.82 -13.83 -8.28
CA LYS C 305 13.17 -14.25 -9.63
C LYS C 305 14.63 -13.94 -9.93
N VAL C 306 15.36 -14.94 -10.37
CA VAL C 306 16.76 -14.78 -10.76
C VAL C 306 17.06 -15.71 -11.93
N ALA C 307 17.79 -15.20 -12.91
CA ALA C 307 18.18 -16.04 -14.04
C ALA C 307 19.27 -17.03 -13.66
N TYR C 308 20.10 -16.67 -12.69
CA TYR C 308 21.15 -17.58 -12.23
C TYR C 308 20.55 -18.70 -11.39
N ALA C 309 21.18 -19.88 -11.49
CA ALA C 309 20.70 -21.04 -10.76
C ALA C 309 21.12 -20.98 -9.31
N THR C 310 20.25 -21.47 -8.43
CA THR C 310 20.51 -21.48 -7.00
C THR C 310 20.93 -22.87 -6.55
N ALA C 311 21.51 -22.94 -5.36
CA ALA C 311 21.99 -24.22 -4.84
C ALA C 311 20.84 -25.13 -4.43
N MET C 312 19.76 -24.56 -3.90
CA MET C 312 18.58 -25.37 -3.58
C MET C 312 17.86 -25.85 -4.83
N ASP C 313 18.02 -25.15 -5.95
CA ASP C 313 17.57 -25.67 -7.23
C ASP C 313 18.36 -26.91 -7.64
N TRP C 314 19.62 -27.00 -7.22
CA TRP C 314 20.35 -28.24 -7.42
C TRP C 314 20.02 -29.27 -6.36
N PHE C 315 19.57 -28.84 -5.18
CA PHE C 315 19.15 -29.80 -4.16
C PHE C 315 17.86 -30.52 -4.56
N ILE C 316 16.88 -29.76 -5.06
CA ILE C 316 15.69 -30.41 -5.60
C ILE C 316 16.00 -31.18 -6.88
N ALA C 317 17.05 -30.80 -7.60
CA ALA C 317 17.49 -31.60 -8.73
C ALA C 317 18.09 -32.93 -8.28
N VAL C 318 18.83 -32.94 -7.17
CA VAL C 318 19.33 -34.20 -6.60
C VAL C 318 18.17 -35.07 -6.14
N CYS C 319 17.13 -34.45 -5.55
CA CYS C 319 15.93 -35.19 -5.18
C CYS C 319 15.22 -35.76 -6.41
N TYR C 320 15.13 -34.99 -7.49
CA TYR C 320 14.53 -35.48 -8.72
C TYR C 320 15.39 -36.55 -9.38
N ALA C 321 16.71 -36.49 -9.18
CA ALA C 321 17.58 -37.55 -9.69
C ALA C 321 17.40 -38.84 -8.91
N PHE C 322 17.18 -38.74 -7.60
CA PHE C 322 16.83 -39.92 -6.82
C PHE C 322 15.49 -40.49 -7.26
N VAL C 323 14.54 -39.61 -7.60
CA VAL C 323 13.26 -40.03 -8.19
C VAL C 323 13.48 -40.76 -9.51
N PHE C 324 14.36 -40.21 -10.35
CA PHE C 324 14.66 -40.80 -11.65
C PHE C 324 15.31 -42.17 -11.51
N SER C 325 16.24 -42.31 -10.55
CA SER C 325 16.82 -43.61 -10.25
C SER C 325 15.80 -44.60 -9.71
N ALA C 326 14.86 -44.13 -8.89
CA ALA C 326 13.81 -45.00 -8.37
C ALA C 326 12.90 -45.50 -9.48
N LEU C 327 12.53 -44.63 -10.42
CA LEU C 327 11.68 -45.08 -11.51
C LEU C 327 12.42 -45.90 -12.55
N ILE C 328 13.74 -45.69 -12.70
CA ILE C 328 14.54 -46.58 -13.52
C ILE C 328 14.60 -47.98 -12.91
N GLU C 329 14.81 -48.06 -11.59
CA GLU C 329 14.78 -49.35 -10.92
C GLU C 329 13.38 -49.97 -10.91
N PHE C 330 12.34 -49.14 -10.99
CA PHE C 330 10.99 -49.66 -11.15
C PHE C 330 10.79 -50.26 -12.54
N ALA C 331 11.14 -49.52 -13.59
CA ALA C 331 10.96 -50.01 -14.95
C ALA C 331 11.92 -51.12 -15.32
N THR C 332 13.00 -51.31 -14.55
CA THR C 332 13.87 -52.47 -14.72
C THR C 332 13.11 -53.75 -14.41
N VAL C 333 12.29 -53.73 -13.36
CA VAL C 333 11.42 -54.86 -13.06
C VAL C 333 10.30 -54.96 -14.10
N ASN C 334 9.77 -53.81 -14.52
CA ASN C 334 8.70 -53.77 -15.52
C ASN C 334 9.19 -54.05 -16.94
N SER D 35 -12.60 41.18 23.08
CA SER D 35 -12.50 42.56 23.51
C SER D 35 -11.25 42.78 24.34
N TYR D 36 -11.42 42.72 25.67
CA TYR D 36 -10.31 42.86 26.59
C TYR D 36 -9.36 41.66 26.54
N VAL D 37 -9.86 40.49 26.16
CA VAL D 37 -9.04 39.28 26.14
C VAL D 37 -8.10 39.31 24.95
N LYS D 38 -8.50 39.98 23.87
CA LYS D 38 -7.73 39.98 22.62
C LYS D 38 -6.40 40.71 22.79
N GLU D 39 -6.40 41.85 23.47
CA GLU D 39 -5.16 42.57 23.70
C GLU D 39 -4.27 41.87 24.70
N THR D 40 -4.82 41.04 25.58
CA THR D 40 -3.99 40.23 26.45
C THR D 40 -3.35 39.09 25.68
N VAL D 41 -4.06 38.50 24.72
CA VAL D 41 -3.46 37.49 23.86
C VAL D 41 -2.38 38.12 22.97
N ASP D 42 -2.61 39.37 22.55
CA ASP D 42 -1.69 40.06 21.66
C ASP D 42 -0.34 40.32 22.31
N ARG D 43 -0.33 40.66 23.61
CA ARG D 43 0.95 40.87 24.27
C ARG D 43 1.65 39.56 24.60
N LEU D 44 0.91 38.47 24.74
CA LEU D 44 1.55 37.15 24.79
C LEU D 44 2.16 36.77 23.44
N LEU D 45 1.57 37.22 22.35
CA LEU D 45 2.16 36.95 21.04
C LEU D 45 3.24 37.94 20.66
N LYS D 46 3.21 39.16 21.21
CA LYS D 46 4.22 40.15 20.91
C LYS D 46 5.43 39.94 21.81
N GLY D 47 6.62 40.08 21.25
CA GLY D 47 7.85 39.92 22.01
C GLY D 47 8.23 38.50 22.36
N TYR D 48 7.46 37.51 21.91
CA TYR D 48 7.76 36.12 22.20
C TYR D 48 8.77 35.59 21.19
N ASP D 49 9.64 34.70 21.66
CA ASP D 49 10.57 33.99 20.79
C ASP D 49 10.23 32.52 20.83
N ILE D 50 10.01 31.92 19.66
CA ILE D 50 9.60 30.53 19.57
C ILE D 50 10.77 29.61 19.88
N ARG D 51 11.94 29.91 19.32
CA ARG D 51 13.07 29.00 19.35
C ARG D 51 13.76 28.91 20.70
N LEU D 52 13.40 29.76 21.66
CA LEU D 52 13.98 29.69 23.00
C LEU D 52 13.05 28.97 23.95
N ARG D 53 13.58 27.94 24.60
CA ARG D 53 12.81 27.23 25.61
C ARG D 53 12.63 28.11 26.85
N PRO D 54 11.64 27.82 27.68
CA PRO D 54 11.57 28.47 29.00
C PRO D 54 12.75 28.08 29.88
N ASP D 55 13.19 29.05 30.69
CA ASP D 55 14.39 28.96 31.53
C ASP D 55 15.61 28.58 30.72
N PHE D 56 15.78 29.23 29.58
CA PHE D 56 16.93 29.01 28.72
C PHE D 56 18.18 29.55 29.40
N GLY D 57 19.05 28.64 29.82
CA GLY D 57 20.17 29.02 30.66
C GLY D 57 19.88 28.98 32.13
N GLY D 58 18.72 28.46 32.53
CA GLY D 58 18.36 28.36 33.93
C GLY D 58 18.09 26.93 34.35
N PRO D 59 17.03 26.74 35.15
CA PRO D 59 16.71 25.39 35.59
C PRO D 59 16.15 24.55 34.45
N PRO D 60 16.20 23.24 34.56
CA PRO D 60 15.52 22.40 33.56
C PRO D 60 14.02 22.48 33.70
N VAL D 61 13.33 22.52 32.56
CA VAL D 61 11.87 22.61 32.56
C VAL D 61 11.30 21.24 32.92
N ASP D 62 10.09 21.24 33.47
CA ASP D 62 9.45 20.02 33.92
C ASP D 62 8.26 19.73 33.01
N VAL D 63 8.23 18.53 32.45
CA VAL D 63 7.22 18.14 31.47
C VAL D 63 6.46 16.95 32.00
N GLY D 64 5.14 17.06 32.06
CA GLY D 64 4.26 15.97 32.44
C GLY D 64 3.50 15.47 31.22
N MET D 65 3.52 14.16 31.03
CA MET D 65 2.92 13.56 29.85
C MET D 65 1.80 12.61 30.23
N ARG D 66 0.97 12.31 29.24
CA ARG D 66 -0.20 11.47 29.42
C ARG D 66 -0.57 10.85 28.09
N ILE D 67 -0.91 9.57 28.13
CA ILE D 67 -1.29 8.81 26.94
C ILE D 67 -2.65 8.17 27.19
N ASP D 68 -3.52 8.25 26.18
CA ASP D 68 -4.83 7.60 26.24
C ASP D 68 -4.93 6.69 25.02
N VAL D 69 -4.83 5.39 25.24
CA VAL D 69 -4.92 4.42 24.16
C VAL D 69 -6.35 4.34 23.67
N ALA D 70 -6.55 4.63 22.38
CA ALA D 70 -7.86 4.50 21.76
C ALA D 70 -8.11 3.08 21.27
N SER D 71 -7.12 2.49 20.60
CA SER D 71 -7.28 1.15 20.03
C SER D 71 -5.92 0.56 19.70
N ILE D 72 -5.82 -0.76 19.80
CA ILE D 72 -4.75 -1.52 19.18
C ILE D 72 -5.30 -2.05 17.87
N ASP D 73 -4.84 -1.47 16.76
CA ASP D 73 -5.53 -1.67 15.49
C ASP D 73 -5.19 -3.01 14.86
N MET D 74 -3.91 -3.23 14.54
CA MET D 74 -3.51 -4.45 13.87
C MET D 74 -2.10 -4.82 14.30
N VAL D 75 -1.96 -6.00 14.90
CA VAL D 75 -0.66 -6.53 15.28
C VAL D 75 -0.21 -7.42 14.13
N SER D 76 0.55 -6.84 13.21
CA SER D 76 1.05 -7.59 12.07
C SER D 76 2.29 -8.37 12.49
N GLU D 77 2.14 -9.70 12.53
CA GLU D 77 3.25 -10.55 12.95
C GLU D 77 4.31 -10.67 11.88
N VAL D 78 3.91 -10.60 10.61
CA VAL D 78 4.87 -10.73 9.51
C VAL D 78 5.75 -9.50 9.43
N ASN D 79 5.15 -8.31 9.46
CA ASN D 79 5.93 -7.09 9.45
C ASN D 79 6.51 -6.75 10.83
N MET D 80 6.12 -7.49 11.87
CA MET D 80 6.62 -7.35 13.24
C MET D 80 6.39 -5.95 13.80
N ASP D 81 5.12 -5.57 13.86
CA ASP D 81 4.72 -4.24 14.29
C ASP D 81 3.27 -4.26 14.73
N TYR D 82 2.85 -3.16 15.36
CA TYR D 82 1.48 -2.97 15.80
C TYR D 82 1.09 -1.51 15.61
N THR D 83 -0.19 -1.28 15.35
CA THR D 83 -0.69 0.06 15.10
C THR D 83 -1.48 0.53 16.32
N LEU D 84 -1.14 1.73 16.79
CA LEU D 84 -1.67 2.29 18.03
C LEU D 84 -2.24 3.68 17.76
N THR D 85 -3.47 3.90 18.20
CA THR D 85 -4.07 5.23 18.20
C THR D 85 -4.01 5.77 19.62
N MET D 86 -3.54 7.01 19.78
CA MET D 86 -3.30 7.53 21.12
C MET D 86 -3.59 9.01 21.19
N TYR D 87 -4.08 9.42 22.36
CA TYR D 87 -4.27 10.83 22.69
C TYR D 87 -3.03 11.27 23.46
N PHE D 88 -2.01 11.70 22.72
CA PHE D 88 -0.77 12.15 23.33
C PHE D 88 -0.98 13.52 23.96
N GLN D 89 -0.48 13.71 25.18
CA GLN D 89 -0.77 14.91 25.93
C GLN D 89 0.46 15.34 26.72
N GLN D 90 0.78 16.62 26.63
CA GLN D 90 1.91 17.20 27.33
C GLN D 90 1.46 18.42 28.12
N SER D 91 2.17 18.72 29.18
CA SER D 91 1.91 19.92 29.94
C SER D 91 3.21 20.38 30.59
N TRP D 92 3.40 21.69 30.66
CA TRP D 92 4.59 22.21 31.31
C TRP D 92 4.29 23.61 31.83
N LYS D 93 5.34 24.32 32.23
CA LYS D 93 5.23 25.61 32.90
C LYS D 93 6.02 26.64 32.11
N ASP D 94 5.44 27.82 31.91
CA ASP D 94 6.13 28.93 31.26
C ASP D 94 5.68 30.22 31.94
N LYS D 95 6.65 30.98 32.43
CA LYS D 95 6.36 32.28 33.03
C LYS D 95 6.05 33.33 31.97
N ARG D 96 6.46 33.10 30.72
CA ARG D 96 6.15 34.03 29.64
C ARG D 96 4.70 33.99 29.22
N LEU D 97 3.95 32.97 29.60
CA LEU D 97 2.59 32.77 29.13
C LEU D 97 1.59 32.77 30.28
N SER D 98 1.73 33.73 31.19
CA SER D 98 0.77 33.94 32.26
C SER D 98 0.07 35.28 32.05
N TYR D 99 -1.03 35.46 32.76
CA TYR D 99 -1.81 36.68 32.66
C TYR D 99 -2.56 36.93 33.95
N SER D 100 -2.85 38.20 34.22
CA SER D 100 -3.30 38.61 35.55
C SER D 100 -4.78 38.32 35.77
N GLY D 101 -5.64 38.96 35.00
CA GLY D 101 -7.08 38.84 35.18
C GLY D 101 -7.66 37.67 34.44
N ILE D 102 -8.95 37.77 34.13
CA ILE D 102 -9.77 36.82 33.38
C ILE D 102 -9.69 35.44 34.04
N PRO D 103 -10.40 35.20 35.15
CA PRO D 103 -10.27 33.93 35.85
C PRO D 103 -10.91 32.75 35.13
N LEU D 104 -10.37 32.38 33.97
CA LEU D 104 -10.83 31.23 33.21
C LEU D 104 -9.70 30.78 32.30
N ASN D 105 -9.86 29.59 31.75
CA ASN D 105 -8.82 28.98 30.93
C ASN D 105 -9.06 29.30 29.46
N LEU D 106 -7.97 29.53 28.74
CA LEU D 106 -8.03 30.05 27.38
C LEU D 106 -7.58 28.97 26.40
N THR D 107 -8.53 28.19 25.91
CA THR D 107 -8.28 27.27 24.82
C THR D 107 -8.16 28.09 23.53
N LEU D 108 -7.13 27.83 22.75
CA LEU D 108 -6.89 28.60 21.53
C LEU D 108 -7.04 27.71 20.31
N ASP D 109 -6.81 28.32 19.15
CA ASP D 109 -6.77 27.58 17.89
C ASP D 109 -5.44 26.86 17.77
N ASN D 110 -5.35 25.94 16.82
CA ASN D 110 -4.09 25.24 16.58
C ASN D 110 -3.07 26.09 15.83
N ARG D 111 -3.39 27.32 15.48
CA ARG D 111 -2.46 28.21 14.80
C ARG D 111 -1.64 29.06 15.77
N VAL D 112 -1.52 28.61 17.02
CA VAL D 112 -0.58 29.21 17.96
C VAL D 112 0.58 28.28 18.29
N ALA D 113 0.45 26.98 18.00
CA ALA D 113 1.52 26.03 18.26
C ALA D 113 2.73 26.28 17.37
N ASP D 114 2.50 26.79 16.16
CA ASP D 114 3.58 27.26 15.32
C ASP D 114 4.14 28.60 15.78
N GLN D 115 3.48 29.28 16.71
CA GLN D 115 4.00 30.50 17.31
C GLN D 115 4.39 30.32 18.77
N LEU D 116 4.39 29.08 19.26
CA LEU D 116 4.80 28.79 20.62
C LEU D 116 5.81 27.64 20.62
N TRP D 117 6.49 27.47 21.74
CA TRP D 117 7.47 26.42 21.90
C TRP D 117 6.80 25.11 22.30
N VAL D 118 7.22 24.02 21.68
CA VAL D 118 6.80 22.68 22.10
C VAL D 118 8.05 21.82 22.27
N PRO D 119 8.04 20.82 23.14
CA PRO D 119 9.19 19.91 23.21
C PRO D 119 9.19 18.92 22.07
N ASP D 120 10.39 18.59 21.61
CA ASP D 120 10.58 17.73 20.44
C ASP D 120 10.53 16.25 20.83
N THR D 121 9.34 15.82 21.17
CA THR D 121 9.13 14.46 21.68
C THR D 121 8.77 13.52 20.53
N TYR D 122 9.64 12.55 20.27
CA TYR D 122 9.40 11.58 19.22
C TYR D 122 9.20 10.19 19.83
N PHE D 123 8.93 9.24 18.94
CA PHE D 123 8.83 7.83 19.28
C PHE D 123 9.94 7.09 18.55
N LEU D 124 10.53 6.11 19.23
CA LEU D 124 11.77 5.52 18.74
C LEU D 124 11.50 4.56 17.58
N ASN D 125 10.72 3.50 17.83
CA ASN D 125 10.60 2.39 16.89
C ASN D 125 9.36 2.51 16.00
N ASP D 126 8.98 3.72 15.63
CA ASP D 126 7.87 3.92 14.70
C ASP D 126 8.33 3.78 13.25
N LYS D 127 7.39 3.44 12.38
CA LYS D 127 7.65 3.37 10.95
C LYS D 127 6.77 4.31 10.15
N LYS D 128 5.46 4.30 10.41
CA LYS D 128 4.52 5.23 9.79
C LYS D 128 3.75 5.90 10.92
N SER D 129 3.85 7.22 11.01
CA SER D 129 3.22 7.95 12.09
C SER D 129 2.83 9.33 11.60
N PHE D 130 1.68 9.82 12.05
CA PHE D 130 1.13 11.07 11.54
C PHE D 130 0.11 11.61 12.54
N VAL D 131 -0.23 12.87 12.36
CA VAL D 131 -1.29 13.54 13.10
C VAL D 131 -2.51 13.60 12.19
N HIS D 132 -3.67 13.29 12.75
CA HIS D 132 -4.90 13.27 11.94
C HIS D 132 -5.34 14.68 11.60
N GLY D 133 -5.75 14.87 10.35
CA GLY D 133 -6.14 16.16 9.81
C GLY D 133 -7.57 16.22 9.35
N VAL D 134 -8.50 15.74 10.19
CA VAL D 134 -9.89 15.48 9.79
C VAL D 134 -10.59 16.76 9.36
N THR D 135 -10.74 17.70 10.28
CA THR D 135 -11.18 19.04 9.93
C THR D 135 -10.02 20.03 9.98
N VAL D 136 -9.27 20.02 11.08
CA VAL D 136 -7.97 20.64 11.16
C VAL D 136 -7.01 19.62 11.74
N LYS D 137 -5.76 20.04 11.94
CA LYS D 137 -4.83 19.23 12.71
C LYS D 137 -5.28 19.19 14.16
N ASN D 138 -5.42 17.98 14.70
CA ASN D 138 -5.97 17.82 16.04
C ASN D 138 -4.96 18.24 17.09
N ARG D 139 -4.88 19.53 17.36
CA ARG D 139 -3.77 20.09 18.13
C ARG D 139 -4.33 21.06 19.16
N MET D 140 -4.57 20.56 20.35
CA MET D 140 -5.16 21.33 21.44
C MET D 140 -4.10 22.13 22.18
N ILE D 141 -4.33 23.44 22.26
CA ILE D 141 -3.57 24.34 23.12
C ILE D 141 -4.51 24.84 24.20
N ARG D 142 -4.19 24.58 25.45
CA ARG D 142 -4.95 25.10 26.58
C ARG D 142 -4.00 25.89 27.46
N LEU D 143 -4.34 27.16 27.71
CA LEU D 143 -3.52 28.01 28.55
C LEU D 143 -4.17 28.21 29.90
N HIS D 144 -3.43 28.86 30.79
CA HIS D 144 -3.80 29.03 32.20
C HIS D 144 -3.23 30.34 32.70
N PRO D 145 -3.89 30.99 33.67
CA PRO D 145 -3.41 32.30 34.13
C PRO D 145 -2.13 32.26 34.95
N ASP D 146 -1.69 31.10 35.39
CA ASP D 146 -0.39 31.00 36.05
C ASP D 146 0.73 30.68 35.09
N GLY D 147 0.44 29.98 34.00
CA GLY D 147 1.45 29.70 33.00
C GLY D 147 1.66 28.22 32.70
N THR D 148 0.69 27.38 33.04
CA THR D 148 0.78 25.95 32.76
C THR D 148 0.16 25.68 31.40
N VAL D 149 0.99 25.32 30.44
CA VAL D 149 0.58 25.13 29.05
C VAL D 149 0.26 23.66 28.84
N LEU D 150 -0.88 23.39 28.20
CA LEU D 150 -1.33 22.05 27.87
C LEU D 150 -1.39 21.89 26.36
N TYR D 151 -0.79 20.81 25.86
CA TYR D 151 -0.67 20.51 24.43
C TYR D 151 -1.20 19.11 24.20
N GLY D 152 -1.93 18.92 23.10
CA GLY D 152 -2.55 17.64 22.86
C GLY D 152 -2.64 17.30 21.39
N LEU D 153 -2.35 16.03 21.08
CA LEU D 153 -2.42 15.53 19.71
C LEU D 153 -3.10 14.16 19.69
N ARG D 154 -3.66 13.83 18.53
CA ARG D 154 -4.24 12.53 18.27
C ARG D 154 -3.38 11.84 17.22
N ILE D 155 -2.61 10.85 17.65
CA ILE D 155 -1.51 10.31 16.84
C ILE D 155 -1.76 8.83 16.60
N THR D 156 -1.64 8.42 15.34
CA THR D 156 -1.61 7.02 14.96
C THR D 156 -0.16 6.64 14.66
N THR D 157 0.32 5.57 15.30
CA THR D 157 1.71 5.17 15.24
C THR D 157 1.79 3.69 14.89
N THR D 158 2.52 3.37 13.83
CA THR D 158 2.80 1.98 13.48
C THR D 158 4.19 1.66 14.05
N ALA D 159 4.21 1.13 15.27
CA ALA D 159 5.46 0.90 15.99
C ALA D 159 5.87 -0.55 15.89
N ALA D 160 7.15 -0.78 15.59
CA ALA D 160 7.67 -2.13 15.49
C ALA D 160 8.22 -2.60 16.82
N CYS D 161 8.15 -3.90 17.04
CA CYS D 161 8.60 -4.48 18.30
C CYS D 161 9.22 -5.84 18.01
N MET D 162 10.08 -6.26 18.94
CA MET D 162 10.74 -7.55 18.82
C MET D 162 9.72 -8.66 19.10
N MET D 163 9.63 -9.61 18.18
CA MET D 163 8.68 -10.73 18.29
C MET D 163 9.45 -12.04 18.36
N ASP D 164 9.75 -12.48 19.58
CA ASP D 164 10.36 -13.78 19.80
C ASP D 164 9.27 -14.83 19.65
N LEU D 165 9.41 -15.69 18.64
CA LEU D 165 8.37 -16.64 18.28
C LEU D 165 8.78 -18.08 18.57
N ARG D 166 9.47 -18.30 19.69
CA ARG D 166 9.81 -19.65 20.10
C ARG D 166 8.57 -20.40 20.57
N ARG D 167 7.96 -19.92 21.65
CA ARG D 167 6.65 -20.39 22.10
C ARG D 167 5.59 -19.61 21.35
N TYR D 168 4.78 -20.28 20.56
CA TYR D 168 3.73 -19.53 19.88
C TYR D 168 2.50 -19.28 20.76
N PRO D 169 1.92 -20.25 21.48
CA PRO D 169 0.78 -19.89 22.33
C PRO D 169 1.21 -19.19 23.61
N LEU D 170 0.30 -18.34 24.12
CA LEU D 170 0.40 -17.62 25.40
C LEU D 170 1.75 -16.93 25.62
N ASP D 171 2.29 -16.36 24.56
CA ASP D 171 3.60 -15.70 24.62
C ASP D 171 3.43 -14.21 24.89
N GLU D 172 4.00 -13.76 26.01
CA GLU D 172 4.04 -12.34 26.32
C GLU D 172 5.02 -11.68 25.36
N GLN D 173 4.49 -11.02 24.33
CA GLN D 173 5.35 -10.41 23.32
C GLN D 173 6.05 -9.17 23.86
N ASN D 174 5.39 -8.45 24.79
CA ASN D 174 5.97 -7.34 25.56
C ASN D 174 6.45 -6.23 24.62
N CYS D 175 5.57 -5.86 23.68
CA CYS D 175 5.89 -4.81 22.73
C CYS D 175 5.74 -3.46 23.40
N THR D 176 6.70 -2.58 23.18
CA THR D 176 6.78 -1.33 23.92
C THR D 176 6.68 -0.14 22.98
N LEU D 177 6.41 1.02 23.58
CA LEU D 177 6.46 2.30 22.89
C LEU D 177 7.43 3.18 23.66
N GLU D 178 8.37 3.79 22.94
CA GLU D 178 9.47 4.49 23.58
C GLU D 178 9.35 5.99 23.30
N ILE D 179 8.83 6.72 24.28
CA ILE D 179 8.69 8.16 24.21
C ILE D 179 10.02 8.78 24.58
N GLU D 180 10.55 9.65 23.71
CA GLU D 180 11.87 10.21 24.00
C GLU D 180 11.98 11.59 23.40
N SER D 181 12.59 12.52 24.13
CA SER D 181 12.89 13.81 23.53
C SER D 181 14.09 13.71 22.60
N TYR D 182 14.26 14.72 21.76
CA TYR D 182 15.30 14.67 20.75
C TYR D 182 16.45 15.62 21.01
N GLY D 183 16.17 16.92 21.15
CA GLY D 183 17.24 17.89 21.23
C GLY D 183 17.32 18.68 22.52
N TYR D 184 17.11 18.03 23.64
CA TYR D 184 17.24 18.68 24.93
C TYR D 184 17.86 17.71 25.92
N THR D 185 18.97 18.09 26.52
CA THR D 185 19.65 17.27 27.50
C THR D 185 18.85 17.28 28.80
N THR D 186 19.14 16.31 29.68
CA THR D 186 18.44 16.19 30.97
C THR D 186 18.67 17.38 31.89
N ASP D 187 19.67 18.23 31.61
CA ASP D 187 19.82 19.50 32.32
C ASP D 187 18.90 20.58 31.79
N ASP D 188 18.10 20.30 30.76
CA ASP D 188 17.16 21.26 30.21
C ASP D 188 15.71 20.85 30.34
N ILE D 189 15.42 19.56 30.49
CA ILE D 189 14.06 19.04 30.54
C ILE D 189 13.95 17.99 31.64
N GLU D 190 12.71 17.76 32.07
CA GLU D 190 12.38 16.74 33.07
C GLU D 190 11.06 16.10 32.69
N PHE D 191 11.07 14.79 32.46
CA PHE D 191 9.85 14.06 32.15
C PHE D 191 9.32 13.35 33.38
N TYR D 192 7.99 13.22 33.45
CA TYR D 192 7.34 12.37 34.43
C TYR D 192 5.98 11.99 33.91
N TRP D 193 5.44 10.90 34.45
CA TRP D 193 4.07 10.53 34.15
C TRP D 193 3.13 11.43 34.95
N ASN D 194 2.33 12.22 34.25
CA ASN D 194 1.44 13.17 34.90
C ASN D 194 0.28 12.39 35.51
N GLY D 195 0.35 12.19 36.83
CA GLY D 195 -0.66 11.44 37.54
C GLY D 195 -0.17 10.12 38.13
N GLY D 196 1.10 9.81 37.99
CA GLY D 196 1.62 8.57 38.54
C GLY D 196 1.24 7.40 37.66
N GLU D 197 0.64 6.38 38.27
CA GLU D 197 0.22 5.19 37.53
C GLU D 197 -1.10 5.39 36.82
N GLY D 198 -1.82 6.48 37.10
CA GLY D 198 -3.09 6.73 36.44
C GLY D 198 -2.96 7.59 35.20
N ALA D 199 -1.73 7.73 34.70
CA ALA D 199 -1.49 8.53 33.51
C ALA D 199 -1.80 7.77 32.23
N VAL D 200 -2.07 6.48 32.30
CA VAL D 200 -2.36 5.65 31.15
C VAL D 200 -3.76 5.11 31.32
N THR D 201 -4.69 5.56 30.49
CA THR D 201 -6.09 5.21 30.64
C THR D 201 -6.58 4.45 29.41
N GLY D 202 -7.77 3.89 29.53
CA GLY D 202 -8.45 3.24 28.43
C GLY D 202 -7.88 1.91 28.01
N VAL D 203 -6.94 1.34 28.77
CA VAL D 203 -6.33 0.07 28.37
C VAL D 203 -7.31 -1.08 28.55
N ASN D 204 -8.15 -1.02 29.58
CA ASN D 204 -9.15 -2.06 29.79
C ASN D 204 -10.26 -2.02 28.75
N LYS D 205 -10.41 -0.91 28.04
CA LYS D 205 -11.45 -0.75 27.02
C LYS D 205 -10.97 -1.16 25.64
N ILE D 206 -9.93 -1.97 25.54
CA ILE D 206 -9.36 -2.39 24.27
C ILE D 206 -9.71 -3.86 24.06
N GLU D 207 -10.15 -4.21 22.86
CA GLU D 207 -10.48 -5.59 22.53
C GLU D 207 -9.73 -5.98 21.26
N LEU D 208 -9.13 -7.17 21.27
CA LEU D 208 -8.44 -7.68 20.10
C LEU D 208 -9.01 -9.03 19.70
N PRO D 209 -9.10 -9.31 18.40
CA PRO D 209 -9.56 -10.63 17.97
C PRO D 209 -8.52 -11.73 18.18
N GLN D 210 -7.26 -11.38 18.38
CA GLN D 210 -6.19 -12.36 18.50
C GLN D 210 -5.51 -12.33 19.86
N PHE D 211 -5.14 -11.15 20.35
CA PHE D 211 -4.40 -11.04 21.59
C PHE D 211 -5.31 -10.54 22.70
N SER D 212 -4.73 -10.36 23.88
CA SER D 212 -5.47 -9.87 25.03
C SER D 212 -4.50 -9.18 25.97
N ILE D 213 -4.96 -8.07 26.55
CA ILE D 213 -4.17 -7.33 27.53
C ILE D 213 -4.12 -8.11 28.83
N VAL D 214 -2.91 -8.37 29.32
CA VAL D 214 -2.73 -8.97 30.64
C VAL D 214 -2.18 -7.96 31.64
N ASP D 215 -1.32 -7.04 31.19
CA ASP D 215 -0.75 -6.01 32.06
C ASP D 215 -0.08 -4.95 31.19
N TYR D 216 0.06 -3.75 31.76
CA TYR D 216 0.82 -2.66 31.15
C TYR D 216 1.67 -2.00 32.23
N LYS D 217 2.84 -1.50 31.82
CA LYS D 217 3.77 -0.94 32.78
C LYS D 217 4.47 0.28 32.18
N MET D 218 4.84 1.22 33.06
CA MET D 218 5.50 2.46 32.69
C MET D 218 6.90 2.46 33.27
N VAL D 219 7.88 2.82 32.45
CA VAL D 219 9.29 2.86 32.84
C VAL D 219 9.83 4.26 32.54
N SER D 220 10.51 4.86 33.51
CA SER D 220 11.10 6.18 33.36
C SER D 220 12.61 6.05 33.55
N LYS D 221 13.37 6.11 32.46
CA LYS D 221 14.81 5.89 32.53
C LYS D 221 15.54 7.03 31.84
N LYS D 222 16.86 6.96 31.90
CA LYS D 222 17.75 7.91 31.24
C LYS D 222 18.67 7.14 30.31
N VAL D 223 18.90 7.67 29.12
CA VAL D 223 19.75 7.03 28.11
C VAL D 223 20.86 8.00 27.75
N GLU D 224 22.10 7.53 27.84
CA GLU D 224 23.27 8.31 27.45
C GLU D 224 23.71 7.92 26.05
N PHE D 225 23.84 8.90 25.17
CA PHE D 225 24.39 8.71 23.84
C PHE D 225 25.77 9.35 23.77
N THR D 226 26.32 9.38 22.56
CA THR D 226 27.55 10.12 22.31
C THR D 226 27.33 11.62 22.52
N THR D 227 26.15 12.12 22.16
CA THR D 227 25.87 13.54 22.30
C THR D 227 25.66 13.92 23.76
N GLY D 228 24.71 13.29 24.42
CA GLY D 228 24.43 13.62 25.81
C GLY D 228 23.46 12.66 26.45
N ALA D 229 22.80 13.16 27.49
CA ALA D 229 21.82 12.38 28.24
C ALA D 229 20.41 12.81 27.84
N TYR D 230 19.51 11.84 27.71
CA TYR D 230 18.15 12.12 27.29
C TYR D 230 17.20 11.26 28.12
N PRO D 231 16.09 11.81 28.58
CA PRO D 231 15.11 10.99 29.29
C PRO D 231 14.31 10.13 28.32
N ARG D 232 13.81 9.01 28.84
CA ARG D 232 13.00 8.10 28.04
C ARG D 232 11.88 7.53 28.89
N LEU D 233 10.65 7.69 28.41
CA LEU D 233 9.52 6.95 28.94
C LEU D 233 9.30 5.73 28.07
N SER D 234 8.83 4.65 28.68
CA SER D 234 8.56 3.41 27.95
C SER D 234 7.27 2.82 28.46
N LEU D 235 6.34 2.55 27.55
CA LEU D 235 5.06 1.95 27.87
C LEU D 235 5.04 0.54 27.30
N SER D 236 4.91 -0.45 28.17
CA SER D 236 4.99 -1.84 27.75
C SER D 236 3.60 -2.42 27.55
N PHE D 237 3.55 -3.49 26.75
CA PHE D 237 2.31 -4.24 26.52
C PHE D 237 2.69 -5.72 26.43
N ARG D 238 2.38 -6.48 27.48
CA ARG D 238 2.45 -7.93 27.38
C ARG D 238 1.11 -8.43 26.82
N LEU D 239 1.18 -9.22 25.76
CA LEU D 239 0.01 -9.57 24.97
C LEU D 239 -0.23 -11.08 25.04
N LYS D 240 -1.13 -11.50 25.90
CA LYS D 240 -1.55 -12.89 25.94
C LYS D 240 -2.44 -13.15 24.73
N ARG D 241 -1.99 -14.02 23.83
CA ARG D 241 -2.78 -14.34 22.65
C ARG D 241 -3.96 -15.21 23.03
N ASN D 242 -5.15 -14.82 22.56
CA ASN D 242 -6.36 -15.61 22.80
C ASN D 242 -6.26 -16.92 22.03
N ILE D 243 -6.55 -18.02 22.73
CA ILE D 243 -6.23 -19.34 22.21
C ILE D 243 -7.31 -19.89 21.28
N GLY D 244 -8.45 -19.21 21.18
CA GLY D 244 -9.60 -19.77 20.49
C GLY D 244 -9.39 -19.90 18.99
N TYR D 245 -8.89 -18.84 18.35
CA TYR D 245 -8.49 -18.93 16.96
C TYR D 245 -7.34 -19.91 16.79
N PHE D 246 -6.43 -19.95 17.76
CA PHE D 246 -5.31 -20.88 17.73
C PHE D 246 -5.78 -22.32 17.90
N ILE D 247 -6.76 -22.55 18.78
CA ILE D 247 -7.22 -23.92 18.99
C ILE D 247 -8.11 -24.37 17.84
N LEU D 248 -8.73 -23.42 17.13
CA LEU D 248 -9.48 -23.79 15.93
C LEU D 248 -8.55 -24.16 14.80
N GLN D 249 -7.51 -23.34 14.56
CA GLN D 249 -6.55 -23.65 13.50
C GLN D 249 -5.60 -24.76 13.90
N THR D 250 -5.67 -25.20 15.17
CA THR D 250 -4.99 -26.42 15.61
C THR D 250 -5.87 -27.64 15.43
N TYR D 251 -7.13 -27.56 15.83
CA TYR D 251 -8.00 -28.72 15.86
C TYR D 251 -8.48 -29.08 14.46
N MET D 252 -8.50 -28.13 13.54
CA MET D 252 -8.91 -28.45 12.18
C MET D 252 -7.91 -29.36 11.43
N PRO D 253 -6.58 -29.21 11.51
CA PRO D 253 -5.72 -30.24 10.90
C PRO D 253 -5.44 -31.47 11.75
N SER D 254 -5.80 -31.46 13.04
CA SER D 254 -5.51 -32.62 13.88
C SER D 254 -6.43 -33.79 13.55
N THR D 255 -7.64 -33.49 13.08
CA THR D 255 -8.54 -34.54 12.61
C THR D 255 -7.99 -35.24 11.38
N LEU D 256 -7.17 -34.52 10.59
CA LEU D 256 -6.60 -35.10 9.38
C LEU D 256 -5.56 -36.16 9.73
N ILE D 257 -4.68 -35.88 10.69
CA ILE D 257 -3.70 -36.88 11.09
C ILE D 257 -4.35 -37.97 11.91
N THR D 258 -5.47 -37.66 12.58
CA THR D 258 -6.26 -38.70 13.25
C THR D 258 -6.84 -39.68 12.24
N ILE D 259 -7.37 -39.17 11.13
CA ILE D 259 -7.84 -40.02 10.03
C ILE D 259 -6.67 -40.78 9.40
N LEU D 260 -5.50 -40.14 9.32
CA LEU D 260 -4.30 -40.78 8.78
C LEU D 260 -3.88 -41.98 9.63
N SER D 261 -4.07 -41.88 10.95
CA SER D 261 -3.83 -43.04 11.81
C SER D 261 -4.93 -44.08 11.65
N TRP D 262 -6.19 -43.63 11.58
CA TRP D 262 -7.32 -44.54 11.69
C TRP D 262 -7.50 -45.39 10.43
N VAL D 263 -7.33 -44.78 9.25
CA VAL D 263 -7.48 -45.52 8.00
C VAL D 263 -6.33 -46.50 7.82
N SER D 264 -5.13 -46.10 8.27
CA SER D 264 -3.98 -47.01 8.23
C SER D 264 -4.16 -48.17 9.19
N PHE D 265 -4.85 -47.95 10.31
CA PHE D 265 -5.08 -49.04 11.25
C PHE D 265 -6.27 -49.90 10.84
N TRP D 266 -7.16 -49.37 10.00
CA TRP D 266 -8.48 -49.96 9.81
C TRP D 266 -8.62 -50.83 8.56
N ILE D 267 -7.75 -50.68 7.58
CA ILE D 267 -7.94 -51.33 6.28
C ILE D 267 -7.00 -52.53 6.20
N ASN D 268 -7.53 -53.66 5.71
CA ASN D 268 -6.71 -54.85 5.50
C ASN D 268 -5.75 -54.62 4.33
N TYR D 269 -4.63 -55.35 4.34
CA TYR D 269 -3.48 -55.05 3.50
C TYR D 269 -3.41 -55.88 2.22
N ASP D 270 -4.54 -56.29 1.65
CA ASP D 270 -4.51 -56.96 0.36
C ASP D 270 -4.18 -55.97 -0.76
N ALA D 271 -4.99 -54.93 -0.90
CA ALA D 271 -4.66 -53.79 -1.75
C ALA D 271 -3.93 -52.78 -0.87
N SER D 272 -2.65 -53.08 -0.60
CA SER D 272 -1.85 -52.27 0.31
C SER D 272 -1.55 -50.89 -0.26
N ALA D 273 -1.50 -50.76 -1.58
CA ALA D 273 -1.30 -49.45 -2.20
C ALA D 273 -2.49 -48.53 -1.96
N ALA D 274 -3.70 -49.10 -1.89
CA ALA D 274 -4.90 -48.33 -1.55
C ALA D 274 -4.86 -47.80 -0.12
N ARG D 275 -4.08 -48.41 0.76
CA ARG D 275 -3.88 -47.91 2.12
C ARG D 275 -2.70 -46.96 2.22
N VAL D 276 -1.64 -47.18 1.44
CA VAL D 276 -0.45 -46.35 1.54
C VAL D 276 -0.65 -45.01 0.83
N ALA D 277 -1.36 -45.02 -0.32
CA ALA D 277 -1.56 -43.81 -1.11
C ALA D 277 -2.39 -42.76 -0.38
N LEU D 278 -3.30 -43.18 0.50
CA LEU D 278 -4.03 -42.22 1.32
C LEU D 278 -3.10 -41.52 2.32
N GLY D 279 -2.18 -42.27 2.92
CA GLY D 279 -1.18 -41.64 3.78
C GLY D 279 -0.18 -40.78 3.04
N ILE D 280 0.00 -41.03 1.73
CA ILE D 280 0.85 -40.13 0.97
C ILE D 280 0.06 -38.88 0.55
N THR D 281 -1.25 -39.01 0.40
CA THR D 281 -2.06 -37.79 0.24
C THR D 281 -2.16 -36.99 1.54
N THR D 282 -1.96 -37.63 2.69
CA THR D 282 -1.81 -36.82 3.90
C THR D 282 -0.52 -36.01 3.90
N VAL D 283 0.49 -36.41 3.13
CA VAL D 283 1.70 -35.59 3.01
C VAL D 283 1.40 -34.31 2.25
N LEU D 284 0.59 -34.40 1.18
CA LEU D 284 0.21 -33.16 0.49
C LEU D 284 -0.85 -32.38 1.28
N THR D 285 -1.60 -33.05 2.15
CA THR D 285 -2.42 -32.33 3.11
C THR D 285 -1.57 -31.50 4.06
N MET D 286 -0.48 -32.11 4.56
CA MET D 286 0.53 -31.39 5.33
C MET D 286 1.15 -30.27 4.52
N THR D 287 1.32 -30.48 3.21
CA THR D 287 1.87 -29.44 2.35
C THR D 287 0.93 -28.24 2.24
N THR D 288 -0.38 -28.50 2.15
CA THR D 288 -1.36 -27.41 2.17
C THR D 288 -1.35 -26.67 3.50
N ILE D 289 -1.21 -27.42 4.61
CA ILE D 289 -1.06 -26.78 5.92
C ILE D 289 0.23 -25.96 5.98
N SER D 290 1.30 -26.43 5.34
CA SER D 290 2.57 -25.71 5.32
C SER D 290 2.47 -24.45 4.45
N THR D 291 1.66 -24.49 3.39
CA THR D 291 1.43 -23.27 2.61
C THR D 291 0.63 -22.26 3.41
N HIS D 292 -0.38 -22.72 4.17
CA HIS D 292 -1.10 -21.82 5.07
C HIS D 292 -0.17 -21.25 6.15
N LEU D 293 0.78 -22.06 6.63
CA LEU D 293 1.77 -21.62 7.60
C LEU D 293 2.71 -20.58 7.02
N ARG D 294 3.19 -20.80 5.79
CA ARG D 294 4.09 -19.86 5.16
C ARG D 294 3.39 -18.56 4.78
N GLU D 295 2.10 -18.64 4.44
CA GLU D 295 1.31 -17.42 4.24
C GLU D 295 0.97 -16.75 5.55
N THR D 296 0.98 -17.48 6.67
CA THR D 296 0.69 -16.89 7.97
C THR D 296 1.92 -16.51 8.76
N LEU D 297 3.07 -17.12 8.50
CA LEU D 297 4.28 -16.87 9.27
C LEU D 297 5.49 -16.70 8.37
N PRO D 298 6.42 -15.83 8.72
CA PRO D 298 7.66 -15.70 7.95
C PRO D 298 8.67 -16.78 8.35
N LYS D 299 9.86 -16.67 7.77
CA LYS D 299 10.95 -17.59 8.08
C LYS D 299 11.71 -17.07 9.29
N ILE D 300 11.78 -17.87 10.35
CA ILE D 300 12.40 -17.45 11.60
C ILE D 300 13.44 -18.48 12.04
N PRO D 301 14.60 -18.05 12.55
CA PRO D 301 15.61 -19.04 12.97
C PRO D 301 15.22 -19.79 14.22
N TYR D 302 14.74 -19.09 15.23
CA TYR D 302 14.19 -19.73 16.41
C TYR D 302 12.88 -20.42 16.03
N VAL D 303 12.87 -21.75 16.12
CA VAL D 303 11.75 -22.54 15.61
C VAL D 303 10.54 -22.36 16.52
N LYS D 304 9.35 -22.43 15.94
CA LYS D 304 8.12 -22.15 16.66
C LYS D 304 7.71 -23.35 17.51
N ALA D 305 6.58 -23.21 18.19
CA ALA D 305 6.03 -24.29 19.00
C ALA D 305 4.89 -25.01 18.33
N ILE D 306 4.26 -24.40 17.32
CA ILE D 306 3.15 -25.05 16.63
C ILE D 306 3.66 -26.05 15.61
N ASP D 307 4.67 -25.65 14.82
CA ASP D 307 5.17 -26.47 13.73
C ASP D 307 5.83 -27.76 14.19
N ILE D 308 6.44 -27.75 15.38
CA ILE D 308 7.29 -28.86 15.78
C ILE D 308 6.48 -30.10 16.13
N TYR D 309 5.35 -29.98 16.83
CA TYR D 309 4.58 -31.17 17.14
C TYR D 309 3.83 -31.70 15.93
N LEU D 310 3.37 -30.83 15.03
CA LEU D 310 2.72 -31.32 13.83
C LEU D 310 3.70 -32.02 12.90
N MET D 311 4.92 -31.50 12.73
CA MET D 311 5.89 -32.23 11.94
C MET D 311 6.39 -33.50 12.64
N GLY D 312 6.43 -33.50 13.97
CA GLY D 312 6.85 -34.70 14.67
C GLY D 312 5.83 -35.81 14.59
N CYS D 313 4.55 -35.49 14.76
CA CYS D 313 3.52 -36.49 14.57
C CYS D 313 3.33 -36.85 13.11
N PHE D 314 3.67 -35.94 12.20
CA PHE D 314 3.70 -36.26 10.77
C PHE D 314 4.73 -37.34 10.45
N VAL D 315 5.96 -37.17 10.95
CA VAL D 315 7.01 -38.16 10.73
C VAL D 315 6.63 -39.50 11.36
N PHE D 316 5.98 -39.47 12.53
CA PHE D 316 5.57 -40.70 13.19
C PHE D 316 4.45 -41.41 12.42
N VAL D 317 3.45 -40.66 11.94
CA VAL D 317 2.35 -41.28 11.23
C VAL D 317 2.77 -41.71 9.82
N PHE D 318 3.81 -41.10 9.26
CA PHE D 318 4.39 -41.61 8.03
C PHE D 318 5.18 -42.89 8.27
N LEU D 319 5.99 -42.93 9.33
CA LEU D 319 6.81 -44.09 9.61
C LEU D 319 5.97 -45.29 10.03
N ALA D 320 4.81 -45.04 10.65
CA ALA D 320 3.90 -46.13 11.00
C ALA D 320 3.32 -46.78 9.76
N LEU D 321 2.91 -45.97 8.78
CA LEU D 321 2.45 -46.50 7.50
C LEU D 321 3.56 -47.23 6.76
N LEU D 322 4.78 -46.70 6.85
CA LEU D 322 5.95 -47.32 6.22
C LEU D 322 6.24 -48.70 6.82
N GLU D 323 6.22 -48.80 8.15
CA GLU D 323 6.50 -50.09 8.78
C GLU D 323 5.32 -51.05 8.66
N TYR D 324 4.12 -50.51 8.47
CA TYR D 324 2.97 -51.38 8.24
C TYR D 324 3.00 -51.97 6.85
N ALA D 325 3.40 -51.18 5.86
CA ALA D 325 3.57 -51.72 4.51
C ALA D 325 4.85 -52.52 4.39
N PHE D 326 5.76 -52.38 5.36
CA PHE D 326 7.02 -53.11 5.33
C PHE D 326 6.81 -54.60 5.57
N VAL D 327 5.85 -54.95 6.43
CA VAL D 327 5.58 -56.35 6.71
C VAL D 327 4.19 -56.73 6.22
N ILE D 345 -0.56 -58.83 11.26
CA ILE D 345 -0.22 -57.43 11.09
C ILE D 345 -1.44 -56.56 11.35
N ASP D 346 -2.61 -57.18 11.37
CA ASP D 346 -3.84 -56.43 11.58
C ASP D 346 -4.03 -56.05 13.04
N LYS D 347 -3.71 -56.97 13.97
CA LYS D 347 -3.86 -56.68 15.38
C LYS D 347 -2.78 -55.73 15.89
N TRP D 348 -1.56 -55.85 15.40
CA TRP D 348 -0.48 -54.96 15.81
C TRP D 348 -0.72 -53.53 15.34
N SER D 349 -1.38 -53.35 14.20
CA SER D 349 -1.76 -52.01 13.77
C SER D 349 -2.83 -51.41 14.68
N ARG D 350 -3.74 -52.24 15.18
CA ARG D 350 -4.72 -51.76 16.15
C ARG D 350 -4.08 -51.45 17.51
N MET D 351 -3.03 -52.18 17.87
CA MET D 351 -2.40 -52.00 19.18
C MET D 351 -1.38 -50.87 19.23
N PHE D 352 -0.60 -50.66 18.16
CA PHE D 352 0.55 -49.76 18.25
C PHE D 352 0.14 -48.31 18.08
N PHE D 353 -0.63 -47.99 17.05
CA PHE D 353 -0.88 -46.61 16.64
C PHE D 353 -1.73 -45.77 17.61
N PRO D 354 -2.84 -46.25 18.21
CA PRO D 354 -3.56 -45.36 19.14
C PRO D 354 -2.83 -45.10 20.44
N ILE D 355 -2.03 -46.06 20.93
CA ILE D 355 -1.32 -45.87 22.20
C ILE D 355 -0.21 -44.83 22.04
N THR D 356 0.61 -44.98 21.00
CA THR D 356 1.61 -43.98 20.68
C THR D 356 1.00 -42.65 20.26
N PHE D 357 -0.20 -42.69 19.64
CA PHE D 357 -0.92 -41.48 19.29
C PHE D 357 -1.36 -40.69 20.52
N SER D 358 -1.94 -41.39 21.51
CA SER D 358 -2.33 -40.73 22.76
C SER D 358 -1.11 -40.29 23.55
N LEU D 359 0.01 -41.03 23.44
CA LEU D 359 1.24 -40.62 24.09
C LEU D 359 1.79 -39.34 23.47
N PHE D 360 1.73 -39.24 22.14
CA PHE D 360 2.14 -38.02 21.45
C PHE D 360 1.23 -36.85 21.82
N ASN D 361 -0.07 -37.14 21.98
CA ASN D 361 -1.03 -36.13 22.40
C ASN D 361 -0.72 -35.59 23.79
N VAL D 362 -0.41 -36.49 24.74
CA VAL D 362 -0.20 -36.03 26.12
C VAL D 362 1.16 -35.37 26.27
N VAL D 363 2.18 -35.80 25.52
CA VAL D 363 3.45 -35.09 25.61
C VAL D 363 3.37 -33.75 24.91
N TYR D 364 2.52 -33.64 23.88
CA TYR D 364 2.28 -32.35 23.23
C TYR D 364 1.55 -31.39 24.18
N TRP D 365 0.57 -31.91 24.92
CA TRP D 365 -0.13 -31.08 25.89
C TRP D 365 0.77 -30.69 27.04
N LEU D 366 1.71 -31.56 27.43
CA LEU D 366 2.60 -31.25 28.54
C LEU D 366 3.71 -30.27 28.13
N TYR D 367 4.12 -30.29 26.85
CA TYR D 367 4.96 -29.20 26.37
C TYR D 367 4.15 -27.91 26.28
N TYR D 368 2.87 -28.01 25.92
CA TYR D 368 2.06 -26.82 25.69
C TYR D 368 1.73 -26.09 26.98
N VAL D 369 1.49 -26.82 28.07
CA VAL D 369 1.15 -26.16 29.32
C VAL D 369 2.40 -25.57 29.97
N HIS D 370 3.58 -26.04 29.57
CA HIS D 370 4.90 -25.55 30.00
C HIS D 370 5.11 -25.57 31.52
N SER E 35 32.18 38.71 1.55
CA SER E 35 30.87 39.31 1.79
C SER E 35 30.38 40.06 0.55
N TYR E 36 31.22 40.08 -0.48
CA TYR E 36 30.88 40.70 -1.74
C TYR E 36 29.76 39.97 -2.47
N VAL E 37 29.65 38.66 -2.26
CA VAL E 37 28.74 37.84 -3.06
C VAL E 37 27.29 38.08 -2.65
N LYS E 38 27.06 38.40 -1.37
CA LYS E 38 25.70 38.57 -0.87
C LYS E 38 25.02 39.77 -1.48
N GLU E 39 25.75 40.89 -1.65
CA GLU E 39 25.17 42.06 -2.30
C GLU E 39 24.88 41.80 -3.76
N THR E 40 25.71 41.00 -4.43
CA THR E 40 25.45 40.65 -5.82
C THR E 40 24.24 39.74 -5.97
N VAL E 41 24.07 38.78 -5.05
CA VAL E 41 22.90 37.90 -5.10
C VAL E 41 21.62 38.69 -4.80
N ASP E 42 21.69 39.62 -3.84
CA ASP E 42 20.56 40.49 -3.57
C ASP E 42 20.27 41.45 -4.72
N ARG E 43 21.30 41.85 -5.46
CA ARG E 43 21.07 42.62 -6.68
C ARG E 43 20.40 41.76 -7.75
N LEU E 44 20.76 40.48 -7.83
CA LEU E 44 20.13 39.58 -8.78
C LEU E 44 18.68 39.28 -8.42
N LEU E 45 18.33 39.30 -7.13
CA LEU E 45 16.97 38.96 -6.73
C LEU E 45 16.05 40.17 -6.67
N LYS E 46 16.54 41.33 -6.23
CA LYS E 46 15.71 42.52 -6.15
C LYS E 46 15.46 43.03 -7.56
N GLY E 47 14.21 42.96 -8.01
CA GLY E 47 13.85 43.27 -9.37
C GLY E 47 13.57 42.08 -10.25
N TYR E 48 13.42 40.89 -9.67
CA TYR E 48 13.21 39.67 -10.41
C TYR E 48 11.76 39.21 -10.26
N ASP E 49 11.18 38.73 -11.35
CA ASP E 49 9.81 38.24 -11.37
C ASP E 49 9.83 36.77 -11.77
N ILE E 50 9.37 35.91 -10.85
CA ILE E 50 9.41 34.47 -11.11
C ILE E 50 8.31 34.07 -12.09
N ARG E 51 7.27 34.87 -12.22
CA ARG E 51 6.09 34.51 -12.99
C ARG E 51 6.24 34.81 -14.48
N LEU E 52 7.42 35.25 -14.92
CA LEU E 52 7.68 35.49 -16.33
C LEU E 52 8.75 34.53 -16.84
N ARG E 53 8.61 34.10 -18.08
CA ARG E 53 9.67 33.32 -18.70
C ARG E 53 10.78 34.26 -19.19
N PRO E 54 12.03 33.80 -19.20
CA PRO E 54 13.12 34.66 -19.64
C PRO E 54 13.07 34.89 -21.15
N ASP E 55 13.67 36.01 -21.57
CA ASP E 55 13.61 36.53 -22.94
C ASP E 55 12.16 36.69 -23.40
N PHE E 56 11.36 37.31 -22.53
CA PHE E 56 9.92 37.36 -22.69
C PHE E 56 9.55 38.26 -23.86
N GLY E 57 8.51 37.87 -24.59
CA GLY E 57 8.08 38.61 -25.75
C GLY E 57 8.98 38.50 -26.97
N GLY E 58 9.89 37.54 -26.97
CA GLY E 58 10.83 37.41 -28.07
C GLY E 58 10.96 35.98 -28.57
N PRO E 59 12.18 35.55 -28.81
CA PRO E 59 12.41 34.21 -29.38
C PRO E 59 12.18 33.14 -28.34
N PRO E 60 11.90 31.91 -28.75
CA PRO E 60 11.79 30.81 -27.78
C PRO E 60 13.16 30.45 -27.20
N VAL E 61 13.13 30.04 -25.94
CA VAL E 61 14.35 29.67 -25.22
C VAL E 61 14.50 28.15 -25.22
N ASP E 62 15.71 27.69 -25.47
CA ASP E 62 15.98 26.26 -25.52
C ASP E 62 16.26 25.70 -24.13
N VAL E 63 15.88 24.45 -23.92
CA VAL E 63 16.13 23.75 -22.67
C VAL E 63 16.83 22.44 -23.01
N GLY E 64 18.01 22.24 -22.43
CA GLY E 64 18.73 21.00 -22.64
C GLY E 64 18.56 20.03 -21.50
N MET E 65 18.12 18.82 -21.80
CA MET E 65 17.92 17.80 -20.79
C MET E 65 19.10 16.83 -20.72
N ARG E 66 19.14 16.10 -19.61
CA ARG E 66 20.14 15.07 -19.38
C ARG E 66 19.54 14.08 -18.40
N ILE E 67 19.57 12.80 -18.73
CA ILE E 67 18.93 11.77 -17.93
C ILE E 67 19.99 10.79 -17.48
N ASP E 68 20.09 10.61 -16.17
CA ASP E 68 21.00 9.63 -15.58
C ASP E 68 20.16 8.57 -14.89
N VAL E 69 19.95 7.45 -15.58
CA VAL E 69 19.14 6.37 -15.03
C VAL E 69 19.91 5.69 -13.90
N ALA E 70 19.43 5.88 -12.67
CA ALA E 70 20.04 5.18 -11.54
C ALA E 70 19.71 3.70 -11.58
N SER E 71 18.42 3.37 -11.69
CA SER E 71 17.96 2.00 -11.79
C SER E 71 16.52 1.98 -12.30
N ILE E 72 16.19 0.95 -13.06
CA ILE E 72 14.79 0.57 -13.23
C ILE E 72 14.36 -0.06 -11.90
N ASP E 73 13.58 0.68 -11.12
CA ASP E 73 13.42 0.32 -9.72
C ASP E 73 12.51 -0.88 -9.53
N MET E 74 11.32 -0.88 -10.14
CA MET E 74 10.36 -1.94 -9.87
C MET E 74 9.40 -2.09 -11.03
N VAL E 75 9.60 -3.11 -11.86
CA VAL E 75 8.64 -3.41 -12.91
C VAL E 75 7.51 -4.23 -12.32
N SER E 76 6.28 -3.96 -12.76
CA SER E 76 5.11 -4.65 -12.27
C SER E 76 4.22 -5.03 -13.45
N GLU E 77 4.14 -6.33 -13.72
CA GLU E 77 3.31 -6.88 -14.76
C GLU E 77 1.85 -6.98 -14.35
N VAL E 78 1.53 -6.70 -13.09
CA VAL E 78 0.15 -6.71 -12.64
C VAL E 78 -0.51 -5.41 -13.05
N ASN E 79 0.12 -4.29 -12.70
CA ASN E 79 -0.45 -2.98 -12.94
C ASN E 79 0.02 -2.36 -14.24
N MET E 80 0.60 -3.18 -15.15
CA MET E 80 1.01 -2.77 -16.50
C MET E 80 2.01 -1.62 -16.48
N ASP E 81 2.98 -1.66 -15.58
CA ASP E 81 3.79 -0.47 -15.37
C ASP E 81 5.18 -0.85 -14.88
N TYR E 82 5.97 0.17 -14.57
CA TYR E 82 7.31 0.00 -14.03
C TYR E 82 7.66 1.24 -13.24
N THR E 83 8.75 1.15 -12.50
CA THR E 83 9.20 2.20 -11.60
C THR E 83 10.66 2.50 -11.87
N LEU E 84 10.95 3.78 -12.11
CA LEU E 84 12.24 4.28 -12.55
C LEU E 84 12.76 5.30 -11.56
N THR E 85 14.06 5.25 -11.27
CA THR E 85 14.73 6.25 -10.45
C THR E 85 15.82 6.89 -11.29
N MET E 86 15.83 8.22 -11.37
CA MET E 86 16.79 8.85 -12.26
C MET E 86 17.07 10.28 -11.83
N TYR E 87 18.23 10.76 -12.30
CA TYR E 87 18.57 12.18 -12.29
C TYR E 87 17.98 12.80 -13.54
N PHE E 88 17.08 13.75 -13.36
CA PHE E 88 16.58 14.59 -14.43
C PHE E 88 17.26 15.94 -14.29
N GLN E 89 18.18 16.23 -15.19
CA GLN E 89 18.95 17.45 -15.19
C GLN E 89 18.53 18.27 -16.40
N GLN E 90 18.51 19.59 -16.24
CA GLN E 90 18.14 20.45 -17.35
C GLN E 90 18.80 21.81 -17.20
N SER E 91 19.04 22.46 -18.34
CA SER E 91 19.79 23.70 -18.34
C SER E 91 19.22 24.65 -19.37
N TRP E 92 19.40 25.93 -19.10
CA TRP E 92 18.94 26.95 -20.04
C TRP E 92 19.80 28.20 -19.88
N LYS E 93 19.34 29.31 -20.46
CA LYS E 93 20.09 30.55 -20.53
C LYS E 93 19.14 31.69 -20.23
N ASP E 94 19.62 32.71 -19.52
CA ASP E 94 18.82 33.90 -19.30
C ASP E 94 19.71 35.14 -19.27
N LYS E 95 19.08 36.28 -19.52
CA LYS E 95 19.74 37.57 -19.38
C LYS E 95 19.61 38.13 -17.97
N ARG E 96 18.57 37.72 -17.23
CA ARG E 96 18.29 38.29 -15.93
C ARG E 96 19.31 37.89 -14.87
N LEU E 97 20.09 36.85 -15.09
CA LEU E 97 21.09 36.40 -14.12
C LEU E 97 22.45 36.37 -14.83
N SER E 98 23.20 37.46 -14.68
CA SER E 98 24.54 37.55 -15.25
C SER E 98 25.40 38.39 -14.32
N TYR E 99 26.69 38.08 -14.27
CA TYR E 99 27.62 38.75 -13.38
C TYR E 99 29.02 38.63 -13.95
N SER E 100 29.91 39.49 -13.46
CA SER E 100 31.27 39.55 -13.96
C SER E 100 32.34 39.53 -12.88
N GLY E 101 32.00 39.79 -11.63
CA GLY E 101 33.00 39.85 -10.58
C GLY E 101 33.52 38.49 -10.15
N ILE E 102 32.62 37.54 -9.92
CA ILE E 102 33.00 36.23 -9.42
C ILE E 102 33.53 35.39 -10.58
N PRO E 103 34.75 34.86 -10.48
CA PRO E 103 35.31 34.08 -11.59
C PRO E 103 34.76 32.67 -11.69
N LEU E 104 34.45 32.05 -10.56
CA LEU E 104 34.04 30.66 -10.54
C LEU E 104 32.53 30.53 -10.58
N ASN E 105 32.06 29.31 -10.83
CA ASN E 105 30.63 29.03 -10.90
C ASN E 105 30.03 29.09 -9.51
N LEU E 106 28.72 29.31 -9.46
CA LEU E 106 28.02 29.57 -8.20
C LEU E 106 27.02 28.46 -7.94
N THR E 107 27.41 27.52 -7.09
CA THR E 107 26.45 26.54 -6.60
C THR E 107 25.64 27.17 -5.48
N LEU E 108 24.32 27.10 -5.58
CA LEU E 108 23.45 27.84 -4.69
C LEU E 108 22.48 26.89 -4.02
N ASP E 109 21.86 27.35 -2.93
CA ASP E 109 20.92 26.55 -2.14
C ASP E 109 19.68 26.19 -2.96
N ASN E 110 19.05 25.08 -2.58
CA ASN E 110 17.89 24.58 -3.32
C ASN E 110 16.64 25.41 -3.11
N ARG E 111 16.57 26.18 -2.02
CA ARG E 111 15.38 26.98 -1.76
C ARG E 111 15.30 28.21 -2.64
N VAL E 112 16.35 28.52 -3.41
CA VAL E 112 16.30 29.60 -4.36
C VAL E 112 15.52 29.18 -5.61
N ALA E 113 15.32 27.87 -5.80
CA ALA E 113 14.46 27.38 -6.88
C ALA E 113 13.00 27.79 -6.68
N ASP E 114 12.58 28.03 -5.45
CA ASP E 114 11.29 28.65 -5.20
C ASP E 114 11.30 30.16 -5.45
N GLN E 115 12.46 30.74 -5.72
CA GLN E 115 12.57 32.15 -6.06
C GLN E 115 13.14 32.37 -7.45
N LEU E 116 13.32 31.32 -8.25
CA LEU E 116 13.80 31.44 -9.61
C LEU E 116 12.90 30.67 -10.56
N TRP E 117 12.92 31.09 -11.82
CA TRP E 117 12.08 30.44 -12.84
C TRP E 117 12.63 29.08 -13.19
N VAL E 118 11.73 28.10 -13.34
CA VAL E 118 12.07 26.77 -13.83
C VAL E 118 11.05 26.39 -14.88
N PRO E 119 11.37 25.50 -15.81
CA PRO E 119 10.36 24.99 -16.74
C PRO E 119 9.37 24.07 -16.04
N ASP E 120 8.17 24.01 -16.60
CA ASP E 120 7.10 23.14 -16.10
C ASP E 120 7.13 21.77 -16.76
N THR E 121 8.28 21.13 -16.74
CA THR E 121 8.47 19.85 -17.41
C THR E 121 7.80 18.75 -16.60
N TYR E 122 6.94 17.97 -17.25
CA TYR E 122 6.29 16.85 -16.59
C TYR E 122 6.54 15.56 -17.35
N PHE E 123 5.89 14.49 -16.90
CA PHE E 123 5.93 13.21 -17.58
C PHE E 123 4.49 12.77 -17.83
N LEU E 124 4.24 12.27 -19.03
CA LEU E 124 2.86 12.01 -19.44
C LEU E 124 2.33 10.71 -18.85
N ASN E 125 3.08 9.62 -19.01
CA ASN E 125 2.60 8.29 -18.67
C ASN E 125 2.84 7.91 -17.21
N ASP E 126 2.99 8.90 -16.32
CA ASP E 126 3.25 8.61 -14.93
C ASP E 126 1.96 8.27 -14.19
N LYS E 127 2.11 7.67 -13.03
CA LYS E 127 1.02 7.32 -12.13
C LYS E 127 1.25 7.83 -10.72
N LYS E 128 2.49 7.80 -10.24
CA LYS E 128 2.84 8.28 -8.92
C LYS E 128 4.31 8.64 -8.92
N SER E 129 4.62 9.91 -8.64
CA SER E 129 5.99 10.38 -8.66
C SER E 129 6.24 11.28 -7.47
N PHE E 130 7.50 11.45 -7.13
CA PHE E 130 7.90 12.28 -6.00
C PHE E 130 9.35 12.68 -6.16
N VAL E 131 9.68 13.83 -5.57
CA VAL E 131 11.06 14.23 -5.39
C VAL E 131 11.55 13.62 -4.08
N HIS E 132 12.75 13.05 -4.11
CA HIS E 132 13.35 12.51 -2.89
C HIS E 132 13.68 13.65 -1.93
N GLY E 133 13.23 13.52 -0.68
CA GLY E 133 13.43 14.53 0.33
C GLY E 133 14.12 13.99 1.56
N VAL E 134 15.16 13.16 1.38
CA VAL E 134 15.75 12.41 2.49
C VAL E 134 16.44 13.35 3.48
N THR E 135 17.11 14.38 3.00
CA THR E 135 17.59 15.45 3.87
C THR E 135 16.95 16.77 3.49
N VAL E 136 17.07 17.17 2.24
CA VAL E 136 16.36 18.29 1.66
C VAL E 136 15.79 17.84 0.33
N LYS E 137 15.12 18.75 -0.36
CA LYS E 137 14.74 18.49 -1.74
C LYS E 137 16.01 18.49 -2.59
N ASN E 138 16.25 17.40 -3.31
CA ASN E 138 17.48 17.24 -4.08
C ASN E 138 17.41 18.10 -5.33
N ARG E 139 17.60 19.40 -5.14
CA ARG E 139 17.50 20.37 -6.22
C ARG E 139 18.85 21.02 -6.41
N MET E 140 19.55 20.64 -7.46
CA MET E 140 20.83 21.21 -7.82
C MET E 140 20.60 22.53 -8.56
N ILE E 141 21.11 23.61 -7.99
CA ILE E 141 21.04 24.95 -8.55
C ILE E 141 22.48 25.40 -8.79
N ARG E 142 22.85 25.58 -10.05
CA ARG E 142 24.18 26.06 -10.39
C ARG E 142 24.06 27.20 -11.40
N LEU E 143 24.77 28.29 -11.12
CA LEU E 143 24.73 29.48 -11.94
C LEU E 143 26.11 29.77 -12.51
N HIS E 144 26.11 30.44 -13.66
CA HIS E 144 27.31 30.73 -14.43
C HIS E 144 27.40 32.24 -14.65
N PRO E 145 28.61 32.77 -14.83
CA PRO E 145 28.72 34.20 -15.19
C PRO E 145 28.13 34.53 -16.55
N ASP E 146 28.06 33.56 -17.46
CA ASP E 146 27.40 33.78 -18.74
C ASP E 146 25.90 33.95 -18.55
N GLY E 147 25.27 33.05 -17.80
CA GLY E 147 23.83 33.08 -17.63
C GLY E 147 23.25 31.69 -17.81
N THR E 148 24.13 30.70 -17.94
CA THR E 148 23.68 29.31 -18.06
C THR E 148 23.22 28.83 -16.69
N VAL E 149 21.96 28.44 -16.58
CA VAL E 149 21.33 28.06 -15.33
C VAL E 149 21.07 26.56 -15.37
N LEU E 150 21.43 25.87 -14.30
CA LEU E 150 21.31 24.42 -14.22
C LEU E 150 20.39 24.00 -13.08
N TYR E 151 19.50 23.06 -13.36
CA TYR E 151 18.49 22.60 -12.41
C TYR E 151 18.44 21.10 -12.44
N GLY E 152 18.70 20.46 -11.31
CA GLY E 152 18.79 19.02 -11.25
C GLY E 152 17.89 18.42 -10.17
N LEU E 153 17.24 17.32 -10.53
CA LEU E 153 16.34 16.60 -9.63
C LEU E 153 16.67 15.12 -9.63
N ARG E 154 16.51 14.48 -8.47
CA ARG E 154 16.56 13.02 -8.37
C ARG E 154 15.14 12.57 -8.08
N ILE E 155 14.48 12.02 -9.09
CA ILE E 155 13.07 11.70 -8.98
C ILE E 155 12.81 10.25 -9.35
N THR E 156 11.77 9.69 -8.75
CA THR E 156 11.32 8.33 -8.98
C THR E 156 9.90 8.39 -9.55
N THR E 157 9.72 7.79 -10.72
CA THR E 157 8.48 7.87 -11.48
C THR E 157 7.95 6.46 -11.70
N THR E 158 6.68 6.25 -11.38
CA THR E 158 6.01 4.98 -11.66
C THR E 158 5.27 5.17 -12.97
N ALA E 159 5.91 4.81 -14.08
CA ALA E 159 5.37 5.05 -15.40
C ALA E 159 4.72 3.79 -15.96
N ALA E 160 3.61 4.00 -16.67
CA ALA E 160 2.87 2.90 -17.26
C ALA E 160 3.50 2.47 -18.58
N CYS E 161 3.41 1.17 -18.86
CA CYS E 161 3.96 0.61 -20.09
C CYS E 161 2.92 -0.33 -20.68
N MET E 162 2.48 -0.03 -21.90
CA MET E 162 1.46 -0.83 -22.58
C MET E 162 2.12 -2.12 -23.08
N MET E 163 2.20 -3.10 -22.20
CA MET E 163 2.89 -4.35 -22.49
C MET E 163 1.95 -5.30 -23.24
N ASP E 164 2.38 -5.76 -24.40
CA ASP E 164 1.63 -6.74 -25.19
C ASP E 164 2.06 -8.13 -24.74
N LEU E 165 1.20 -8.81 -24.01
CA LEU E 165 1.51 -10.12 -23.43
C LEU E 165 1.05 -11.27 -24.30
N ARG E 166 1.04 -11.08 -25.62
CA ARG E 166 0.64 -12.15 -26.52
C ARG E 166 1.64 -13.30 -26.51
N ARG E 167 2.91 -13.01 -26.73
CA ARG E 167 3.96 -14.03 -26.66
C ARG E 167 4.76 -13.80 -25.39
N TYR E 168 4.87 -14.85 -24.57
CA TYR E 168 5.53 -14.77 -23.27
C TYR E 168 7.05 -14.91 -23.24
N PRO E 169 7.71 -15.93 -23.93
CA PRO E 169 9.17 -16.05 -23.76
C PRO E 169 9.94 -14.89 -24.37
N LEU E 170 9.72 -14.64 -25.65
CA LEU E 170 10.13 -13.37 -26.25
C LEU E 170 9.12 -12.33 -25.79
N ASP E 171 9.61 -11.17 -25.35
CA ASP E 171 8.71 -10.10 -24.95
C ASP E 171 8.86 -8.86 -25.80
N GLU E 172 10.05 -8.26 -25.83
CA GLU E 172 10.42 -7.10 -26.65
C GLU E 172 9.43 -5.92 -26.44
N GLN E 173 9.46 -5.40 -25.21
CA GLN E 173 8.58 -4.29 -24.88
C GLN E 173 9.08 -2.99 -25.49
N ASN E 174 8.27 -1.95 -25.33
CA ASN E 174 8.63 -0.58 -25.68
C ASN E 174 8.03 0.27 -24.56
N CYS E 175 8.81 0.47 -23.52
CA CYS E 175 8.37 1.23 -22.35
C CYS E 175 8.92 2.64 -22.48
N THR E 176 8.06 3.58 -22.80
CA THR E 176 8.47 4.95 -23.08
C THR E 176 8.65 5.73 -21.79
N LEU E 177 9.10 6.98 -21.96
CA LEU E 177 9.25 7.92 -20.85
C LEU E 177 9.14 9.31 -21.48
N GLU E 178 7.97 9.93 -21.35
CA GLU E 178 7.58 11.06 -22.19
C GLU E 178 7.85 12.38 -21.47
N ILE E 179 8.98 13.00 -21.78
CA ILE E 179 9.28 14.35 -21.30
C ILE E 179 8.45 15.32 -22.13
N GLU E 180 7.71 16.20 -21.46
CA GLU E 180 6.88 17.15 -22.19
C GLU E 180 6.68 18.39 -21.33
N SER E 181 6.71 19.56 -21.97
CA SER E 181 6.36 20.79 -21.31
C SER E 181 4.85 20.91 -21.19
N TYR E 182 4.42 21.77 -20.27
CA TYR E 182 3.00 21.87 -19.94
C TYR E 182 2.36 23.16 -20.44
N GLY E 183 2.92 24.30 -20.07
CA GLY E 183 2.28 25.56 -20.38
C GLY E 183 3.09 26.47 -21.27
N TYR E 184 3.82 25.90 -22.22
CA TYR E 184 4.61 26.69 -23.15
C TYR E 184 4.51 26.06 -24.53
N THR E 185 4.10 26.85 -25.51
CA THR E 185 3.96 26.40 -26.88
C THR E 185 5.35 26.31 -27.51
N THR E 186 5.42 25.69 -28.70
CA THR E 186 6.70 25.46 -29.36
C THR E 186 7.38 26.74 -29.83
N ASP E 187 6.65 27.84 -29.95
CA ASP E 187 7.26 29.15 -30.19
C ASP E 187 7.68 29.84 -28.90
N ASP E 188 7.45 29.21 -27.76
CA ASP E 188 7.88 29.73 -26.46
C ASP E 188 9.05 28.98 -25.87
N ILE E 189 9.31 27.76 -26.34
CA ILE E 189 10.32 26.87 -25.75
C ILE E 189 10.67 25.83 -26.80
N GLU E 190 11.86 25.24 -26.66
CA GLU E 190 12.24 24.09 -27.45
C GLU E 190 13.19 23.22 -26.62
N PHE E 191 13.17 21.92 -26.89
CA PHE E 191 13.94 20.96 -26.13
C PHE E 191 15.01 20.33 -27.02
N TYR E 192 16.10 19.89 -26.39
CA TYR E 192 17.15 19.18 -27.08
C TYR E 192 17.91 18.33 -26.08
N TRP E 193 18.49 17.25 -26.57
CA TRP E 193 19.31 16.38 -25.75
C TRP E 193 20.71 16.96 -25.63
N ASN E 194 21.12 17.29 -24.40
CA ASN E 194 22.43 17.89 -24.16
C ASN E 194 23.50 16.79 -24.29
N GLY E 195 23.94 16.59 -25.53
CA GLY E 195 24.92 15.57 -25.84
C GLY E 195 24.49 14.56 -26.87
N GLY E 196 23.26 14.64 -27.37
CA GLY E 196 22.77 13.68 -28.35
C GLY E 196 22.59 12.31 -27.74
N GLU E 197 23.46 11.37 -28.13
CA GLU E 197 23.49 10.08 -27.44
C GLU E 197 24.10 10.22 -26.06
N GLY E 198 24.98 11.21 -25.86
CA GLY E 198 25.63 11.45 -24.60
C GLY E 198 24.77 12.08 -23.53
N ALA E 199 23.54 12.47 -23.84
CA ALA E 199 22.67 13.05 -22.83
C ALA E 199 22.08 11.99 -21.90
N VAL E 200 22.20 10.72 -22.25
CA VAL E 200 21.69 9.62 -21.44
C VAL E 200 22.87 8.81 -20.95
N THR E 201 22.98 8.65 -19.64
CA THR E 201 24.16 8.03 -19.04
C THR E 201 23.72 7.01 -18.01
N GLY E 202 24.30 5.83 -18.05
CA GLY E 202 24.08 4.81 -17.05
C GLY E 202 23.20 3.66 -17.46
N VAL E 203 22.98 3.45 -18.76
CA VAL E 203 22.14 2.35 -19.20
C VAL E 203 22.85 1.01 -19.01
N ASN E 204 24.14 0.97 -19.31
CA ASN E 204 24.88 -0.28 -19.22
C ASN E 204 25.15 -0.71 -17.77
N LYS E 205 25.02 0.21 -16.82
CA LYS E 205 25.21 -0.11 -15.42
C LYS E 205 23.94 -0.60 -14.74
N ILE E 206 22.87 -0.81 -15.49
CA ILE E 206 21.62 -1.30 -14.92
C ILE E 206 21.68 -2.82 -14.87
N GLU E 207 21.37 -3.38 -13.70
CA GLU E 207 21.36 -4.83 -13.50
C GLU E 207 19.96 -5.21 -13.03
N LEU E 208 19.15 -5.72 -13.95
CA LEU E 208 17.80 -6.15 -13.60
C LEU E 208 17.74 -7.66 -13.47
N PRO E 209 17.13 -8.18 -12.40
CA PRO E 209 17.03 -9.63 -12.25
C PRO E 209 15.97 -10.28 -13.12
N GLN E 210 15.13 -9.49 -13.77
CA GLN E 210 13.98 -9.99 -14.51
C GLN E 210 14.02 -9.66 -15.99
N PHE E 211 14.70 -8.58 -16.36
CA PHE E 211 14.79 -8.17 -17.75
C PHE E 211 16.22 -7.79 -18.11
N SER E 212 16.42 -7.43 -19.37
CA SER E 212 17.72 -7.03 -19.87
C SER E 212 17.54 -6.01 -20.99
N ILE E 213 18.37 -4.97 -20.97
CA ILE E 213 18.31 -3.92 -21.97
C ILE E 213 19.03 -4.39 -23.22
N VAL E 214 18.41 -4.19 -24.38
CA VAL E 214 19.07 -4.46 -25.64
C VAL E 214 19.33 -3.19 -26.45
N ASP E 215 18.57 -2.12 -26.23
CA ASP E 215 18.68 -0.87 -26.98
C ASP E 215 17.89 0.20 -26.27
N TYR E 216 18.32 1.45 -26.44
CA TYR E 216 17.59 2.61 -25.95
C TYR E 216 17.64 3.72 -26.99
N LYS E 217 16.60 4.53 -27.05
CA LYS E 217 16.44 5.50 -28.12
C LYS E 217 15.82 6.79 -27.58
N MET E 218 16.37 7.92 -28.04
CA MET E 218 15.90 9.24 -27.66
C MET E 218 15.29 9.89 -28.90
N VAL E 219 14.01 10.23 -28.83
CA VAL E 219 13.26 10.74 -29.97
C VAL E 219 12.65 12.08 -29.59
N SER E 220 12.91 13.11 -30.40
CA SER E 220 12.21 14.38 -30.26
C SER E 220 10.98 14.37 -31.16
N LYS E 221 9.92 15.06 -30.71
CA LYS E 221 8.66 15.06 -31.43
C LYS E 221 7.84 16.28 -31.03
N LYS E 222 7.24 16.92 -32.03
CA LYS E 222 6.32 18.03 -31.80
C LYS E 222 4.90 17.48 -31.85
N VAL E 223 4.17 17.61 -30.74
CA VAL E 223 2.84 17.03 -30.61
C VAL E 223 1.85 18.15 -30.37
N GLU E 224 0.82 18.22 -31.20
CA GLU E 224 -0.19 19.26 -31.10
C GLU E 224 -1.40 18.77 -30.31
N PHE E 225 -2.15 19.73 -29.78
CA PHE E 225 -3.41 19.47 -29.11
C PHE E 225 -4.39 20.55 -29.53
N THR E 226 -5.54 20.59 -28.87
CA THR E 226 -6.50 21.66 -29.10
C THR E 226 -5.98 22.98 -28.54
N THR E 227 -5.23 22.90 -27.42
CA THR E 227 -4.65 24.09 -26.83
C THR E 227 -3.50 24.63 -27.68
N GLY E 228 -2.60 23.75 -28.10
CA GLY E 228 -1.51 24.17 -28.95
C GLY E 228 -0.56 23.02 -29.23
N ALA E 229 0.62 23.37 -29.71
CA ALA E 229 1.67 22.39 -29.96
C ALA E 229 2.70 22.44 -28.84
N TYR E 230 3.33 21.30 -28.59
CA TYR E 230 4.23 21.13 -27.47
C TYR E 230 5.42 20.27 -27.85
N PRO E 231 6.62 20.61 -27.36
CA PRO E 231 7.76 19.71 -27.54
C PRO E 231 7.58 18.48 -26.68
N ARG E 232 8.19 17.37 -27.11
CA ARG E 232 8.03 16.10 -26.43
C ARG E 232 9.26 15.25 -26.72
N LEU E 233 10.09 15.05 -25.71
CA LEU E 233 11.19 14.12 -25.80
C LEU E 233 10.73 12.75 -25.31
N SER E 234 11.35 11.71 -25.85
CA SER E 234 10.97 10.35 -25.52
C SER E 234 12.21 9.52 -25.30
N LEU E 235 12.30 8.92 -24.12
CA LEU E 235 13.35 7.97 -23.77
C LEU E 235 12.73 6.58 -23.72
N SER E 236 12.94 5.80 -24.79
CA SER E 236 12.36 4.47 -24.87
C SER E 236 13.47 3.44 -24.83
N PHE E 237 13.10 2.22 -24.44
CA PHE E 237 14.04 1.11 -24.39
C PHE E 237 13.27 -0.20 -24.40
N ARG E 238 13.90 -1.24 -24.93
CA ARG E 238 13.29 -2.55 -25.00
C ARG E 238 13.74 -3.41 -23.83
N LEU E 239 12.95 -4.44 -23.53
CA LEU E 239 13.17 -5.30 -22.37
C LEU E 239 13.11 -6.76 -22.81
N LYS E 240 14.26 -7.37 -23.05
CA LYS E 240 14.28 -8.81 -23.31
C LYS E 240 14.28 -9.53 -21.97
N ARG E 241 13.29 -10.39 -21.76
CA ARG E 241 13.12 -11.02 -20.46
C ARG E 241 14.21 -12.06 -20.22
N ASN E 242 14.74 -12.08 -19.00
CA ASN E 242 15.70 -13.09 -18.58
C ASN E 242 15.00 -14.44 -18.58
N ILE E 243 15.36 -15.29 -19.55
CA ILE E 243 14.57 -16.47 -19.87
C ILE E 243 14.76 -17.60 -18.88
N GLY E 244 15.82 -17.56 -18.07
CA GLY E 244 16.24 -18.73 -17.32
C GLY E 244 15.30 -19.16 -16.20
N TYR E 245 14.78 -18.19 -15.44
CA TYR E 245 13.90 -18.47 -14.31
C TYR E 245 12.60 -19.12 -14.77
N PHE E 246 11.95 -18.53 -15.76
CA PHE E 246 10.69 -19.10 -16.21
C PHE E 246 10.91 -20.29 -17.11
N ILE E 247 12.11 -20.44 -17.68
CA ILE E 247 12.34 -21.62 -18.51
C ILE E 247 12.72 -22.81 -17.64
N LEU E 248 13.14 -22.56 -16.39
CA LEU E 248 13.30 -23.67 -15.47
C LEU E 248 12.00 -23.95 -14.74
N GLN E 249 11.10 -22.97 -14.69
CA GLN E 249 9.76 -23.25 -14.20
C GLN E 249 8.90 -23.96 -15.25
N THR E 250 9.22 -23.75 -16.53
CA THR E 250 8.46 -24.34 -17.63
C THR E 250 8.75 -25.82 -17.79
N TYR E 251 9.97 -26.25 -17.47
CA TYR E 251 10.37 -27.63 -17.74
C TYR E 251 9.69 -28.61 -16.78
N MET E 252 9.31 -28.13 -15.59
CA MET E 252 8.76 -29.03 -14.57
C MET E 252 7.40 -29.64 -14.93
N PRO E 253 6.41 -28.92 -15.49
CA PRO E 253 5.20 -29.64 -15.95
C PRO E 253 5.46 -30.57 -17.12
N SER E 254 6.39 -30.20 -18.00
CA SER E 254 6.71 -31.04 -19.15
C SER E 254 7.34 -32.36 -18.72
N THR E 255 8.35 -32.28 -17.85
CA THR E 255 8.96 -33.49 -17.30
C THR E 255 7.96 -34.27 -16.46
N LEU E 256 7.08 -33.56 -15.75
CA LEU E 256 6.04 -34.20 -14.94
C LEU E 256 5.12 -35.05 -15.80
N ILE E 257 4.71 -34.51 -16.95
CA ILE E 257 3.73 -35.24 -17.74
C ILE E 257 4.40 -36.31 -18.59
N THR E 258 5.69 -36.15 -18.90
CA THR E 258 6.40 -37.26 -19.53
C THR E 258 6.59 -38.42 -18.57
N ILE E 259 6.86 -38.10 -17.29
CA ILE E 259 6.93 -39.14 -16.27
C ILE E 259 5.58 -39.81 -16.08
N LEU E 260 4.50 -39.02 -16.12
CA LEU E 260 3.16 -39.57 -15.98
C LEU E 260 2.81 -40.48 -17.16
N SER E 261 3.22 -40.08 -18.36
CA SER E 261 2.99 -40.91 -19.54
C SER E 261 3.76 -42.21 -19.46
N TRP E 262 5.01 -42.14 -18.99
CA TRP E 262 5.81 -43.36 -18.86
C TRP E 262 5.29 -44.26 -17.75
N VAL E 263 4.64 -43.68 -16.74
CA VAL E 263 3.98 -44.49 -15.71
C VAL E 263 2.78 -45.20 -16.29
N SER E 264 1.92 -44.46 -16.99
CA SER E 264 0.66 -45.06 -17.43
C SER E 264 0.84 -45.95 -18.66
N PHE E 265 1.97 -45.84 -19.35
CA PHE E 265 2.11 -46.52 -20.64
C PHE E 265 2.67 -47.92 -20.49
N TRP E 266 3.82 -48.06 -19.82
CA TRP E 266 4.61 -49.30 -19.92
C TRP E 266 3.97 -50.45 -19.16
N ILE E 267 3.14 -50.14 -18.15
CA ILE E 267 2.67 -51.18 -17.26
C ILE E 267 1.51 -51.96 -17.89
N ASN E 268 1.43 -53.24 -17.54
CA ASN E 268 0.25 -54.04 -17.87
C ASN E 268 -0.93 -53.54 -17.05
N TYR E 269 -2.13 -53.75 -17.59
CA TYR E 269 -3.33 -53.13 -17.05
C TYR E 269 -4.23 -54.12 -16.32
N ASP E 270 -3.69 -55.27 -15.92
CA ASP E 270 -4.45 -56.17 -15.05
C ASP E 270 -4.61 -55.57 -13.65
N ALA E 271 -3.59 -54.86 -13.17
CA ALA E 271 -3.71 -54.02 -11.99
C ALA E 271 -4.08 -52.62 -12.46
N SER E 272 -5.33 -52.48 -12.89
CA SER E 272 -5.79 -51.25 -13.54
C SER E 272 -5.95 -50.10 -12.56
N ALA E 273 -6.09 -50.37 -11.27
CA ALA E 273 -6.13 -49.31 -10.27
C ALA E 273 -4.77 -48.62 -10.14
N ALA E 274 -3.68 -49.33 -10.44
CA ALA E 274 -2.39 -48.69 -10.54
C ALA E 274 -2.30 -47.77 -11.74
N ARG E 275 -3.00 -48.10 -12.82
CA ARG E 275 -2.96 -47.29 -14.02
C ARG E 275 -3.81 -46.04 -13.88
N VAL E 276 -5.04 -46.20 -13.39
CA VAL E 276 -6.00 -45.09 -13.39
C VAL E 276 -5.69 -44.07 -12.31
N ALA E 277 -5.08 -44.48 -11.19
CA ALA E 277 -4.73 -43.54 -10.13
C ALA E 277 -3.61 -42.60 -10.55
N LEU E 278 -2.81 -43.00 -11.54
CA LEU E 278 -1.84 -42.08 -12.14
C LEU E 278 -2.56 -40.95 -12.88
N GLY E 279 -3.53 -41.28 -13.72
CA GLY E 279 -4.29 -40.27 -14.43
C GLY E 279 -5.24 -39.47 -13.58
N ILE E 280 -5.57 -39.95 -12.38
CA ILE E 280 -6.41 -39.17 -11.47
C ILE E 280 -5.73 -37.87 -11.06
N THR E 281 -4.49 -37.95 -10.58
CA THR E 281 -3.88 -36.82 -9.90
C THR E 281 -3.18 -35.85 -10.85
N THR E 282 -3.52 -35.84 -12.13
CA THR E 282 -2.89 -34.94 -13.08
C THR E 282 -3.52 -33.55 -13.04
N VAL E 283 -4.81 -33.48 -12.75
CA VAL E 283 -5.51 -32.20 -12.73
C VAL E 283 -5.05 -31.30 -11.60
N LEU E 284 -4.63 -31.87 -10.46
CA LEU E 284 -4.11 -31.04 -9.39
C LEU E 284 -2.70 -30.53 -9.71
N THR E 285 -1.92 -31.33 -10.42
CA THR E 285 -0.62 -30.87 -10.92
C THR E 285 -0.79 -29.72 -11.90
N MET E 286 -1.79 -29.82 -12.78
CA MET E 286 -2.10 -28.69 -13.66
C MET E 286 -2.61 -27.50 -12.86
N THR E 287 -3.39 -27.77 -11.80
CA THR E 287 -4.04 -26.74 -11.00
C THR E 287 -3.04 -25.89 -10.24
N THR E 288 -2.00 -26.53 -9.67
CA THR E 288 -0.98 -25.80 -8.93
C THR E 288 -0.23 -24.79 -9.79
N ILE E 289 0.22 -25.21 -10.97
CA ILE E 289 0.91 -24.32 -11.88
C ILE E 289 -0.03 -23.24 -12.42
N SER E 290 -1.29 -23.59 -12.71
CA SER E 290 -2.23 -22.60 -13.21
C SER E 290 -2.58 -21.54 -12.17
N THR E 291 -2.81 -21.95 -10.92
CA THR E 291 -3.07 -20.98 -9.86
C THR E 291 -1.81 -20.22 -9.44
N HIS E 292 -0.62 -20.77 -9.70
CA HIS E 292 0.59 -19.98 -9.46
C HIS E 292 0.78 -18.91 -10.52
N LEU E 293 0.49 -19.24 -11.78
CA LEU E 293 0.63 -18.26 -12.83
C LEU E 293 -0.50 -17.24 -12.85
N ARG E 294 -1.67 -17.61 -12.32
CA ARG E 294 -2.82 -16.71 -12.36
C ARG E 294 -2.67 -15.49 -11.46
N GLU E 295 -1.81 -15.56 -10.44
CA GLU E 295 -1.51 -14.38 -9.64
C GLU E 295 -0.43 -13.52 -10.28
N THR E 296 0.47 -14.12 -11.06
CA THR E 296 1.51 -13.35 -11.72
C THR E 296 0.95 -12.54 -12.89
N LEU E 297 0.32 -13.22 -13.84
CA LEU E 297 -0.27 -12.50 -14.96
C LEU E 297 -1.71 -12.09 -14.64
N PRO E 298 -2.12 -10.90 -15.06
CA PRO E 298 -3.52 -10.48 -14.84
C PRO E 298 -4.50 -11.14 -15.78
N LYS E 299 -5.75 -10.68 -15.77
CA LYS E 299 -6.85 -11.35 -16.44
C LYS E 299 -7.01 -10.92 -17.89
N ILE E 300 -5.91 -10.65 -18.59
CA ILE E 300 -5.91 -10.29 -20.02
C ILE E 300 -6.56 -11.38 -20.85
N PRO E 301 -7.64 -11.07 -21.57
CA PRO E 301 -8.36 -12.11 -22.31
C PRO E 301 -7.80 -12.43 -23.69
N TYR E 302 -6.84 -11.66 -24.19
CA TYR E 302 -6.59 -11.67 -25.63
C TYR E 302 -5.78 -12.88 -26.09
N VAL E 303 -4.50 -12.95 -25.71
CA VAL E 303 -3.62 -14.06 -26.06
C VAL E 303 -2.68 -14.30 -24.89
N LYS E 304 -2.62 -15.53 -24.38
CA LYS E 304 -1.69 -15.89 -23.32
C LYS E 304 -0.89 -17.10 -23.77
N ALA E 305 0.42 -16.91 -24.01
CA ALA E 305 1.25 -17.97 -24.55
C ALA E 305 1.54 -19.05 -23.52
N ILE E 306 1.59 -18.69 -22.23
CA ILE E 306 1.70 -19.70 -21.18
C ILE E 306 0.45 -20.56 -21.15
N ASP E 307 -0.73 -19.94 -21.38
CA ASP E 307 -1.95 -20.71 -21.45
C ASP E 307 -2.02 -21.57 -22.72
N ILE E 308 -1.38 -21.14 -23.81
CA ILE E 308 -1.29 -22.00 -24.99
C ILE E 308 -0.38 -23.19 -24.71
N TYR E 309 0.70 -22.97 -23.98
CA TYR E 309 1.57 -24.07 -23.58
C TYR E 309 0.88 -25.03 -22.62
N LEU E 310 0.14 -24.49 -21.66
CA LEU E 310 -0.58 -25.34 -20.70
C LEU E 310 -1.76 -26.02 -21.37
N MET E 311 -2.30 -25.43 -22.45
CA MET E 311 -3.30 -26.11 -23.26
C MET E 311 -2.69 -27.25 -24.05
N GLY E 312 -1.49 -27.06 -24.61
CA GLY E 312 -0.77 -28.15 -25.24
C GLY E 312 -0.37 -29.24 -24.27
N CYS E 313 -0.25 -28.92 -22.99
CA CYS E 313 -0.02 -29.90 -21.94
C CYS E 313 -1.30 -30.63 -21.50
N PHE E 314 -2.37 -29.90 -21.19
CA PHE E 314 -3.52 -30.53 -20.58
C PHE E 314 -4.41 -31.25 -21.59
N VAL E 315 -4.42 -30.79 -22.85
CA VAL E 315 -5.07 -31.58 -23.89
C VAL E 315 -4.26 -32.85 -24.16
N PHE E 316 -2.95 -32.80 -23.93
CA PHE E 316 -2.16 -34.04 -24.01
C PHE E 316 -2.44 -34.95 -22.82
N VAL E 317 -2.75 -34.38 -21.65
CA VAL E 317 -3.23 -35.16 -20.51
C VAL E 317 -4.54 -35.86 -20.87
N PHE E 318 -5.48 -35.10 -21.45
CA PHE E 318 -6.75 -35.66 -21.89
C PHE E 318 -6.55 -36.68 -23.00
N LEU E 319 -5.51 -36.53 -23.82
CA LEU E 319 -5.23 -37.50 -24.86
C LEU E 319 -4.68 -38.79 -24.29
N ALA E 320 -3.83 -38.69 -23.26
CA ALA E 320 -3.36 -39.86 -22.54
C ALA E 320 -4.50 -40.60 -21.87
N LEU E 321 -5.41 -39.87 -21.22
CA LEU E 321 -6.57 -40.50 -20.62
C LEU E 321 -7.55 -41.02 -21.66
N LEU E 322 -7.59 -40.40 -22.84
CA LEU E 322 -8.42 -40.88 -23.94
C LEU E 322 -7.90 -42.20 -24.48
N GLU E 323 -6.57 -42.32 -24.63
CA GLU E 323 -5.98 -43.58 -25.03
C GLU E 323 -6.14 -44.65 -23.95
N TYR E 324 -6.12 -44.24 -22.68
CA TYR E 324 -6.40 -45.17 -21.58
C TYR E 324 -7.81 -45.72 -21.67
N ALA E 325 -8.81 -44.84 -21.81
CA ALA E 325 -10.20 -45.28 -21.94
C ALA E 325 -10.46 -45.99 -23.27
N PHE E 326 -9.64 -45.71 -24.29
CA PHE E 326 -9.69 -46.48 -25.52
C PHE E 326 -9.21 -47.90 -25.29
N VAL E 327 -8.20 -48.07 -24.46
CA VAL E 327 -7.81 -49.41 -24.01
C VAL E 327 -8.75 -49.93 -22.94
N ILE E 345 -1.33 -51.49 -28.88
CA ILE E 345 -1.74 -50.10 -29.01
C ILE E 345 -1.25 -49.26 -27.83
N ASP E 346 -1.02 -49.87 -26.67
CA ASP E 346 -0.44 -49.14 -25.55
C ASP E 346 1.01 -48.76 -25.83
N LYS E 347 1.78 -49.69 -26.39
CA LYS E 347 3.15 -49.37 -26.81
C LYS E 347 3.18 -48.42 -27.99
N TRP E 348 2.19 -48.50 -28.89
CA TRP E 348 2.09 -47.57 -30.00
C TRP E 348 1.79 -46.15 -29.49
N SER E 349 0.90 -46.02 -28.51
CA SER E 349 0.64 -44.74 -27.87
C SER E 349 1.83 -44.24 -27.08
N ARG E 350 2.60 -45.14 -26.46
CA ARG E 350 3.81 -44.74 -25.75
C ARG E 350 4.86 -44.19 -26.71
N MET E 351 5.01 -44.82 -27.87
CA MET E 351 5.93 -44.30 -28.88
C MET E 351 5.39 -43.01 -29.51
N PHE E 352 4.06 -42.89 -29.59
CA PHE E 352 3.47 -41.71 -30.21
C PHE E 352 3.48 -40.51 -29.27
N PHE E 353 3.57 -40.75 -27.97
CA PHE E 353 3.61 -39.66 -27.01
C PHE E 353 4.89 -38.84 -27.11
N PRO E 354 6.07 -39.44 -27.27
CA PRO E 354 7.29 -38.62 -27.32
C PRO E 354 7.44 -37.84 -28.62
N ILE E 355 6.95 -38.38 -29.73
CA ILE E 355 7.04 -37.65 -30.99
C ILE E 355 6.04 -36.49 -31.02
N THR E 356 4.89 -36.66 -30.34
CA THR E 356 3.96 -35.54 -30.20
C THR E 356 4.51 -34.48 -29.26
N PHE E 357 5.22 -34.90 -28.20
CA PHE E 357 5.87 -33.92 -27.33
C PHE E 357 6.99 -33.19 -28.07
N SER E 358 7.69 -33.90 -28.95
CA SER E 358 8.77 -33.28 -29.72
C SER E 358 8.22 -32.29 -30.74
N LEU E 359 7.13 -32.64 -31.43
CA LEU E 359 6.56 -31.68 -32.36
C LEU E 359 5.93 -30.50 -31.61
N PHE E 360 5.42 -30.76 -30.40
CA PHE E 360 4.85 -29.69 -29.58
C PHE E 360 5.91 -28.68 -29.16
N ASN E 361 7.05 -29.13 -28.64
CA ASN E 361 8.03 -28.15 -28.20
C ASN E 361 8.88 -27.64 -29.36
N VAL E 362 8.82 -28.30 -30.53
CA VAL E 362 9.36 -27.68 -31.74
C VAL E 362 8.49 -26.52 -32.20
N VAL E 363 7.15 -26.69 -32.13
CA VAL E 363 6.23 -25.58 -32.40
C VAL E 363 6.43 -24.46 -31.40
N TYR E 364 6.66 -24.81 -30.13
CA TYR E 364 6.98 -23.81 -29.11
C TYR E 364 8.31 -23.11 -29.36
N TRP E 365 9.32 -23.83 -29.85
CA TRP E 365 10.62 -23.20 -30.10
C TRP E 365 10.57 -22.28 -31.31
N LEU E 366 9.83 -22.66 -32.36
CA LEU E 366 9.68 -21.77 -33.50
C LEU E 366 8.76 -20.60 -33.19
N TYR E 367 7.83 -20.78 -32.24
CA TYR E 367 7.06 -19.65 -31.73
C TYR E 367 7.93 -18.73 -30.90
N TYR E 368 8.94 -19.28 -30.23
CA TYR E 368 9.85 -18.47 -29.43
C TYR E 368 10.80 -17.66 -30.30
N VAL E 369 11.43 -18.32 -31.29
CA VAL E 369 12.39 -17.61 -32.14
C VAL E 369 11.73 -16.76 -33.21
N HIS E 370 10.43 -16.95 -33.43
CA HIS E 370 9.62 -16.22 -34.42
C HIS E 370 10.18 -16.28 -35.85
C1 NAG F . 4.04 21.02 -5.44
C2 NAG F . 3.80 21.17 -3.96
C3 NAG F . 4.02 22.62 -3.55
C4 NAG F . 5.40 23.10 -3.99
C5 NAG F . 5.65 22.79 -5.46
C6 NAG F . 7.07 23.07 -5.89
C7 NAG F . 2.16 19.60 -2.98
C8 NAG F . 3.33 18.73 -2.60
N2 NAG F . 2.45 20.74 -3.61
O3 NAG F . 3.89 22.73 -2.13
O4 NAG F . 5.46 24.52 -3.83
O5 NAG F . 5.38 21.40 -5.75
O6 NAG F . 7.35 24.46 -5.87
O7 NAG F . 1.00 19.28 -2.72
C1 NAG F . 6.30 24.91 -2.72
C2 NAG F . 6.47 26.42 -2.84
C3 NAG F . 7.30 26.95 -1.66
C4 NAG F . 6.69 26.51 -0.34
C5 NAG F . 6.49 24.99 -0.33
C6 NAG F . 5.77 24.48 0.90
C7 NAG F . 6.46 27.42 -5.10
C8 NAG F . 5.02 27.77 -4.87
N2 NAG F . 7.09 26.79 -4.10
O3 NAG F . 7.36 28.36 -1.74
O4 NAG F . 7.57 26.85 0.73
O5 NAG F . 5.71 24.60 -1.46
O6 NAG F . 5.25 23.18 0.67
O7 NAG F . 7.04 27.70 -6.15
C1 BMA F . 7.03 27.94 1.51
C2 BMA F . 7.34 27.65 3.00
C3 BMA F . 7.08 28.88 3.89
C4 BMA F . 7.62 30.19 3.28
C5 BMA F . 7.15 30.33 1.84
C6 BMA F . 7.72 31.57 1.16
O2 BMA F . 8.71 27.32 3.16
O3 BMA F . 7.64 28.70 5.18
O4 BMA F . 7.19 31.30 4.05
O5 BMA F . 7.59 29.18 1.09
O6 BMA F . 7.80 32.61 2.12
C1 MAN F . 6.83 27.83 6.00
C2 MAN F . 6.66 28.50 7.37
C3 MAN F . 7.53 27.81 8.49
C4 MAN F . 8.90 27.21 7.99
C5 MAN F . 8.82 26.66 6.55
C6 MAN F . 9.45 25.28 6.43
O2 MAN F . 5.31 28.42 7.83
O3 MAN F . 6.78 26.84 9.20
O4 MAN F . 9.92 28.20 8.07
O5 MAN F . 7.46 26.57 6.13
O6 MAN F . 10.73 25.31 7.04
C1 NAG G . 5.86 16.28 8.95
C2 NAG G . 4.62 17.04 9.41
C3 NAG G . 3.55 16.99 8.33
C4 NAG G . 4.09 17.51 7.01
C5 NAG G . 5.35 16.73 6.63
C6 NAG G . 6.05 17.26 5.40
C7 NAG G . 3.95 17.24 11.79
C8 NAG G . 4.36 18.68 11.70
N2 NAG G . 4.10 16.52 10.67
O3 NAG G . 2.44 17.79 8.74
O4 NAG G . 3.11 17.37 5.98
O5 NAG G . 6.31 16.80 7.70
O6 NAG G . 6.15 18.68 5.44
O7 NAG G . 3.52 16.75 12.82
C1 NAG G . 2.69 18.68 5.54
C2 NAG G . 1.68 18.52 4.40
C3 NAG G . 1.24 19.89 3.90
C4 NAG G . 0.73 20.75 5.06
C5 NAG G . 1.71 20.77 6.23
C6 NAG G . 1.14 21.41 7.47
C7 NAG G . 2.08 16.41 3.22
C8 NAG G . 2.72 15.76 2.03
N2 NAG G . 2.24 17.74 3.31
O3 NAG G . 0.22 19.74 2.92
O4 NAG G . 0.60 22.09 4.59
O5 NAG G . 2.08 19.43 6.60
O6 NAG G . 0.00 20.70 7.93
O7 NAG G . 1.47 15.77 4.05
C1 BMA G . -0.76 22.56 4.49
C2 BMA G . -0.66 24.10 4.39
C3 BMA G . -1.96 24.75 3.90
C4 BMA G . -2.63 23.97 2.76
C5 BMA G . -2.73 22.48 3.12
C6 BMA G . -3.25 21.67 1.98
O2 BMA G . 0.31 24.46 3.44
O3 BMA G . -1.69 26.07 3.46
O4 BMA G . -3.92 24.47 2.51
O5 BMA G . -1.41 21.99 3.39
O6 BMA G . -2.13 21.10 1.33
C1 MAN G . -2.49 27.04 4.17
C2 MAN G . -2.49 28.33 3.30
C3 MAN G . -1.54 29.42 3.85
C4 MAN G . -0.27 28.87 4.55
C5 MAN G . -0.62 27.77 5.58
C6 MAN G . -0.41 28.22 7.01
O2 MAN G . -3.76 28.94 3.33
O3 MAN G . -2.23 30.34 4.68
O4 MAN G . 0.63 28.37 3.58
O5 MAN G . -2.00 27.33 5.47
O6 MAN G . -1.53 29.02 7.39
C1 MAN G . -4.15 29.25 1.98
C2 MAN G . -4.77 30.66 2.01
C3 MAN G . -6.05 30.63 2.87
C4 MAN G . -7.00 29.47 2.47
C5 MAN G . -6.22 28.14 2.41
C6 MAN G . -7.03 26.99 1.87
O2 MAN G . -5.18 31.08 0.70
O3 MAN G . -6.74 31.88 2.81
O4 MAN G . -8.04 29.37 3.41
O5 MAN G . -5.07 28.30 1.55
O6 MAN G . -8.12 26.77 2.76
C1 MAN G . -2.53 19.92 0.60
C2 MAN G . -2.70 18.74 1.60
C3 MAN G . -2.17 17.43 1.00
C4 MAN G . -2.48 17.30 -0.51
C5 MAN G . -1.86 18.50 -1.28
C6 MAN G . -2.73 19.01 -2.40
O2 MAN G . -4.06 18.48 1.89
O3 MAN G . -2.70 16.31 1.68
O4 MAN G . -1.92 16.10 -1.01
O5 MAN G . -1.58 19.63 -0.39
O6 MAN G . -2.19 20.25 -2.83
C1 MAN G . -1.64 15.64 2.37
C2 MAN G . -1.77 14.11 2.13
C3 MAN G . -2.92 13.53 2.96
C4 MAN G . -2.83 13.94 4.43
C5 MAN G . -2.81 15.47 4.51
C6 MAN G . -2.68 15.99 5.93
O2 MAN G . -0.60 13.41 2.54
O3 MAN G . -2.96 12.11 2.85
O4 MAN G . -3.94 13.45 5.15
O5 MAN G . -1.67 15.97 3.76
O6 MAN G . -3.40 15.10 6.78
C1 NAG H . 8.93 -6.59 29.60
C2 NAG H . 10.23 -5.84 29.22
C3 NAG H . 10.13 -4.36 29.61
C4 NAG H . 9.76 -4.20 31.07
C5 NAG H . 8.58 -5.09 31.45
C6 NAG H . 7.46 -4.35 32.13
C7 NAG H . 11.97 -7.56 29.38
C8 NAG H . 13.14 -8.07 30.18
N2 NAG H . 11.37 -6.47 29.85
O3 NAG H . 9.17 -3.73 28.78
O4 NAG H . 10.87 -4.53 31.89
O5 NAG H . 8.03 -5.67 30.25
O6 NAG H . 6.20 -4.85 31.73
O7 NAG H . 11.59 -8.12 28.36
C1 NAG H . 11.24 -3.39 32.66
C2 NAG H . 11.41 -3.81 34.13
C3 NAG H . 12.81 -3.44 34.65
C4 NAG H . 13.17 -1.98 34.33
C5 NAG H . 12.84 -1.64 32.88
C6 NAG H . 14.02 -1.06 32.14
C7 NAG H . 9.28 -3.91 35.33
C8 NAG H . 8.31 -3.16 36.19
N2 NAG H . 10.37 -3.23 34.96
O3 NAG H . 13.78 -4.31 34.11
O4 NAG H . 12.47 -1.10 35.20
O5 NAG H . 12.46 -2.83 32.18
O6 NAG H . 14.25 -1.74 30.91
O7 NAG H . 9.09 -5.07 34.99
C1 BMA H . 13.28 -0.87 36.37
C2 BMA H . 14.00 0.49 36.22
C3 BMA H . 14.74 0.86 37.53
C4 BMA H . 13.83 0.72 38.76
C5 BMA H . 13.22 -0.69 38.79
C6 BMA H . 12.28 -0.90 39.95
O2 BMA H . 13.08 1.54 35.98
O3 BMA H . 15.28 2.18 37.47
O4 BMA H . 14.58 0.94 39.95
O5 BMA H . 12.48 -0.89 37.56
O6 BMA H . 11.19 -0.01 39.78
C1 NAG I . -8.60 25.74 34.47
C2 NAG I . -9.80 25.53 35.39
C3 NAG I . -9.32 25.25 36.82
C4 NAG I . -8.33 24.10 36.84
C5 NAG I . -7.20 24.33 35.83
C6 NAG I . -6.28 23.15 35.68
C7 NAG I . -11.99 26.64 35.52
C8 NAG I . -12.73 27.94 35.46
N2 NAG I . -10.67 26.70 35.36
O3 NAG I . -10.44 24.93 37.64
O4 NAG I . -7.75 24.02 38.15
O5 NAG I . -7.76 24.58 34.53
O6 NAG I . -6.98 21.92 35.83
O7 NAG I . -12.58 25.57 35.71
C1 NAG I . -8.16 22.82 38.84
C2 NAG I . -8.08 23.12 40.35
C3 NAG I . -9.32 22.59 41.08
C4 NAG I . -9.72 21.20 40.60
C5 NAG I . -9.85 21.15 39.08
C6 NAG I . -11.25 20.86 38.61
C7 NAG I . -5.69 23.17 40.91
C8 NAG I . -4.54 22.43 41.55
N2 NAG I . -6.87 22.54 40.92
O3 NAG I . -10.40 23.51 40.87
O4 NAG I . -8.74 20.25 41.01
O5 NAG I . -9.48 22.42 38.51
O6 NAG I . -11.84 22.00 38.02
O7 NAG I . -5.55 24.27 40.41
C1 NAG J . 8.57 2.76 -29.35
C2 NAG J . 9.94 2.78 -30.05
C3 NAG J . 10.19 4.14 -30.69
C4 NAG J . 9.03 4.53 -31.61
C5 NAG J . 7.71 4.44 -30.85
C6 NAG J . 6.50 4.68 -31.73
C7 NAG J . 11.60 1.27 -29.04
C8 NAG J . 12.69 1.13 -28.01
N2 NAG J . 11.00 2.47 -29.11
O3 NAG J . 11.40 4.08 -31.43
O4 NAG J . 9.19 5.88 -32.06
O5 NAG J . 7.55 3.14 -30.29
O6 NAG J . 5.68 3.54 -31.80
O7 NAG J . 11.28 0.35 -29.78
C1 NAG J . 9.58 5.92 -33.43
C2 NAG J . 9.05 7.21 -34.04
C3 NAG J . 9.50 7.33 -35.50
C4 NAG J . 11.01 7.17 -35.63
C5 NAG J . 11.48 5.89 -34.93
C6 NAG J . 12.98 5.76 -34.85
C7 NAG J . 6.97 8.05 -33.05
C8 NAG J . 5.48 8.00 -33.09
N2 NAG J . 7.61 7.28 -33.94
O3 NAG J . 9.10 8.60 -36.01
O4 NAG J . 11.37 7.09 -36.99
O5 NAG J . 10.99 5.87 -33.57
O6 NAG J . 13.56 6.94 -34.32
O7 NAG J . 7.58 8.74 -32.24
C1 BMA J . 12.08 8.27 -37.47
C2 BMA J . 11.43 8.68 -38.83
C3 BMA J . 12.05 10.00 -39.34
C4 BMA J . 12.10 11.09 -38.24
C5 BMA J . 12.79 10.53 -36.98
C6 BMA J . 12.83 11.52 -35.85
O2 BMA J . 10.04 8.92 -38.67
O3 BMA J . 11.34 10.49 -40.47
O4 BMA J . 12.80 12.22 -38.72
O5 BMA J . 12.06 9.37 -36.54
O6 BMA J . 11.51 11.97 -35.60
C1 NAG K . 31.69 26.44 -14.82
C2 NAG K . 33.13 25.98 -15.01
C3 NAG K . 33.47 25.88 -16.50
C4 NAG K . 32.45 25.01 -17.23
C5 NAG K . 31.03 25.50 -16.94
C6 NAG K . 29.95 24.60 -17.51
C7 NAG K . 34.54 26.64 -13.11
C8 NAG K . 35.47 27.68 -12.57
N2 NAG K . 34.05 26.88 -14.34
O3 NAG K . 34.77 25.34 -16.65
O4 NAG K . 32.69 25.10 -18.64
O5 NAG K . 30.81 25.55 -15.52
O6 NAG K . 30.32 23.23 -17.41
O7 NAG K . 34.23 25.65 -12.47
C1 NAG K . 33.14 23.84 -19.17
C2 NAG K . 33.85 24.12 -20.50
C3 NAG K . 34.36 22.82 -21.12
C4 NAG K . 35.22 22.05 -20.12
C5 NAG K . 34.46 21.84 -18.81
C6 NAG K . 35.30 21.20 -17.73
C7 NAG K . 32.99 26.15 -21.58
C8 NAG K . 32.02 26.70 -22.59
N2 NAG K . 32.98 24.82 -21.43
O3 NAG K . 35.12 23.11 -22.28
O4 NAG K . 35.58 20.79 -20.65
O5 NAG K . 34.02 23.12 -18.29
O6 NAG K . 35.79 19.94 -18.15
O7 NAG K . 33.74 26.87 -20.94
N ABU L . 17.58 12.01 20.50
CD ABU L . 18.99 11.72 20.67
CB ABU L . 19.76 12.15 19.41
CG ABU L . 21.25 12.20 19.72
C ABU L . 22.03 12.31 18.42
O ABU L . 23.15 12.89 18.40
OXT ABU L . 21.56 11.83 17.35
N ABU M . 0.75 19.77 -21.46
CD ABU M . -0.25 20.13 -22.45
CB ABU M . -1.59 20.36 -21.75
CG ABU M . -2.64 20.71 -22.79
C ABU M . -3.95 21.09 -22.09
O ABU M . -4.31 20.43 -21.08
OXT ABU M . -4.65 22.03 -22.51
N ABU N . 25.63 12.33 -8.24
CD ABU N . 25.74 13.53 -9.05
CB ABU N . 24.89 14.63 -8.42
CG ABU N . 24.62 15.72 -9.45
C ABU N . 23.35 15.38 -10.21
O ABU N . 22.49 14.61 -9.68
OXT ABU N . 23.13 15.85 -11.36
#